data_4XYO
# 
_entry.id   4XYO 
# 
_audit_conform.dict_name       mmcif_pdbx.dic 
_audit_conform.dict_version    5.380 
_audit_conform.dict_location   http://mmcif.pdb.org/dictionaries/ascii/mmcif_pdbx.dic 
# 
loop_
_database_2.database_id 
_database_2.database_code 
_database_2.pdbx_database_accession 
_database_2.pdbx_DOI 
PDB   4XYO         pdb_00004xyo 10.2210/pdb4xyo/pdb 
WWPDB D_1000206528 ?            ?                   
# 
_pdbx_database_status.status_code                     REL 
_pdbx_database_status.status_code_sf                  REL 
_pdbx_database_status.status_code_mr                  ? 
_pdbx_database_status.entry_id                        4XYO 
_pdbx_database_status.recvd_initial_deposition_date   2015-02-02 
_pdbx_database_status.SG_entry                        N 
_pdbx_database_status.deposit_site                    RCSB 
_pdbx_database_status.process_site                    PDBJ 
_pdbx_database_status.status_code_cs                  ? 
_pdbx_database_status.methods_development_category    ? 
_pdbx_database_status.pdb_format_compatible           Y 
_pdbx_database_status.status_code_nmr_data            ? 
# 
loop_
_audit_author.name 
_audit_author.pdbx_ordinal 
'Gopal, B.'    1 
'Rajasree, K.' 2 
# 
_citation.abstract                  ? 
_citation.abstract_id_CAS           ? 
_citation.book_id_ISBN              ? 
_citation.book_publisher            ? 
_citation.book_publisher_city       ? 
_citation.book_title                ? 
_citation.coordinate_linkage        ? 
_citation.country                   NE 
_citation.database_id_Medline       ? 
_citation.details                   ? 
_citation.id                        primary 
_citation.journal_abbrev            'Biochem Biophys Rep' 
_citation.journal_id_ASTM           ? 
_citation.journal_id_CSD            ? 
_citation.journal_id_ISSN           2405-5808 
_citation.journal_full              ? 
_citation.journal_issue             ? 
_citation.journal_volume            6 
_citation.language                  ? 
_citation.page_first                124 
_citation.page_last                 134 
_citation.title                     
'Conformational features of theStaphylococcus aureusAgrA-promoter interactions rationalize quorum-sensing triggered gene expression.' 
_citation.year                      2016 
_citation.database_id_CSD           ? 
_citation.pdbx_database_id_DOI      10.1016/j.bbrep.2016.03.012 
_citation.pdbx_database_id_PubMed   28955870 
_citation.unpublished_flag          ? 
# 
loop_
_citation_author.citation_id 
_citation_author.name 
_citation_author.ordinal 
_citation_author.identifier_ORCID 
primary 'Rajasree, K.' 1 ? 
primary 'Fasim, A.'    2 ? 
primary 'Gopal, B.'    3 ? 
# 
_cell.angle_alpha                  90.00 
_cell.angle_alpha_esd              ? 
_cell.angle_beta                   90.00 
_cell.angle_beta_esd               ? 
_cell.angle_gamma                  90.00 
_cell.angle_gamma_esd              ? 
_cell.entry_id                     4XYO 
_cell.details                      ? 
_cell.formula_units_Z              ? 
_cell.length_a                     31.270 
_cell.length_a_esd                 ? 
_cell.length_b                     45.670 
_cell.length_b_esd                 ? 
_cell.length_c                     95.450 
_cell.length_c_esd                 ? 
_cell.volume                       ? 
_cell.volume_esd                   ? 
_cell.Z_PDB                        4 
_cell.reciprocal_angle_alpha       ? 
_cell.reciprocal_angle_beta        ? 
_cell.reciprocal_angle_gamma       ? 
_cell.reciprocal_angle_alpha_esd   ? 
_cell.reciprocal_angle_beta_esd    ? 
_cell.reciprocal_angle_gamma_esd   ? 
_cell.reciprocal_length_a          ? 
_cell.reciprocal_length_b          ? 
_cell.reciprocal_length_c          ? 
_cell.reciprocal_length_a_esd      ? 
_cell.reciprocal_length_b_esd      ? 
_cell.reciprocal_length_c_esd      ? 
_cell.pdbx_unique_axis             ? 
# 
_symmetry.entry_id                         4XYO 
_symmetry.cell_setting                     ? 
_symmetry.Int_Tables_number                18 
_symmetry.space_group_name_Hall            ? 
_symmetry.space_group_name_H-M             'P 2 21 21' 
_symmetry.pdbx_full_space_group_name_H-M   ? 
# 
loop_
_entity.id 
_entity.type 
_entity.src_method 
_entity.pdbx_description 
_entity.formula_weight 
_entity.pdbx_number_of_molecules 
_entity.pdbx_ec 
_entity.pdbx_mutation 
_entity.pdbx_fragment 
_entity.details 
1 polymer     man 'Accessory gene regulator A' 11910.455 1  ? ? 'LytTR domain (UNP RESIDUES 140-238)' ? 
2 non-polymer syn 1,2-ETHANEDIOL               62.068    5  ? ? ?                                     ? 
3 water       nat water                        18.015    77 ? ? ?                                     ? 
# 
_entity_poly.entity_id                      1 
_entity_poly.type                           'polypeptide(L)' 
_entity_poly.nstd_linkage                   no 
_entity_poly.nstd_monomer                   no 
_entity_poly.pdbx_seq_one_letter_code       
;VETIELKRGSNSVYVQYDDIMFFESSTKSHRLIAHLDNRQIEFYGNLKELSQLDDRFFRCHNSFVVNRHNIESIDSKERI
VYFKNKEHCYASVRNVKKI
;
_entity_poly.pdbx_seq_one_letter_code_can   
;VETIELKRGSNSVYVQYDDIMFFESSTKSHRLIAHLDNRQIEFYGNLKELSQLDDRFFRCHNSFVVNRHNIESIDSKERI
VYFKNKEHCYASVRNVKKI
;
_entity_poly.pdbx_strand_id                 A 
_entity_poly.pdbx_target_identifier         ? 
# 
loop_
_entity_poly_seq.entity_id 
_entity_poly_seq.num 
_entity_poly_seq.mon_id 
_entity_poly_seq.hetero 
1 1  VAL n 
1 2  GLU n 
1 3  THR n 
1 4  ILE n 
1 5  GLU n 
1 6  LEU n 
1 7  LYS n 
1 8  ARG n 
1 9  GLY n 
1 10 SER n 
1 11 ASN n 
1 12 SER n 
1 13 VAL n 
1 14 TYR n 
1 15 VAL n 
1 16 GLN n 
1 17 TYR n 
1 18 ASP n 
1 19 ASP n 
1 20 ILE n 
1 21 MET n 
1 22 PHE n 
1 23 PHE n 
1 24 GLU n 
1 25 SER n 
1 26 SER n 
1 27 THR n 
1 28 LYS n 
1 29 SER n 
1 30 HIS n 
1 31 ARG n 
1 32 LEU n 
1 33 ILE n 
1 34 ALA n 
1 35 HIS n 
1 36 LEU n 
1 37 ASP n 
1 38 ASN n 
1 39 ARG n 
1 40 GLN n 
1 41 ILE n 
1 42 GLU n 
1 43 PHE n 
1 44 TYR n 
1 45 GLY n 
1 46 ASN n 
1 47 LEU n 
1 48 LYS n 
1 49 GLU n 
1 50 LEU n 
1 51 SER n 
1 52 GLN n 
1 53 LEU n 
1 54 ASP n 
1 55 ASP n 
1 56 ARG n 
1 57 PHE n 
1 58 PHE n 
1 59 ARG n 
1 60 CYS n 
1 61 HIS n 
1 62 ASN n 
1 63 SER n 
1 64 PHE n 
1 65 VAL n 
1 66 VAL n 
1 67 ASN n 
1 68 ARG n 
1 69 HIS n 
1 70 ASN n 
1 71 ILE n 
1 72 GLU n 
1 73 SER n 
1 74 ILE n 
1 75 ASP n 
1 76 SER n 
1 77 LYS n 
1 78 GLU n 
1 79 ARG n 
1 80 ILE n 
1 81 VAL n 
1 82 TYR n 
1 83 PHE n 
1 84 LYS n 
1 85 ASN n 
1 86 LYS n 
1 87 GLU n 
1 88 HIS n 
1 89 CYS n 
1 90 TYR n 
1 91 ALA n 
1 92 SER n 
1 93 VAL n 
1 94 ARG n 
1 95 ASN n 
1 96 VAL n 
1 97 LYS n 
1 98 LYS n 
1 99 ILE n 
# 
_entity_src_gen.entity_id                          1 
_entity_src_gen.pdbx_src_id                        1 
_entity_src_gen.pdbx_alt_source_flag               sample 
_entity_src_gen.pdbx_seq_type                      'Biological sequence' 
_entity_src_gen.pdbx_beg_seq_num                   1 
_entity_src_gen.pdbx_end_seq_num                   99 
_entity_src_gen.gene_src_common_name               ? 
_entity_src_gen.gene_src_genus                     ? 
_entity_src_gen.pdbx_gene_src_gene                 'agrA, SACOL2026' 
_entity_src_gen.gene_src_species                   ? 
_entity_src_gen.gene_src_strain                    COL 
_entity_src_gen.gene_src_tissue                    ? 
_entity_src_gen.gene_src_tissue_fraction           ? 
_entity_src_gen.gene_src_details                   ? 
_entity_src_gen.pdbx_gene_src_fragment             ? 
_entity_src_gen.pdbx_gene_src_scientific_name      'Staphylococcus aureus (strain COL)' 
_entity_src_gen.pdbx_gene_src_ncbi_taxonomy_id     93062 
_entity_src_gen.pdbx_gene_src_variant              ? 
_entity_src_gen.pdbx_gene_src_cell_line            ? 
_entity_src_gen.pdbx_gene_src_atcc                 ? 
_entity_src_gen.pdbx_gene_src_organ                ? 
_entity_src_gen.pdbx_gene_src_organelle            ? 
_entity_src_gen.pdbx_gene_src_cell                 ? 
_entity_src_gen.pdbx_gene_src_cellular_location    ? 
_entity_src_gen.host_org_common_name               ? 
_entity_src_gen.pdbx_host_org_scientific_name      'Escherichia coli' 
_entity_src_gen.pdbx_host_org_ncbi_taxonomy_id     562 
_entity_src_gen.host_org_genus                     ? 
_entity_src_gen.pdbx_host_org_gene                 ? 
_entity_src_gen.pdbx_host_org_organ                ? 
_entity_src_gen.host_org_species                   ? 
_entity_src_gen.pdbx_host_org_tissue               ? 
_entity_src_gen.pdbx_host_org_tissue_fraction      ? 
_entity_src_gen.pdbx_host_org_strain               RosettapLysS 
_entity_src_gen.pdbx_host_org_variant              ? 
_entity_src_gen.pdbx_host_org_cell_line            ? 
_entity_src_gen.pdbx_host_org_atcc                 ? 
_entity_src_gen.pdbx_host_org_culture_collection   ? 
_entity_src_gen.pdbx_host_org_cell                 ? 
_entity_src_gen.pdbx_host_org_organelle            ? 
_entity_src_gen.pdbx_host_org_cellular_location    ? 
_entity_src_gen.pdbx_host_org_vector_type          ? 
_entity_src_gen.pdbx_host_org_vector               ? 
_entity_src_gen.host_org_details                   ? 
_entity_src_gen.expression_system_id               ? 
_entity_src_gen.plasmid_name                       ? 
_entity_src_gen.plasmid_details                    ? 
_entity_src_gen.pdbx_description                   ? 
# 
_struct_ref.id                         1 
_struct_ref.db_name                    UNP 
_struct_ref.db_code                    AGRA_STAAC 
_struct_ref.pdbx_db_accession          Q5HEG2 
_struct_ref.pdbx_db_isoform            ? 
_struct_ref.entity_id                  1 
_struct_ref.pdbx_seq_one_letter_code   
;VETIELKRGSNSVYVQYDDIMFFESSTKSHRLIAHLDNRQIEFYGNLKELSQLDDRFFRCHNSFVVNRHNIESIDSKERI
VYFKNKEHCYASVRNVKKI
;
_struct_ref.pdbx_align_begin           140 
# 
_struct_ref_seq.align_id                      1 
_struct_ref_seq.ref_id                        1 
_struct_ref_seq.pdbx_PDB_id_code              4XYO 
_struct_ref_seq.pdbx_strand_id                A 
_struct_ref_seq.seq_align_beg                 1 
_struct_ref_seq.pdbx_seq_align_beg_ins_code   ? 
_struct_ref_seq.seq_align_end                 99 
_struct_ref_seq.pdbx_seq_align_end_ins_code   ? 
_struct_ref_seq.pdbx_db_accession             Q5HEG2 
_struct_ref_seq.db_align_beg                  140 
_struct_ref_seq.pdbx_db_align_beg_ins_code    ? 
_struct_ref_seq.db_align_end                  238 
_struct_ref_seq.pdbx_db_align_end_ins_code    ? 
_struct_ref_seq.pdbx_auth_seq_align_beg       140 
_struct_ref_seq.pdbx_auth_seq_align_end       238 
# 
loop_
_chem_comp.id 
_chem_comp.type 
_chem_comp.mon_nstd_flag 
_chem_comp.name 
_chem_comp.pdbx_synonyms 
_chem_comp.formula 
_chem_comp.formula_weight 
ALA 'L-peptide linking' y ALANINE         ?                 'C3 H7 N O2'     89.093  
ARG 'L-peptide linking' y ARGININE        ?                 'C6 H15 N4 O2 1' 175.209 
ASN 'L-peptide linking' y ASPARAGINE      ?                 'C4 H8 N2 O3'    132.118 
ASP 'L-peptide linking' y 'ASPARTIC ACID' ?                 'C4 H7 N O4'     133.103 
CYS 'L-peptide linking' y CYSTEINE        ?                 'C3 H7 N O2 S'   121.158 
EDO non-polymer         . 1,2-ETHANEDIOL  'ETHYLENE GLYCOL' 'C2 H6 O2'       62.068  
GLN 'L-peptide linking' y GLUTAMINE       ?                 'C5 H10 N2 O3'   146.144 
GLU 'L-peptide linking' y 'GLUTAMIC ACID' ?                 'C5 H9 N O4'     147.129 
GLY 'peptide linking'   y GLYCINE         ?                 'C2 H5 N O2'     75.067  
HIS 'L-peptide linking' y HISTIDINE       ?                 'C6 H10 N3 O2 1' 156.162 
HOH non-polymer         . WATER           ?                 'H2 O'           18.015  
ILE 'L-peptide linking' y ISOLEUCINE      ?                 'C6 H13 N O2'    131.173 
LEU 'L-peptide linking' y LEUCINE         ?                 'C6 H13 N O2'    131.173 
LYS 'L-peptide linking' y LYSINE          ?                 'C6 H15 N2 O2 1' 147.195 
MET 'L-peptide linking' y METHIONINE      ?                 'C5 H11 N O2 S'  149.211 
PHE 'L-peptide linking' y PHENYLALANINE   ?                 'C9 H11 N O2'    165.189 
SER 'L-peptide linking' y SERINE          ?                 'C3 H7 N O3'     105.093 
THR 'L-peptide linking' y THREONINE       ?                 'C4 H9 N O3'     119.119 
TYR 'L-peptide linking' y TYROSINE        ?                 'C9 H11 N O3'    181.189 
VAL 'L-peptide linking' y VALINE          ?                 'C5 H11 N O2'    117.146 
# 
_exptl.absorpt_coefficient_mu     ? 
_exptl.absorpt_correction_T_max   ? 
_exptl.absorpt_correction_T_min   ? 
_exptl.absorpt_correction_type    ? 
_exptl.absorpt_process_details    ? 
_exptl.entry_id                   4XYO 
_exptl.crystals_number            ? 
_exptl.details                    ? 
_exptl.method                     'X-RAY DIFFRACTION' 
_exptl.method_details             ? 
# 
_exptl_crystal.colour                      ? 
_exptl_crystal.density_diffrn              ? 
_exptl_crystal.density_Matthews            2.86 
_exptl_crystal.density_method              ? 
_exptl_crystal.density_percent_sol         57.01 
_exptl_crystal.description                 ? 
_exptl_crystal.F_000                       ? 
_exptl_crystal.id                          1 
_exptl_crystal.preparation                 ? 
_exptl_crystal.size_max                    ? 
_exptl_crystal.size_mid                    ? 
_exptl_crystal.size_min                    ? 
_exptl_crystal.size_rad                    ? 
_exptl_crystal.colour_lustre               ? 
_exptl_crystal.colour_modifier             ? 
_exptl_crystal.colour_primary              ? 
_exptl_crystal.density_meas                ? 
_exptl_crystal.density_meas_esd            ? 
_exptl_crystal.density_meas_gt             ? 
_exptl_crystal.density_meas_lt             ? 
_exptl_crystal.density_meas_temp           ? 
_exptl_crystal.density_meas_temp_esd       ? 
_exptl_crystal.density_meas_temp_gt        ? 
_exptl_crystal.density_meas_temp_lt        ? 
_exptl_crystal.pdbx_crystal_image_url      ? 
_exptl_crystal.pdbx_crystal_image_format   ? 
_exptl_crystal.pdbx_mosaicity              ? 
_exptl_crystal.pdbx_mosaicity_esd          ? 
# 
_exptl_crystal_grow.apparatus       ? 
_exptl_crystal_grow.atmosphere      ? 
_exptl_crystal_grow.crystal_id      1 
_exptl_crystal_grow.details         ? 
_exptl_crystal_grow.method          'VAPOR DIFFUSION, HANGING DROP' 
_exptl_crystal_grow.method_ref      ? 
_exptl_crystal_grow.pH              7.5 
_exptl_crystal_grow.pressure        ? 
_exptl_crystal_grow.pressure_esd    ? 
_exptl_crystal_grow.seeding         ? 
_exptl_crystal_grow.seeding_ref     ? 
_exptl_crystal_grow.temp            298 
_exptl_crystal_grow.temp_details    ? 
_exptl_crystal_grow.temp_esd        ? 
_exptl_crystal_grow.time            ? 
_exptl_crystal_grow.pdbx_details    
;2% Tacsimate pH 7.0,
0.1M HEPES pH 7.5,
20% w/v PEG 3350,
40% v/v acetone
;
_exptl_crystal_grow.pdbx_pH_range   ? 
# 
_diffrn.ambient_environment    ? 
_diffrn.ambient_temp           100 
_diffrn.ambient_temp_details   ? 
_diffrn.ambient_temp_esd       ? 
_diffrn.crystal_id             1 
_diffrn.crystal_support        ? 
_diffrn.crystal_treatment      ? 
_diffrn.details                ? 
_diffrn.id                     1 
_diffrn.ambient_pressure       ? 
_diffrn.ambient_pressure_esd   ? 
_diffrn.ambient_pressure_gt    ? 
_diffrn.ambient_pressure_lt    ? 
_diffrn.ambient_temp_gt        ? 
_diffrn.ambient_temp_lt        ? 
# 
_diffrn_detector.details                      ? 
_diffrn_detector.detector                     CCD 
_diffrn_detector.diffrn_id                    1 
_diffrn_detector.type                         'MAR CCD 165 mm' 
_diffrn_detector.area_resol_mean              ? 
_diffrn_detector.dtime                        ? 
_diffrn_detector.pdbx_frames_total            ? 
_diffrn_detector.pdbx_collection_time_total   ? 
_diffrn_detector.pdbx_collection_date         2014-04-12 
# 
_diffrn_radiation.collimation                      ? 
_diffrn_radiation.diffrn_id                        1 
_diffrn_radiation.filter_edge                      ? 
_diffrn_radiation.inhomogeneity                    ? 
_diffrn_radiation.monochromator                    ? 
_diffrn_radiation.polarisn_norm                    ? 
_diffrn_radiation.polarisn_ratio                   ? 
_diffrn_radiation.probe                            ? 
_diffrn_radiation.type                             ? 
_diffrn_radiation.xray_symbol                      ? 
_diffrn_radiation.wavelength_id                    1 
_diffrn_radiation.pdbx_monochromatic_or_laue_m_l   M 
_diffrn_radiation.pdbx_wavelength_list             ? 
_diffrn_radiation.pdbx_wavelength                  ? 
_diffrn_radiation.pdbx_diffrn_protocol             'SINGLE WAVELENGTH' 
_diffrn_radiation.pdbx_analyzer                    ? 
_diffrn_radiation.pdbx_scattering_type             x-ray 
# 
_diffrn_radiation_wavelength.id           1 
_diffrn_radiation_wavelength.wavelength   0.97625 
_diffrn_radiation_wavelength.wt           1.0 
# 
_diffrn_source.current                     ? 
_diffrn_source.details                     ? 
_diffrn_source.diffrn_id                   1 
_diffrn_source.power                       ? 
_diffrn_source.size                        ? 
_diffrn_source.source                      SYNCHROTRON 
_diffrn_source.target                      ? 
_diffrn_source.type                        'ESRF BEAMLINE BM14' 
_diffrn_source.voltage                     ? 
_diffrn_source.take-off_angle              ? 
_diffrn_source.pdbx_wavelength_list        0.97625 
_diffrn_source.pdbx_wavelength             ? 
_diffrn_source.pdbx_synchrotron_beamline   BM14 
_diffrn_source.pdbx_synchrotron_site       ESRF 
# 
_reflns.B_iso_Wilson_estimate            ? 
_reflns.entry_id                         4XYO 
_reflns.data_reduction_details           ? 
_reflns.data_reduction_method            ? 
_reflns.d_resolution_high                2.0 
_reflns.d_resolution_low                 33.0 
_reflns.details                          ? 
_reflns.limit_h_max                      ? 
_reflns.limit_h_min                      ? 
_reflns.limit_k_max                      ? 
_reflns.limit_k_min                      ? 
_reflns.limit_l_max                      ? 
_reflns.limit_l_min                      ? 
_reflns.number_all                       ? 
_reflns.number_obs                       9581 
_reflns.observed_criterion               ? 
_reflns.observed_criterion_F_max         ? 
_reflns.observed_criterion_F_min         ? 
_reflns.observed_criterion_I_max         ? 
_reflns.observed_criterion_I_min         ? 
_reflns.observed_criterion_sigma_F       ? 
_reflns.observed_criterion_sigma_I       ? 
_reflns.percent_possible_obs             98 
_reflns.R_free_details                   ? 
_reflns.Rmerge_F_all                     ? 
_reflns.Rmerge_F_obs                     ? 
_reflns.Friedel_coverage                 ? 
_reflns.number_gt                        ? 
_reflns.threshold_expression             ? 
_reflns.pdbx_redundancy                  12.3 
_reflns.pdbx_Rmerge_I_obs                ? 
_reflns.pdbx_Rmerge_I_all                ? 
_reflns.pdbx_Rsym_value                  0.089 
_reflns.pdbx_netI_over_av_sigmaI         ? 
_reflns.pdbx_netI_over_sigmaI            15.9 
_reflns.pdbx_res_netI_over_av_sigmaI_2   ? 
_reflns.pdbx_res_netI_over_sigmaI_2      ? 
_reflns.pdbx_chi_squared                 ? 
_reflns.pdbx_scaling_rejects             ? 
_reflns.pdbx_d_res_high_opt              ? 
_reflns.pdbx_d_res_low_opt               ? 
_reflns.pdbx_d_res_opt_method            ? 
_reflns.phase_calculation_details        ? 
_reflns.pdbx_Rrim_I_all                  ? 
_reflns.pdbx_Rpim_I_all                  ? 
_reflns.pdbx_d_opt                       ? 
_reflns.pdbx_number_measured_all         ? 
_reflns.pdbx_diffrn_id                   1 
_reflns.pdbx_ordinal                     1 
_reflns.pdbx_CC_half                     ? 
_reflns.pdbx_R_split                     ? 
# 
_reflns_shell.d_res_high                  . 
_reflns_shell.d_res_low                   ? 
_reflns_shell.meanI_over_sigI_all         ? 
_reflns_shell.meanI_over_sigI_obs         4.6 
_reflns_shell.number_measured_all         ? 
_reflns_shell.number_measured_obs         ? 
_reflns_shell.number_possible             ? 
_reflns_shell.number_unique_all           ? 
_reflns_shell.number_unique_obs           ? 
_reflns_shell.percent_possible_all        95.5 
_reflns_shell.percent_possible_obs        ? 
_reflns_shell.Rmerge_F_all                ? 
_reflns_shell.Rmerge_F_obs                ? 
_reflns_shell.Rmerge_I_all                ? 
_reflns_shell.Rmerge_I_obs                0.597 
_reflns_shell.meanI_over_sigI_gt          ? 
_reflns_shell.meanI_over_uI_all           ? 
_reflns_shell.meanI_over_uI_gt            ? 
_reflns_shell.number_measured_gt          ? 
_reflns_shell.number_unique_gt            ? 
_reflns_shell.percent_possible_gt         ? 
_reflns_shell.Rmerge_F_gt                 ? 
_reflns_shell.Rmerge_I_gt                 ? 
_reflns_shell.pdbx_redundancy             11.9 
_reflns_shell.pdbx_Rsym_value             ? 
_reflns_shell.pdbx_chi_squared            ? 
_reflns_shell.pdbx_netI_over_sigmaI_all   ? 
_reflns_shell.pdbx_netI_over_sigmaI_obs   ? 
_reflns_shell.pdbx_Rrim_I_all             ? 
_reflns_shell.pdbx_Rpim_I_all             ? 
_reflns_shell.pdbx_rejects                ? 
_reflns_shell.pdbx_ordinal                1 
_reflns_shell.pdbx_diffrn_id              1 
_reflns_shell.pdbx_CC_half                ? 
_reflns_shell.pdbx_R_split                ? 
# 
_refine.aniso_B[1][1]                            -1.95 
_refine.aniso_B[1][2]                            -0.00 
_refine.aniso_B[1][3]                            -0.00 
_refine.aniso_B[2][2]                            -2.55 
_refine.aniso_B[2][3]                            0.00 
_refine.aniso_B[3][3]                            4.49 
_refine.B_iso_max                                ? 
_refine.B_iso_mean                               32.815 
_refine.B_iso_min                                ? 
_refine.correlation_coeff_Fo_to_Fc               0.956 
_refine.correlation_coeff_Fo_to_Fc_free          0.938 
_refine.details                                  'HYDROGENS HAVE BEEN ADDED IN THE RIDING POSITIONS' 
_refine.diff_density_max                         ? 
_refine.diff_density_max_esd                     ? 
_refine.diff_density_min                         ? 
_refine.diff_density_min_esd                     ? 
_refine.diff_density_rms                         ? 
_refine.diff_density_rms_esd                     ? 
_refine.entry_id                                 4XYO 
_refine.pdbx_refine_id                           'X-RAY DIFFRACTION' 
_refine.ls_abs_structure_details                 ? 
_refine.ls_abs_structure_Flack                   ? 
_refine.ls_abs_structure_Flack_esd               ? 
_refine.ls_abs_structure_Rogers                  ? 
_refine.ls_abs_structure_Rogers_esd              ? 
_refine.ls_d_res_high                            2.00 
_refine.ls_d_res_low                             33.0 
_refine.ls_extinction_coef                       ? 
_refine.ls_extinction_coef_esd                   ? 
_refine.ls_extinction_expression                 ? 
_refine.ls_extinction_method                     ? 
_refine.ls_goodness_of_fit_all                   ? 
_refine.ls_goodness_of_fit_all_esd               ? 
_refine.ls_goodness_of_fit_obs                   ? 
_refine.ls_goodness_of_fit_obs_esd               ? 
_refine.ls_hydrogen_treatment                    ? 
_refine.ls_matrix_type                           ? 
_refine.ls_number_constraints                    ? 
_refine.ls_number_parameters                     ? 
_refine.ls_number_reflns_all                     ? 
_refine.ls_number_reflns_obs                     9089 
_refine.ls_number_reflns_R_free                  460 
_refine.ls_number_reflns_R_work                  ? 
_refine.ls_number_restraints                     ? 
_refine.ls_percent_reflns_obs                    97.74 
_refine.ls_percent_reflns_R_free                 4.8 
_refine.ls_R_factor_all                          ? 
_refine.ls_R_factor_obs                          0.19442 
_refine.ls_R_factor_R_free                       0.23312 
_refine.ls_R_factor_R_free_error                 ? 
_refine.ls_R_factor_R_free_error_details         ? 
_refine.ls_R_factor_R_work                       0.19250 
_refine.ls_R_Fsqd_factor_obs                     ? 
_refine.ls_R_I_factor_obs                        ? 
_refine.ls_redundancy_reflns_all                 ? 
_refine.ls_redundancy_reflns_obs                 ? 
_refine.ls_restrained_S_all                      ? 
_refine.ls_restrained_S_obs                      ? 
_refine.ls_shift_over_esd_max                    ? 
_refine.ls_shift_over_esd_mean                   ? 
_refine.ls_structure_factor_coef                 ? 
_refine.ls_weighting_details                     ? 
_refine.ls_weighting_scheme                      ? 
_refine.ls_wR_factor_all                         ? 
_refine.ls_wR_factor_obs                         ? 
_refine.ls_wR_factor_R_free                      ? 
_refine.ls_wR_factor_R_work                      ? 
_refine.occupancy_max                            ? 
_refine.occupancy_min                            ? 
_refine.solvent_model_details                    MASK 
_refine.solvent_model_param_bsol                 ? 
_refine.solvent_model_param_ksol                 ? 
_refine.ls_R_factor_gt                           ? 
_refine.ls_goodness_of_fit_gt                    ? 
_refine.ls_goodness_of_fit_ref                   ? 
_refine.ls_shift_over_su_max                     ? 
_refine.ls_shift_over_su_max_lt                  ? 
_refine.ls_shift_over_su_mean                    ? 
_refine.ls_shift_over_su_mean_lt                 ? 
_refine.pdbx_ls_sigma_I                          ? 
_refine.pdbx_ls_sigma_F                          ? 
_refine.pdbx_ls_sigma_Fsqd                       ? 
_refine.pdbx_data_cutoff_high_absF               ? 
_refine.pdbx_data_cutoff_high_rms_absF           ? 
_refine.pdbx_data_cutoff_low_absF                ? 
_refine.pdbx_isotropic_thermal_model             ? 
_refine.pdbx_ls_cross_valid_method               THROUGHOUT 
_refine.pdbx_method_to_determine_struct          'MOLECULAR REPLACEMENT' 
_refine.pdbx_starting_model                      4G4K 
_refine.pdbx_stereochemistry_target_values       'MAXIMUM LIKELIHOOD' 
_refine.pdbx_R_Free_selection_details            RANDOM 
_refine.pdbx_stereochem_target_val_spec_case     ? 
_refine.pdbx_overall_ESU_R                       0.163 
_refine.pdbx_overall_ESU_R_Free                  0.152 
_refine.pdbx_solvent_vdw_probe_radii             1.20 
_refine.pdbx_solvent_ion_probe_radii             0.80 
_refine.pdbx_solvent_shrinkage_radii             0.80 
_refine.pdbx_real_space_R                        ? 
_refine.pdbx_density_correlation                 ? 
_refine.pdbx_pd_number_of_powder_patterns        ? 
_refine.pdbx_pd_number_of_points                 ? 
_refine.pdbx_pd_meas_number_of_points            ? 
_refine.pdbx_pd_proc_ls_prof_R_factor            ? 
_refine.pdbx_pd_proc_ls_prof_wR_factor           ? 
_refine.pdbx_pd_Marquardt_correlation_coeff      ? 
_refine.pdbx_pd_Fsqrd_R_factor                   ? 
_refine.pdbx_pd_ls_matrix_band_width             ? 
_refine.pdbx_overall_phase_error                 ? 
_refine.pdbx_overall_SU_R_free_Cruickshank_DPI   ? 
_refine.pdbx_overall_SU_R_free_Blow_DPI          ? 
_refine.pdbx_overall_SU_R_Blow_DPI               ? 
_refine.pdbx_TLS_residual_ADP_flag               ? 
_refine.pdbx_diffrn_id                           1 
_refine.overall_SU_B                             4.469 
_refine.overall_SU_ML                            0.120 
_refine.overall_SU_R_Cruickshank_DPI             ? 
_refine.overall_SU_R_free                        ? 
_refine.overall_FOM_free_R_set                   ? 
_refine.overall_FOM_work_R_set                   ? 
_refine.pdbx_average_fsc_overall                 ? 
_refine.pdbx_average_fsc_work                    ? 
_refine.pdbx_average_fsc_free                    ? 
# 
_refine_hist.pdbx_refine_id                   'X-RAY DIFFRACTION' 
_refine_hist.cycle_id                         LAST 
_refine_hist.pdbx_number_atoms_protein        824 
_refine_hist.pdbx_number_atoms_nucleic_acid   0 
_refine_hist.pdbx_number_atoms_ligand         20 
_refine_hist.number_atoms_solvent             77 
_refine_hist.number_atoms_total               921 
_refine_hist.d_res_high                       2.00 
_refine_hist.d_res_low                        33.0 
# 
loop_
_refine_ls_restr.pdbx_refine_id 
_refine_ls_restr.criterion 
_refine_ls_restr.dev_ideal 
_refine_ls_restr.dev_ideal_target 
_refine_ls_restr.number 
_refine_ls_restr.rejects 
_refine_ls_restr.type 
_refine_ls_restr.weight 
_refine_ls_restr.pdbx_restraint_function 
'X-RAY DIFFRACTION' ? 0.010  0.019  855  ? r_bond_refined_d             ? ? 
'X-RAY DIFFRACTION' ? 0.002  0.020  797  ? r_bond_other_d               ? ? 
'X-RAY DIFFRACTION' ? 1.339  1.927  1140 ? r_angle_refined_deg          ? ? 
'X-RAY DIFFRACTION' ? 0.916  3.000  1817 ? r_angle_other_deg            ? ? 
'X-RAY DIFFRACTION' ? 7.104  5.000  98   ? r_dihedral_angle_1_deg       ? ? 
'X-RAY DIFFRACTION' ? 38.410 23.673 49   ? r_dihedral_angle_2_deg       ? ? 
'X-RAY DIFFRACTION' ? 14.481 15.000 150  ? r_dihedral_angle_3_deg       ? ? 
'X-RAY DIFFRACTION' ? 18.030 15.000 7    ? r_dihedral_angle_4_deg       ? ? 
'X-RAY DIFFRACTION' ? 0.083  0.200  121  ? r_chiral_restr               ? ? 
'X-RAY DIFFRACTION' ? 0.005  0.020  966  ? r_gen_planes_refined         ? ? 
'X-RAY DIFFRACTION' ? 0.002  0.020  223  ? r_gen_planes_other           ? ? 
'X-RAY DIFFRACTION' ? ?      ?      ?    ? r_nbd_refined                ? ? 
'X-RAY DIFFRACTION' ? ?      ?      ?    ? r_nbd_other                  ? ? 
'X-RAY DIFFRACTION' ? ?      ?      ?    ? r_nbtor_refined              ? ? 
'X-RAY DIFFRACTION' ? ?      ?      ?    ? r_nbtor_other                ? ? 
'X-RAY DIFFRACTION' ? ?      ?      ?    ? r_xyhbond_nbd_refined        ? ? 
'X-RAY DIFFRACTION' ? ?      ?      ?    ? r_xyhbond_nbd_other          ? ? 
'X-RAY DIFFRACTION' ? ?      ?      ?    ? r_metal_ion_refined          ? ? 
'X-RAY DIFFRACTION' ? ?      ?      ?    ? r_metal_ion_other            ? ? 
'X-RAY DIFFRACTION' ? ?      ?      ?    ? r_symmetry_vdw_refined       ? ? 
'X-RAY DIFFRACTION' ? ?      ?      ?    ? r_symmetry_vdw_other         ? ? 
'X-RAY DIFFRACTION' ? ?      ?      ?    ? r_symmetry_hbond_refined     ? ? 
'X-RAY DIFFRACTION' ? ?      ?      ?    ? r_symmetry_hbond_other       ? ? 
'X-RAY DIFFRACTION' ? ?      ?      ?    ? r_symmetry_metal_ion_refined ? ? 
'X-RAY DIFFRACTION' ? ?      ?      ?    ? r_symmetry_metal_ion_other   ? ? 
'X-RAY DIFFRACTION' ? 2.132  3.106  395  ? r_mcbond_it                  ? ? 
'X-RAY DIFFRACTION' ? 2.121  3.103  394  ? r_mcbond_other               ? ? 
'X-RAY DIFFRACTION' ? 3.401  4.641  492  ? r_mcangle_it                 ? ? 
'X-RAY DIFFRACTION' ? 3.400  4.645  493  ? r_mcangle_other              ? ? 
'X-RAY DIFFRACTION' ? 2.626  3.367  459  ? r_scbond_it                  ? ? 
'X-RAY DIFFRACTION' ? 2.625  3.368  459  ? r_scbond_other               ? ? 
'X-RAY DIFFRACTION' ? ?      ?      ?    ? r_scangle_it                 ? ? 
'X-RAY DIFFRACTION' ? 4.268  4.927  649  ? r_scangle_other              ? ? 
'X-RAY DIFFRACTION' ? 6.709  24.643 943  ? r_long_range_B_refined       ? ? 
'X-RAY DIFFRACTION' ? 6.707  24.675 944  ? r_long_range_B_other         ? ? 
'X-RAY DIFFRACTION' ? ?      ?      ?    ? r_rigid_bond_restr           ? ? 
'X-RAY DIFFRACTION' ? ?      ?      ?    ? r_sphericity_free            ? ? 
'X-RAY DIFFRACTION' ? ?      ?      ?    ? r_sphericity_bonded          ? ? 
# 
_refine_ls_shell.pdbx_refine_id                   'X-RAY DIFFRACTION' 
_refine_ls_shell.d_res_high                       2.000 
_refine_ls_shell.d_res_low                        2.052 
_refine_ls_shell.number_reflns_all                ? 
_refine_ls_shell.number_reflns_obs                ? 
_refine_ls_shell.number_reflns_R_free             29 
_refine_ls_shell.number_reflns_R_work             638 
_refine_ls_shell.percent_reflns_obs               95.29 
_refine_ls_shell.percent_reflns_R_free            ? 
_refine_ls_shell.R_factor_all                     ? 
_refine_ls_shell.R_factor_obs                     ? 
_refine_ls_shell.R_factor_R_free                  0.377 
_refine_ls_shell.R_factor_R_free_error            ? 
_refine_ls_shell.R_factor_R_work                  0.266 
_refine_ls_shell.redundancy_reflns_all            ? 
_refine_ls_shell.redundancy_reflns_obs            ? 
_refine_ls_shell.wR_factor_all                    ? 
_refine_ls_shell.wR_factor_obs                    ? 
_refine_ls_shell.wR_factor_R_free                 ? 
_refine_ls_shell.wR_factor_R_work                 ? 
_refine_ls_shell.pdbx_total_number_of_bins_used   20 
_refine_ls_shell.pdbx_phase_error                 ? 
_refine_ls_shell.pdbx_fsc_work                    ? 
_refine_ls_shell.pdbx_fsc_free                    ? 
# 
_struct.entry_id                     4XYO 
_struct.title                        'Structure of AgrA LytTR domain' 
_struct.pdbx_model_details           ? 
_struct.pdbx_formula_weight          ? 
_struct.pdbx_formula_weight_method   ? 
_struct.pdbx_model_type_details      ? 
_struct.pdbx_CASP_flag               ? 
# 
_struct_keywords.entry_id        4XYO 
_struct_keywords.text            'DNA binding protein' 
_struct_keywords.pdbx_keywords   'DNA BINDING PROTEIN' 
# 
loop_
_struct_asym.id 
_struct_asym.pdbx_blank_PDB_chainid_flag 
_struct_asym.pdbx_modified 
_struct_asym.entity_id 
_struct_asym.details 
A N N 1 ? 
B N N 2 ? 
C N N 2 ? 
D N N 2 ? 
E N N 2 ? 
F N N 2 ? 
G N N 3 ? 
# 
loop_
_struct_conf.conf_type_id 
_struct_conf.id 
_struct_conf.pdbx_PDB_helix_id 
_struct_conf.beg_label_comp_id 
_struct_conf.beg_label_asym_id 
_struct_conf.beg_label_seq_id 
_struct_conf.pdbx_beg_PDB_ins_code 
_struct_conf.end_label_comp_id 
_struct_conf.end_label_asym_id 
_struct_conf.end_label_seq_id 
_struct_conf.pdbx_end_PDB_ins_code 
_struct_conf.beg_auth_comp_id 
_struct_conf.beg_auth_asym_id 
_struct_conf.beg_auth_seq_id 
_struct_conf.end_auth_comp_id 
_struct_conf.end_auth_asym_id 
_struct_conf.end_auth_seq_id 
_struct_conf.pdbx_PDB_helix_class 
_struct_conf.details 
_struct_conf.pdbx_PDB_helix_length 
HELX_P HELX_P1 AA1 ASN A 46 ? GLN A 52 ? ASN A 185 GLN A 191 1 ? 7 
HELX_P HELX_P2 AA2 SER A 92 ? LYS A 97 ? SER A 231 LYS A 236 1 ? 6 
# 
_struct_conf_type.id          HELX_P 
_struct_conf_type.criteria    ? 
_struct_conf_type.reference   ? 
# 
loop_
_struct_sheet.id 
_struct_sheet.type 
_struct_sheet.number_strands 
_struct_sheet.details 
AA1 ? 2 ? 
AA2 ? 5 ? 
AA3 ? 3 ? 
# 
loop_
_struct_sheet_order.sheet_id 
_struct_sheet_order.range_id_1 
_struct_sheet_order.range_id_2 
_struct_sheet_order.offset 
_struct_sheet_order.sense 
AA1 1 2 ? anti-parallel 
AA2 1 2 ? anti-parallel 
AA2 2 3 ? anti-parallel 
AA2 3 4 ? anti-parallel 
AA2 4 5 ? anti-parallel 
AA3 1 2 ? anti-parallel 
AA3 2 3 ? anti-parallel 
# 
loop_
_struct_sheet_range.sheet_id 
_struct_sheet_range.id 
_struct_sheet_range.beg_label_comp_id 
_struct_sheet_range.beg_label_asym_id 
_struct_sheet_range.beg_label_seq_id 
_struct_sheet_range.pdbx_beg_PDB_ins_code 
_struct_sheet_range.end_label_comp_id 
_struct_sheet_range.end_label_asym_id 
_struct_sheet_range.end_label_seq_id 
_struct_sheet_range.pdbx_end_PDB_ins_code 
_struct_sheet_range.beg_auth_comp_id 
_struct_sheet_range.beg_auth_asym_id 
_struct_sheet_range.beg_auth_seq_id 
_struct_sheet_range.end_auth_comp_id 
_struct_sheet_range.end_auth_asym_id 
_struct_sheet_range.end_auth_seq_id 
AA1 1 THR A 3  ? ARG A 8  ? THR A 142 ARG A 147 
AA1 2 ASN A 11 ? GLN A 16 ? ASN A 150 GLN A 155 
AA2 1 GLN A 40 ? PHE A 43 ? GLN A 179 PHE A 182 
AA2 2 LEU A 32 ? LEU A 36 ? LEU A 171 LEU A 175 
AA2 3 ILE A 20 ? SER A 25 ? ILE A 159 SER A 164 
AA2 4 PHE A 64 ? ASN A 67 ? PHE A 203 ASN A 206 
AA2 5 PHE A 57 ? HIS A 61 ? PHE A 196 HIS A 200 
AA3 1 ILE A 71 ? ASP A 75 ? ILE A 210 ASP A 214 
AA3 2 ILE A 80 ? PHE A 83 ? ILE A 219 PHE A 222 
AA3 3 HIS A 88 ? TYR A 90 ? HIS A 227 TYR A 229 
# 
loop_
_pdbx_struct_sheet_hbond.sheet_id 
_pdbx_struct_sheet_hbond.range_id_1 
_pdbx_struct_sheet_hbond.range_id_2 
_pdbx_struct_sheet_hbond.range_1_label_atom_id 
_pdbx_struct_sheet_hbond.range_1_label_comp_id 
_pdbx_struct_sheet_hbond.range_1_label_asym_id 
_pdbx_struct_sheet_hbond.range_1_label_seq_id 
_pdbx_struct_sheet_hbond.range_1_PDB_ins_code 
_pdbx_struct_sheet_hbond.range_1_auth_atom_id 
_pdbx_struct_sheet_hbond.range_1_auth_comp_id 
_pdbx_struct_sheet_hbond.range_1_auth_asym_id 
_pdbx_struct_sheet_hbond.range_1_auth_seq_id 
_pdbx_struct_sheet_hbond.range_2_label_atom_id 
_pdbx_struct_sheet_hbond.range_2_label_comp_id 
_pdbx_struct_sheet_hbond.range_2_label_asym_id 
_pdbx_struct_sheet_hbond.range_2_label_seq_id 
_pdbx_struct_sheet_hbond.range_2_PDB_ins_code 
_pdbx_struct_sheet_hbond.range_2_auth_atom_id 
_pdbx_struct_sheet_hbond.range_2_auth_comp_id 
_pdbx_struct_sheet_hbond.range_2_auth_asym_id 
_pdbx_struct_sheet_hbond.range_2_auth_seq_id 
AA1 1 2 N LEU A 6  ? N LEU A 145 O VAL A 13 ? O VAL A 152 
AA2 1 2 O ILE A 41 ? O ILE A 180 N ALA A 34 ? N ALA A 173 
AA2 2 3 O HIS A 35 ? O HIS A 174 N MET A 21 ? N MET A 160 
AA2 3 4 N PHE A 23 ? N PHE A 162 O VAL A 65 ? O VAL A 204 
AA2 4 5 O VAL A 66 ? O VAL A 205 N PHE A 58 ? N PHE A 197 
AA3 1 2 N SER A 73 ? N SER A 212 O TYR A 82 ? O TYR A 221 
AA3 2 3 N VAL A 81 ? N VAL A 220 O CYS A 89 ? O CYS A 228 
# 
loop_
_struct_site.id 
_struct_site.pdbx_evidence_code 
_struct_site.pdbx_auth_asym_id 
_struct_site.pdbx_auth_comp_id 
_struct_site.pdbx_auth_seq_id 
_struct_site.pdbx_auth_ins_code 
_struct_site.pdbx_num_residues 
_struct_site.details 
AC1 Software A EDO 301 ? 3 'binding site for residue EDO A 301' 
AC2 Software A EDO 302 ? 4 'binding site for residue EDO A 302' 
AC3 Software A EDO 303 ? 1 'binding site for residue EDO A 303' 
AC4 Software A EDO 304 ? 7 'binding site for residue EDO A 304' 
AC5 Software A EDO 305 ? 4 'binding site for residue EDO A 305' 
# 
loop_
_struct_site_gen.id 
_struct_site_gen.site_id 
_struct_site_gen.pdbx_num_res 
_struct_site_gen.label_comp_id 
_struct_site_gen.label_asym_id 
_struct_site_gen.label_seq_id 
_struct_site_gen.pdbx_auth_ins_code 
_struct_site_gen.auth_comp_id 
_struct_site_gen.auth_asym_id 
_struct_site_gen.auth_seq_id 
_struct_site_gen.label_atom_id 
_struct_site_gen.label_alt_id 
_struct_site_gen.symmetry 
_struct_site_gen.details 
1  AC1 3 GLU A 24 ? GLU A 163 . ? 1_555 ? 
2  AC1 3 HIS A 88 ? HIS A 227 . ? 1_555 ? 
3  AC1 3 TYR A 90 ? TYR A 229 . ? 1_555 ? 
4  AC2 4 ARG A 39 ? ARG A 178 . ? 1_555 ? 
5  AC2 4 HIS A 61 ? HIS A 200 . ? 3_555 ? 
6  AC2 4 TYR A 90 ? TYR A 229 . ? 3_555 ? 
7  AC2 4 HOH G .  ? HOH A 433 . ? 3_555 ? 
8  AC3 1 EDO E .  ? EDO A 304 . ? 1_555 ? 
9  AC4 7 ASP A 37 ? ASP A 176 . ? 1_555 ? 
10 AC4 7 ASN A 38 ? ASN A 177 . ? 1_555 ? 
11 AC4 7 ARG A 39 ? ARG A 178 . ? 1_555 ? 
12 AC4 7 GLN A 40 ? GLN A 179 . ? 1_555 ? 
13 AC4 7 GLU A 87 ? GLU A 226 . ? 1_555 ? 
14 AC4 7 EDO D .  ? EDO A 303 . ? 1_555 ? 
15 AC4 7 HOH G .  ? HOH A 438 . ? 1_555 ? 
16 AC5 4 THR A 27 ? THR A 166 . ? 1_555 ? 
17 AC5 4 SER A 29 ? SER A 168 . ? 1_555 ? 
18 AC5 4 HOH G .  ? HOH A 410 . ? 1_555 ? 
19 AC5 4 HOH G .  ? HOH A 459 . ? 1_555 ? 
# 
_atom_sites.entry_id                    4XYO 
_atom_sites.fract_transf_matrix[1][1]   0.00915412 
_atom_sites.fract_transf_matrix[1][2]   0.00476718 
_atom_sites.fract_transf_matrix[1][3]   0.03026874 
_atom_sites.fract_transf_matrix[2][1]   0.00270260 
_atom_sites.fract_transf_matrix[2][2]   0.02132356 
_atom_sites.fract_transf_matrix[2][3]   -0.00417570 
_atom_sites.fract_transf_matrix[3][1]   -0.00995496 
_atom_sites.fract_transf_matrix[3][2]   0.00179589 
_atom_sites.fract_transf_matrix[3][3]   0.00272782 
_atom_sites.fract_transf_vector[1]      0.075198 
_atom_sites.fract_transf_vector[2]      0.455412 
_atom_sites.fract_transf_vector[3]      0.166636 
# 
loop_
_atom_type.symbol 
C 
N 
O 
S 
# 
loop_
_atom_site.group_PDB 
_atom_site.id 
_atom_site.type_symbol 
_atom_site.label_atom_id 
_atom_site.label_alt_id 
_atom_site.label_comp_id 
_atom_site.label_asym_id 
_atom_site.label_entity_id 
_atom_site.label_seq_id 
_atom_site.pdbx_PDB_ins_code 
_atom_site.Cartn_x 
_atom_site.Cartn_y 
_atom_site.Cartn_z 
_atom_site.occupancy 
_atom_site.B_iso_or_equiv 
_atom_site.pdbx_formal_charge 
_atom_site.auth_seq_id 
_atom_site.auth_comp_id 
_atom_site.auth_asym_id 
_atom_site.auth_atom_id 
_atom_site.pdbx_PDB_model_num 
ATOM   1   N N   . VAL A 1 1  ? 8.223   17.555  -2.434  1.00 64.42 ? 140 VAL A N   1 
ATOM   2   C CA  . VAL A 1 1  ? 6.873   17.151  -1.953  1.00 61.70 ? 140 VAL A CA  1 
ATOM   3   C C   . VAL A 1 1  ? 6.831   15.647  -1.618  1.00 58.75 ? 140 VAL A C   1 
ATOM   4   O O   . VAL A 1 1  ? 7.781   14.885  -1.876  1.00 60.86 ? 140 VAL A O   1 
ATOM   5   C CB  . VAL A 1 1  ? 5.745   17.509  -2.977  1.00 62.41 ? 140 VAL A CB  1 
ATOM   6   C CG1 . VAL A 1 1  ? 5.387   18.998  -2.917  1.00 61.97 ? 140 VAL A CG1 1 
ATOM   7   C CG2 . VAL A 1 1  ? 6.120   17.083  -4.400  1.00 61.46 ? 140 VAL A CG2 1 
ATOM   8   N N   . GLU A 1 2  ? 5.713   15.254  -1.024  1.00 48.75 ? 141 GLU A N   1 
ATOM   9   C CA  . GLU A 1 2  ? 5.334   13.863  -0.847  1.00 43.29 ? 141 GLU A CA  1 
ATOM   10  C C   . GLU A 1 2  ? 4.117   13.595  -1.714  1.00 36.99 ? 141 GLU A C   1 
ATOM   11  O O   . GLU A 1 2  ? 3.162   13.001  -1.262  1.00 34.01 ? 141 GLU A O   1 
ATOM   12  C CB  . GLU A 1 2  ? 4.991   13.618  0.611   1.00 43.75 ? 141 GLU A CB  1 
ATOM   13  C CG  . GLU A 1 2  ? 6.106   14.004  1.556   1.00 45.22 ? 141 GLU A CG  1 
ATOM   14  C CD  . GLU A 1 2  ? 5.833   13.608  2.982   1.00 45.80 ? 141 GLU A CD  1 
ATOM   15  O OE1 . GLU A 1 2  ? 6.807   13.537  3.755   1.00 49.66 ? 141 GLU A OE1 1 
ATOM   16  O OE2 . GLU A 1 2  ? 4.667   13.341  3.336   1.00 46.36 ? 141 GLU A OE2 1 
ATOM   17  N N   . THR A 1 3  ? 4.158   14.084  -2.948  1.00 32.89 ? 142 THR A N   1 
ATOM   18  C CA  . THR A 1 3  ? 3.123   13.855  -3.927  1.00 31.36 ? 142 THR A CA  1 
ATOM   19  C C   . THR A 1 3  ? 3.535   12.632  -4.729  1.00 31.24 ? 142 THR A C   1 
ATOM   20  O O   . THR A 1 3  ? 4.704   12.438  -5.032  1.00 31.26 ? 142 THR A O   1 
ATOM   21  C CB  . THR A 1 3  ? 2.948   15.072  -4.848  1.00 31.83 ? 142 THR A CB  1 
ATOM   22  O OG1 . THR A 1 3  ? 2.568   16.194  -4.051  1.00 32.42 ? 142 THR A OG1 1 
ATOM   23  C CG2 . THR A 1 3  ? 1.868   14.832  -5.923  1.00 30.88 ? 142 THR A CG2 1 
ATOM   24  N N   . ILE A 1 4  ? 2.562   11.787  -5.034  1.00 30.46 ? 143 ILE A N   1 
ATOM   25  C CA  . ILE A 1 4  ? 2.776   10.638  -5.896  1.00 28.52 ? 143 ILE A CA  1 
ATOM   26  C C   . ILE A 1 4  ? 1.755   10.708  -7.023  1.00 26.40 ? 143 ILE A C   1 
ATOM   27  O O   . ILE A 1 4  ? 0.572   10.947  -6.790  1.00 23.41 ? 143 ILE A O   1 
ATOM   28  C CB  . ILE A 1 4  ? 2.719   9.301   -5.116  1.00 30.01 ? 143 ILE A CB  1 
ATOM   29  C CG1 . ILE A 1 4  ? 2.858   8.115   -6.081  1.00 32.89 ? 143 ILE A CG1 1 
ATOM   30  C CG2 . ILE A 1 4  ? 1.460   9.186   -4.274  1.00 30.38 ? 143 ILE A CG2 1 
ATOM   31  C CD1 . ILE A 1 4  ? 3.267   6.825   -5.402  1.00 33.83 ? 143 ILE A CD1 1 
ATOM   32  N N   . GLU A 1 5  ? 2.248   10.550  -8.244  1.00 25.79 ? 144 GLU A N   1 
ATOM   33  C CA  . GLU A 1 5  ? 1.416   10.453  -9.419  1.00 26.97 ? 144 GLU A CA  1 
ATOM   34  C C   . GLU A 1 5  ? 1.000   8.998   -9.617  1.00 25.51 ? 144 GLU A C   1 
ATOM   35  O O   . GLU A 1 5  ? 1.846   8.138   -9.868  1.00 25.84 ? 144 GLU A O   1 
ATOM   36  C CB  . GLU A 1 5  ? 2.177   10.933  -10.646 1.00 28.99 ? 144 GLU A CB  1 
ATOM   37  C CG  . GLU A 1 5  ? 1.298   10.977  -11.889 1.00 33.03 ? 144 GLU A CG  1 
ATOM   38  C CD  . GLU A 1 5  ? 2.056   11.281  -13.158 1.00 34.39 ? 144 GLU A CD  1 
ATOM   39  O OE1 . GLU A 1 5  ? 3.287   11.432  -13.101 1.00 39.66 ? 144 GLU A OE1 1 
ATOM   40  O OE2 . GLU A 1 5  ? 1.414   11.347  -14.220 1.00 37.59 ? 144 GLU A OE2 1 
ATOM   41  N N   . LEU A 1 6  ? -0.296  8.734   -9.485  1.00 23.13 ? 145 LEU A N   1 
ATOM   42  C CA  . LEU A 1 6  ? -0.861  7.427   -9.790  1.00 22.73 ? 145 LEU A CA  1 
ATOM   43  C C   . LEU A 1 6  ? -1.262  7.433   -11.257 1.00 24.30 ? 145 LEU A C   1 
ATOM   44  O O   . LEU A 1 6  ? -2.300  7.989   -11.599 1.00 24.94 ? 145 LEU A O   1 
ATOM   45  C CB  . LEU A 1 6  ? -2.058  7.124   -8.892  1.00 20.64 ? 145 LEU A CB  1 
ATOM   46  C CG  . LEU A 1 6  ? -1.792  7.210   -7.382  1.00 20.37 ? 145 LEU A CG  1 
ATOM   47  C CD1 . LEU A 1 6  ? -3.051  6.850   -6.613  1.00 19.98 ? 145 LEU A CD1 1 
ATOM   48  C CD2 . LEU A 1 6  ? -0.615  6.346   -6.928  1.00 20.61 ? 145 LEU A CD2 1 
ATOM   49  N N   . LYS A 1 7  ? -0.412  6.859   -12.108 1.00 26.43 ? 146 LYS A N   1 
ATOM   50  C CA  . LYS A 1 7  ? -0.604  6.918   -13.565 1.00 29.42 ? 146 LYS A CA  1 
ATOM   51  C C   . LYS A 1 7  ? -1.729  5.975   -13.966 1.00 29.76 ? 146 LYS A C   1 
ATOM   52  O O   . LYS A 1 7  ? -1.718  4.791   -13.575 1.00 28.42 ? 146 LYS A O   1 
ATOM   53  C CB  . LYS A 1 7  ? 0.668   6.537   -14.309 1.00 32.68 ? 146 LYS A CB  1 
ATOM   54  C CG  . LYS A 1 7  ? 1.854   7.460   -14.074 1.00 35.95 ? 146 LYS A CG  1 
ATOM   55  C CD  . LYS A 1 7  ? 2.845   7.355   -15.234 1.00 41.72 ? 146 LYS A CD  1 
ATOM   56  C CE  . LYS A 1 7  ? 4.296   7.273   -14.780 1.00 45.68 ? 146 LYS A CE  1 
ATOM   57  N NZ  . LYS A 1 7  ? 4.696   8.387   -13.882 1.00 48.56 ? 146 LYS A NZ  1 
ATOM   58  N N   . ARG A 1 8  ? -2.711  6.506   -14.695 1.00 28.96 ? 147 ARG A N   1 
ATOM   59  C CA  . ARG A 1 8  ? -3.889  5.732   -15.090 1.00 33.42 ? 147 ARG A CA  1 
ATOM   60  C C   . ARG A 1 8  ? -4.110  5.761   -16.600 1.00 36.61 ? 147 ARG A C   1 
ATOM   61  O O   . ARG A 1 8  ? -5.235  5.795   -17.062 1.00 40.88 ? 147 ARG A O   1 
ATOM   62  C CB  . ARG A 1 8  ? -5.113  6.248   -14.339 1.00 32.79 ? 147 ARG A CB  1 
ATOM   63  C CG  . ARG A 1 8  ? -4.994  6.006   -12.847 1.00 33.60 ? 147 ARG A CG  1 
ATOM   64  C CD  . ARG A 1 8  ? -5.932  6.841   -12.040 1.00 32.39 ? 147 ARG A CD  1 
ATOM   65  N NE  . ARG A 1 8  ? -7.303  6.920   -12.546 1.00 35.72 ? 147 ARG A NE  1 
ATOM   66  C CZ  . ARG A 1 8  ? -8.255  5.994   -12.383 1.00 35.63 ? 147 ARG A CZ  1 
ATOM   67  N NH1 . ARG A 1 8  ? -8.015  4.830   -11.788 1.00 37.23 ? 147 ARG A NH1 1 
ATOM   68  N NH2 . ARG A 1 8  ? -9.469  6.232   -12.850 1.00 36.54 ? 147 ARG A NH2 1 
ATOM   69  N N   . GLY A 1 9  ? -3.024  5.748   -17.358 1.00 42.63 ? 148 GLY A N   1 
ATOM   70  C CA  . GLY A 1 9  ? -3.088  5.710   -18.822 1.00 49.23 ? 148 GLY A CA  1 
ATOM   71  C C   . GLY A 1 9  ? -3.114  7.093   -19.447 1.00 51.58 ? 148 GLY A C   1 
ATOM   72  O O   . GLY A 1 9  ? -2.072  7.748   -19.558 1.00 55.75 ? 148 GLY A O   1 
ATOM   73  N N   . SER A 1 10 ? -4.309  7.520   -19.853 1.00 54.48 ? 149 SER A N   1 
ATOM   74  C CA  . SER A 1 10 ? -4.559  8.866   -20.405 1.00 56.21 ? 149 SER A CA  1 
ATOM   75  C C   . SER A 1 10 ? -4.327  9.983   -19.381 1.00 54.08 ? 149 SER A C   1 
ATOM   76  O O   . SER A 1 10 ? -3.889  11.090  -19.729 1.00 51.95 ? 149 SER A O   1 
ATOM   77  C CB  . SER A 1 10 ? -6.021  8.960   -20.867 1.00 60.50 ? 149 SER A CB  1 
ATOM   78  O OG  . SER A 1 10 ? -6.923  8.695   -19.783 1.00 60.77 ? 149 SER A OG  1 
ATOM   79  N N   . ASN A 1 11 ? -4.640  9.659   -18.127 1.00 46.01 ? 150 ASN A N   1 
ATOM   80  C CA  . ASN A 1 11 ? -4.776  10.603  -17.048 1.00 41.79 ? 150 ASN A CA  1 
ATOM   81  C C   . ASN A 1 11 ? -4.033  10.063  -15.853 1.00 37.22 ? 150 ASN A C   1 
ATOM   82  O O   . ASN A 1 11 ? -3.715  8.874   -15.801 1.00 35.45 ? 150 ASN A O   1 
ATOM   83  C CB  . ASN A 1 11 ? -6.264  10.705  -16.691 1.00 44.89 ? 150 ASN A CB  1 
ATOM   84  C CG  . ASN A 1 11 ? -6.762  12.130  -16.625 1.00 49.45 ? 150 ASN A CG  1 
ATOM   85  O OD1 . ASN A 1 11 ? -6.030  13.086  -16.858 1.00 54.26 ? 150 ASN A OD1 1 
ATOM   86  N ND2 . ASN A 1 11 ? -8.037  12.276  -16.326 1.00 53.57 ? 150 ASN A ND2 1 
ATOM   87  N N   . SER A 1 12 ? -3.758  10.938  -14.896 1.00 32.76 ? 151 SER A N   1 
ATOM   88  C CA  . SER A 1 12 ? -3.170  10.540  -13.619 1.00 30.09 ? 151 SER A CA  1 
ATOM   89  C C   . SER A 1 12 ? -3.961  11.161  -12.497 1.00 28.48 ? 151 SER A C   1 
ATOM   90  O O   . SER A 1 12 ? -4.640  12.159  -12.706 1.00 26.12 ? 151 SER A O   1 
ATOM   91  C CB  . SER A 1 12 ? -1.736  11.015  -13.532 1.00 30.17 ? 151 SER A CB  1 
ATOM   92  O OG  . SER A 1 12 ? -0.923  10.380  -14.488 1.00 29.75 ? 151 SER A OG  1 
ATOM   93  N N   . VAL A 1 13 ? -3.906  10.566  -11.312 1.00 27.21 ? 152 VAL A N   1 
ATOM   94  C CA  . VAL A 1 13 ? -4.336  11.273  -10.113 1.00 28.17 ? 152 VAL A CA  1 
ATOM   95  C C   . VAL A 1 13 ? -3.133  11.431  -9.209  1.00 28.24 ? 152 VAL A C   1 
ATOM   96  O O   . VAL A 1 13 ? -2.351  10.470  -8.982  1.00 28.44 ? 152 VAL A O   1 
ATOM   97  C CB  . VAL A 1 13 ? -5.534  10.637  -9.351  1.00 31.23 ? 152 VAL A CB  1 
ATOM   98  C CG1 . VAL A 1 13 ? -6.700  10.305  -10.297 1.00 33.14 ? 152 VAL A CG1 1 
ATOM   99  C CG2 . VAL A 1 13 ? -5.116  9.419   -8.580  1.00 32.03 ? 152 VAL A CG2 1 
ATOM   100 N N   . TYR A 1 14 ? -2.990  12.645  -8.694  1.00 23.99 ? 153 TYR A N   1 
ATOM   101 C CA  . TYR A 1 14 ? -1.895  12.987  -7.812  1.00 23.30 ? 153 TYR A CA  1 
ATOM   102 C C   . TYR A 1 14 ? -2.433  12.955  -6.393  1.00 22.70 ? 153 TYR A C   1 
ATOM   103 O O   . TYR A 1 14 ? -3.439  13.599  -6.098  1.00 22.58 ? 153 TYR A O   1 
ATOM   104 C CB  . TYR A 1 14 ? -1.369  14.385  -8.143  1.00 24.18 ? 153 TYR A CB  1 
ATOM   105 C CG  . TYR A 1 14 ? -0.717  14.448  -9.504  1.00 24.94 ? 153 TYR A CG  1 
ATOM   106 C CD1 . TYR A 1 14 ? -1.490  14.550  -10.657 1.00 25.02 ? 153 TYR A CD1 1 
ATOM   107 C CD2 . TYR A 1 14 ? 0.667   14.389  -9.638  1.00 26.43 ? 153 TYR A CD2 1 
ATOM   108 C CE1 . TYR A 1 14 ? -0.908  14.608  -11.903 1.00 27.48 ? 153 TYR A CE1 1 
ATOM   109 C CE2 . TYR A 1 14 ? 1.264   14.447  -10.890 1.00 27.39 ? 153 TYR A CE2 1 
ATOM   110 C CZ  . TYR A 1 14 ? 0.465   14.568  -12.013 1.00 28.41 ? 153 TYR A CZ  1 
ATOM   111 O OH  . TYR A 1 14 ? 1.018   14.635  -13.263 1.00 32.09 ? 153 TYR A OH  1 
ATOM   112 N N   . VAL A 1 15 ? -1.788  12.188  -5.524  1.00 22.64 ? 154 VAL A N   1 
ATOM   113 C CA  . VAL A 1 15 ? -2.164  12.161  -4.109  1.00 23.92 ? 154 VAL A CA  1 
ATOM   114 C C   . VAL A 1 15 ? -0.932  12.332  -3.239  1.00 21.56 ? 154 VAL A C   1 
ATOM   115 O O   . VAL A 1 15 ? 0.173   12.257  -3.719  1.00 20.47 ? 154 VAL A O   1 
ATOM   116 C CB  . VAL A 1 15 ? -2.945  10.869  -3.739  1.00 24.41 ? 154 VAL A CB  1 
ATOM   117 C CG1 . VAL A 1 15 ? -4.159  10.727  -4.656  1.00 26.75 ? 154 VAL A CG1 1 
ATOM   118 C CG2 . VAL A 1 15 ? -2.080  9.630   -3.855  1.00 24.73 ? 154 VAL A CG2 1 
ATOM   119 N N   . GLN A 1 16 ? -1.149  12.580  -1.954  1.00 21.10 ? 155 GLN A N   1 
ATOM   120 C CA  . GLN A 1 16 ? -0.050  12.659  -0.996  1.00 23.07 ? 155 GLN A CA  1 
ATOM   121 C C   . GLN A 1 16 ? 0.270   11.267  -0.474  1.00 23.30 ? 155 GLN A C   1 
ATOM   122 O O   . GLN A 1 16 ? -0.635  10.438  -0.359  1.00 23.25 ? 155 GLN A O   1 
ATOM   123 C CB  . GLN A 1 16 ? -0.437  13.561  0.177   1.00 25.04 ? 155 GLN A CB  1 
ATOM   124 C CG  . GLN A 1 16 ? -0.780  14.982  -0.248  1.00 27.52 ? 155 GLN A CG  1 
ATOM   125 C CD  . GLN A 1 16 ? 0.349   15.584  -1.051  1.00 30.50 ? 155 GLN A CD  1 
ATOM   126 O OE1 . GLN A 1 16 ? 0.284   15.664  -2.283  1.00 33.76 ? 155 GLN A OE1 1 
ATOM   127 N NE2 . GLN A 1 16 ? 1.426   15.941  -0.363  1.00 32.28 ? 155 GLN A NE2 1 
ATOM   128 N N   . TYR A 1 17 ? 1.536   11.032  -0.132  1.00 24.28 ? 156 TYR A N   1 
ATOM   129 C CA  . TYR A 1 17 ? 1.981   9.760   0.439   1.00 25.12 ? 156 TYR A CA  1 
ATOM   130 C C   . TYR A 1 17 ? 1.059   9.281   1.551   1.00 25.79 ? 156 TYR A C   1 
ATOM   131 O O   . TYR A 1 17 ? 0.654   8.124   1.555   1.00 23.93 ? 156 TYR A O   1 
ATOM   132 C CB  . TYR A 1 17 ? 3.403   9.862   0.994   1.00 25.54 ? 156 TYR A CB  1 
ATOM   133 C CG  . TYR A 1 17 ? 4.537   9.872   0.000   1.00 27.42 ? 156 TYR A CG  1 
ATOM   134 C CD1 . TYR A 1 17 ? 4.335   9.676   -1.377  1.00 29.55 ? 156 TYR A CD1 1 
ATOM   135 C CD2 . TYR A 1 17 ? 5.845   10.054  0.450   1.00 29.16 ? 156 TYR A CD2 1 
ATOM   136 C CE1 . TYR A 1 17 ? 5.402   9.689   -2.254  1.00 31.20 ? 156 TYR A CE1 1 
ATOM   137 C CE2 . TYR A 1 17 ? 6.922   10.050  -0.424  1.00 30.19 ? 156 TYR A CE2 1 
ATOM   138 C CZ  . TYR A 1 17 ? 6.690   9.864   -1.770  1.00 31.50 ? 156 TYR A CZ  1 
ATOM   139 O OH  . TYR A 1 17 ? 7.729   9.850   -2.646  1.00 34.00 ? 156 TYR A OH  1 
ATOM   140 N N   . ASP A 1 18 ? 0.728   10.171  2.489   1.00 25.60 ? 157 ASP A N   1 
ATOM   141 C CA  . ASP A 1 18 ? -0.099  9.774   3.650   1.00 26.80 ? 157 ASP A CA  1 
ATOM   142 C C   . ASP A 1 18 ? -1.614  9.727   3.393   1.00 25.76 ? 157 ASP A C   1 
ATOM   143 O O   . ASP A 1 18 ? -2.378  9.376   4.289   1.00 24.48 ? 157 ASP A O   1 
ATOM   144 C CB  . ASP A 1 18 ? 0.274   10.607  4.881   1.00 26.88 ? 157 ASP A CB  1 
ATOM   145 C CG  . ASP A 1 18 ? 1.650   10.197  5.489   1.00 29.63 ? 157 ASP A CG  1 
ATOM   146 O OD1 . ASP A 1 18 ? 2.311   9.209   5.054   1.00 30.69 ? 157 ASP A OD1 1 
ATOM   147 O OD2 . ASP A 1 18 ? 2.078   10.885  6.426   1.00 33.18 ? 157 ASP A OD2 1 
ATOM   148 N N   . ASP A 1 19 ? -2.047  10.022  2.157   1.00 25.96 ? 158 ASP A N   1 
ATOM   149 C CA  . ASP A 1 19 ? -3.379  9.615   1.709   1.00 25.17 ? 158 ASP A CA  1 
ATOM   150 C C   . ASP A 1 19 ? -3.463  8.084   1.530   1.00 23.04 ? 158 ASP A C   1 
ATOM   151 O O   . ASP A 1 19 ? -4.563  7.540   1.539   1.00 23.68 ? 158 ASP A O   1 
ATOM   152 C CB  . ASP A 1 19 ? -3.813  10.306  0.390   1.00 26.90 ? 158 ASP A CB  1 
ATOM   153 C CG  . ASP A 1 19 ? -3.870  11.857  0.489   1.00 28.95 ? 158 ASP A CG  1 
ATOM   154 O OD1 . ASP A 1 19 ? -4.003  12.385  1.619   1.00 30.05 ? 158 ASP A OD1 1 
ATOM   155 O OD2 . ASP A 1 19 ? -3.790  12.524  -0.584  1.00 26.60 ? 158 ASP A OD2 1 
ATOM   156 N N   . ILE A 1 20 ? -2.332  7.402   1.367   1.00 22.73 ? 159 ILE A N   1 
ATOM   157 C CA  . ILE A 1 20 ? -2.311  5.971   1.002   1.00 23.08 ? 159 ILE A CA  1 
ATOM   158 C C   . ILE A 1 20 ? -2.170  5.113   2.246   1.00 23.25 ? 159 ILE A C   1 
ATOM   159 O O   . ILE A 1 20 ? -1.266  5.326   3.050   1.00 21.49 ? 159 ILE A O   1 
ATOM   160 C CB  . ILE A 1 20 ? -1.188  5.671   -0.012  1.00 24.76 ? 159 ILE A CB  1 
ATOM   161 C CG1 . ILE A 1 20 ? -1.461  6.435   -1.315  1.00 27.64 ? 159 ILE A CG1 1 
ATOM   162 C CG2 . ILE A 1 20 ? -1.099  4.166   -0.322  1.00 25.32 ? 159 ILE A CG2 1 
ATOM   163 C CD1 . ILE A 1 20 ? -0.217  6.838   -2.063  1.00 29.58 ? 159 ILE A CD1 1 
ATOM   164 N N   . MET A 1 21 ? -3.093  4.163   2.401   1.00 21.44 ? 160 MET A N   1 
ATOM   165 C CA  . MET A 1 21 ? -3.028  3.165   3.468   1.00 20.88 ? 160 MET A CA  1 
ATOM   166 C C   . MET A 1 21 ? -2.004  2.145   3.044   1.00 20.34 ? 160 MET A C   1 
ATOM   167 O O   . MET A 1 21 ? -0.997  1.970   3.715   1.00 20.19 ? 160 MET A O   1 
ATOM   168 C CB  . MET A 1 21 ? -4.390  2.482   3.704   1.00 20.10 ? 160 MET A CB  1 
ATOM   169 C CG  . MET A 1 21 ? -5.525  3.401   4.092   1.00 21.36 ? 160 MET A CG  1 
ATOM   170 S SD  . MET A 1 21 ? -5.332  4.369   5.618   1.00 23.09 ? 160 MET A SD  1 
ATOM   171 C CE  . MET A 1 21 ? -4.947  6.001   4.952   1.00 23.83 ? 160 MET A CE  1 
ATOM   172 N N   . PHE A 1 22 ? -2.257  1.533   1.882   1.00 19.10 ? 161 PHE A N   1 
ATOM   173 C CA  . PHE A 1 22 ? -1.371  0.566   1.276   1.00 18.94 ? 161 PHE A CA  1 
ATOM   174 C C   . PHE A 1 22 ? -1.626  0.428   -0.226  1.00 19.23 ? 161 PHE A C   1 
ATOM   175 O O   . PHE A 1 22 ? -2.660  0.885   -0.754  1.00 18.93 ? 161 PHE A O   1 
ATOM   176 C CB  . PHE A 1 22 ? -1.471  -0.797  1.976   1.00 18.96 ? 161 PHE A CB  1 
ATOM   177 C CG  . PHE A 1 22 ? -2.808  -1.451  1.887   1.00 19.08 ? 161 PHE A CG  1 
ATOM   178 C CD1 . PHE A 1 22 ? -3.835  -1.100  2.761   1.00 19.15 ? 161 PHE A CD1 1 
ATOM   179 C CD2 . PHE A 1 22 ? -3.041  -2.456  0.951   1.00 19.38 ? 161 PHE A CD2 1 
ATOM   180 C CE1 . PHE A 1 22 ? -5.073  -1.734  2.689   1.00 19.11 ? 161 PHE A CE1 1 
ATOM   181 C CE2 . PHE A 1 22 ? -4.258  -3.092  0.886   1.00 18.94 ? 161 PHE A CE2 1 
ATOM   182 C CZ  . PHE A 1 22 ? -5.276  -2.734  1.750   1.00 19.64 ? 161 PHE A CZ  1 
ATOM   183 N N   . PHE A 1 23 ? -0.648  -0.156  -0.908  1.00 19.85 ? 162 PHE A N   1 
ATOM   184 C CA  . PHE A 1 23 ? -0.754  -0.527  -2.320  1.00 20.52 ? 162 PHE A CA  1 
ATOM   185 C C   . PHE A 1 23 ? -0.930  -2.046  -2.406  1.00 22.35 ? 162 PHE A C   1 
ATOM   186 O O   . PHE A 1 23 ? -0.333  -2.772  -1.636  1.00 23.13 ? 162 PHE A O   1 
ATOM   187 C CB  . PHE A 1 23 ? 0.490   -0.166  -3.102  1.00 21.53 ? 162 PHE A CB  1 
ATOM   188 C CG  . PHE A 1 23 ? 0.859   1.283   -3.071  1.00 22.08 ? 162 PHE A CG  1 
ATOM   189 C CD1 . PHE A 1 23 ? 0.185   2.202   -3.869  1.00 22.58 ? 162 PHE A CD1 1 
ATOM   190 C CD2 . PHE A 1 23 ? 1.912   1.729   -2.265  1.00 23.00 ? 162 PHE A CD2 1 
ATOM   191 C CE1 . PHE A 1 23 ? 0.542   3.542   -3.874  1.00 22.83 ? 162 PHE A CE1 1 
ATOM   192 C CE2 . PHE A 1 23 ? 2.268   3.069   -2.252  1.00 23.10 ? 162 PHE A CE2 1 
ATOM   193 C CZ  . PHE A 1 23 ? 1.581   3.972   -3.060  1.00 22.97 ? 162 PHE A CZ  1 
ATOM   194 N N   . GLU A 1 24 ? -1.713  -2.511  -3.377  1.00 24.12 ? 163 GLU A N   1 
ATOM   195 C CA  . GLU A 1 24 ? -2.019  -3.933  -3.537  1.00 25.17 ? 163 GLU A CA  1 
ATOM   196 C C   . GLU A 1 24 ? -1.896  -4.325  -5.001  1.00 25.64 ? 163 GLU A C   1 
ATOM   197 O O   . GLU A 1 24 ? -2.408  -3.622  -5.869  1.00 24.03 ? 163 GLU A O   1 
ATOM   198 C CB  . GLU A 1 24 ? -3.448  -4.170  -3.055  1.00 27.96 ? 163 GLU A CB  1 
ATOM   199 C CG  . GLU A 1 24 ? -4.006  -5.549  -3.337  1.00 30.98 ? 163 GLU A CG  1 
ATOM   200 C CD  . GLU A 1 24 ? -5.445  -5.723  -2.927  1.00 33.63 ? 163 GLU A CD  1 
ATOM   201 O OE1 . GLU A 1 24 ? -5.820  -6.882  -2.709  1.00 37.68 ? 163 GLU A OE1 1 
ATOM   202 O OE2 . GLU A 1 24 ? -6.224  -4.738  -2.888  1.00 35.56 ? 163 GLU A OE2 1 
ATOM   203 N N   . SER A 1 25 ? -1.214  -5.428  -5.297  1.00 27.89 ? 164 SER A N   1 
ATOM   204 C CA  . SER A 1 25 ? -1.371  -6.070  -6.613  1.00 32.73 ? 164 SER A CA  1 
ATOM   205 C C   . SER A 1 25 ? -2.572  -7.004  -6.514  1.00 34.96 ? 164 SER A C   1 
ATOM   206 O O   . SER A 1 25 ? -2.836  -7.525  -5.443  1.00 38.31 ? 164 SER A O   1 
ATOM   207 C CB  . SER A 1 25 ? -0.121  -6.870  -6.988  1.00 32.83 ? 164 SER A CB  1 
ATOM   208 O OG  . SER A 1 25 ? 0.029   -7.935  -6.072  1.00 34.32 ? 164 SER A OG  1 
ATOM   209 N N   . SER A 1 26 ? -3.265  -7.249  -7.621  1.00 41.34 ? 165 SER A N   1 
ATOM   210 C CA  . SER A 1 26 ? -4.437  -8.150  -7.635  1.00 44.53 ? 165 SER A CA  1 
ATOM   211 C C   . SER A 1 26 ? -4.387  -9.165  -8.760  1.00 42.79 ? 165 SER A C   1 
ATOM   212 O O   . SER A 1 26 ? -3.876  -8.861  -9.827  1.00 40.14 ? 165 SER A O   1 
ATOM   213 C CB  . SER A 1 26 ? -5.723  -7.338  -7.804  1.00 48.23 ? 165 SER A CB  1 
ATOM   214 O OG  . SER A 1 26 ? -6.867  -8.191  -7.768  1.00 47.88 ? 165 SER A OG  1 
ATOM   215 N N   . THR A 1 27 ? -4.966  -10.349 -8.530  1.00 44.82 ? 166 THR A N   1 
ATOM   216 C CA  . THR A 1 27 ? -5.226  -11.326 -9.605  1.00 45.44 ? 166 THR A CA  1 
ATOM   217 C C   . THR A 1 27 ? -6.436  -10.935 -10.452 1.00 42.57 ? 166 THR A C   1 
ATOM   218 O O   . THR A 1 27 ? -6.630  -11.488 -11.538 1.00 47.73 ? 166 THR A O   1 
ATOM   219 C CB  . THR A 1 27 ? -5.468  -12.761 -9.060  1.00 47.03 ? 166 THR A CB  1 
ATOM   220 O OG1 . THR A 1 27 ? -6.450  -12.726 -8.011  1.00 48.81 ? 166 THR A OG1 1 
ATOM   221 C CG2 . THR A 1 27 ? -4.166  -13.390 -8.520  1.00 47.56 ? 166 THR A CG2 1 
ATOM   222 N N   . LYS A 1 28 ? -7.252  -9.999  -9.960  1.00 41.99 ? 167 LYS A N   1 
ATOM   223 C CA  . LYS A 1 28 ? -8.476  -9.573  -10.654 1.00 42.17 ? 167 LYS A CA  1 
ATOM   224 C C   . LYS A 1 28 ? -8.250  -8.439  -11.645 1.00 37.67 ? 167 LYS A C   1 
ATOM   225 O O   . LYS A 1 28 ? -9.203  -8.014  -12.298 1.00 36.62 ? 167 LYS A O   1 
ATOM   226 C CB  . LYS A 1 28 ? -9.562  -9.136  -9.653  1.00 46.04 ? 167 LYS A CB  1 
ATOM   227 C CG  . LYS A 1 28 ? -10.096 -10.224 -8.723  1.00 52.62 ? 167 LYS A CG  1 
ATOM   228 C CD  . LYS A 1 28 ? -11.180 -9.648  -7.800  1.00 58.13 ? 167 LYS A CD  1 
ATOM   229 C CE  . LYS A 1 28 ? -11.324 -10.389 -6.474  1.00 60.25 ? 167 LYS A CE  1 
ATOM   230 N NZ  . LYS A 1 28 ? -12.025 -11.702 -6.601  1.00 61.40 ? 167 LYS A NZ  1 
ATOM   231 N N   . SER A 1 29 ? -7.010  -7.962  -11.777 1.00 36.08 ? 168 SER A N   1 
ATOM   232 C CA  . SER A 1 29 ? -6.731  -6.758  -12.545 1.00 33.80 ? 168 SER A CA  1 
ATOM   233 C C   . SER A 1 29 ? -5.265  -6.707  -12.915 1.00 34.76 ? 168 SER A C   1 
ATOM   234 O O   . SER A 1 29 ? -4.401  -7.063  -12.128 1.00 35.49 ? 168 SER A O   1 
ATOM   235 C CB  . SER A 1 29 ? -7.106  -5.508  -11.709 1.00 33.78 ? 168 SER A CB  1 
ATOM   236 O OG  . SER A 1 29 ? -6.769  -4.292  -12.348 1.00 29.66 ? 168 SER A OG  1 
ATOM   237 N N   . HIS A 1 30 ? -4.990  -6.241  -14.118 1.00 33.89 ? 169 HIS A N   1 
ATOM   238 C CA  . HIS A 1 30 ? -3.625  -5.900  -14.534 1.00 32.78 ? 169 HIS A CA  1 
ATOM   239 C C   . HIS A 1 30 ? -2.977  -4.674  -13.809 1.00 32.68 ? 169 HIS A C   1 
ATOM   240 O O   . HIS A 1 30 ? -1.772  -4.495  -13.888 1.00 34.10 ? 169 HIS A O   1 
ATOM   241 C CB  . HIS A 1 30 ? -3.601  -5.716  -16.061 1.00 32.48 ? 169 HIS A CB  1 
ATOM   242 C CG  . HIS A 1 30 ? -4.349  -4.502  -16.549 1.00 32.40 ? 169 HIS A CG  1 
ATOM   243 N ND1 . HIS A 1 30 ? -5.705  -4.323  -16.373 1.00 31.85 ? 169 HIS A ND1 1 
ATOM   244 C CD2 . HIS A 1 30 ? -3.917  -3.417  -17.233 1.00 31.00 ? 169 HIS A CD2 1 
ATOM   245 C CE1 . HIS A 1 30 ? -6.072  -3.175  -16.912 1.00 33.09 ? 169 HIS A CE1 1 
ATOM   246 N NE2 . HIS A 1 30 ? -5.007  -2.608  -17.446 1.00 32.68 ? 169 HIS A NE2 1 
ATOM   247 N N   . ARG A 1 31 ? -3.770  -3.864  -13.100 1.00 31.16 ? 170 ARG A N   1 
ATOM   248 C CA  . ARG A 1 31 ? -3.277  -2.656  -12.419 1.00 29.13 ? 170 ARG A CA  1 
ATOM   249 C C   . ARG A 1 31 ? -2.997  -2.897  -10.936 1.00 27.92 ? 170 ARG A C   1 
ATOM   250 O O   . ARG A 1 31 ? -3.491  -3.861  -10.342 1.00 27.51 ? 170 ARG A O   1 
ATOM   251 C CB  . ARG A 1 31 ? -4.305  -1.535  -12.565 1.00 30.56 ? 170 ARG A CB  1 
ATOM   252 C CG  . ARG A 1 31 ? -4.454  -1.020  -13.990 1.00 32.01 ? 170 ARG A CG  1 
ATOM   253 C CD  . ARG A 1 31 ? -5.638  -0.084  -14.113 1.00 32.33 ? 170 ARG A CD  1 
ATOM   254 N NE  . ARG A 1 31 ? -6.876  -0.850  -13.995 1.00 34.36 ? 170 ARG A NE  1 
ATOM   255 C CZ  . ARG A 1 31 ? -7.793  -1.023  -14.955 1.00 37.86 ? 170 ARG A CZ  1 
ATOM   256 N NH1 . ARG A 1 31 ? -8.848  -1.790  -14.680 1.00 37.51 ? 170 ARG A NH1 1 
ATOM   257 N NH2 . ARG A 1 31 ? -7.704  -0.431  -16.171 1.00 36.39 ? 170 ARG A NH2 1 
ATOM   258 N N   . LEU A 1 32 ? -2.207  -2.016  -10.326 1.00 25.77 ? 171 LEU A N   1 
ATOM   259 C CA  . LEU A 1 32 ? -2.125  -1.991  -8.861  1.00 23.78 ? 171 LEU A CA  1 
ATOM   260 C C   . LEU A 1 32 ? -3.306  -1.239  -8.295  1.00 24.61 ? 171 LEU A C   1 
ATOM   261 O O   . LEU A 1 32 ? -4.018  -0.552  -9.033  1.00 23.58 ? 171 LEU A O   1 
ATOM   262 C CB  . LEU A 1 32 ? -0.839  -1.351  -8.399  1.00 23.65 ? 171 LEU A CB  1 
ATOM   263 C CG  . LEU A 1 32 ? 0.441   -2.039  -8.795  1.00 23.25 ? 171 LEU A CG  1 
ATOM   264 C CD1 . LEU A 1 32 ? 1.588   -1.243  -8.207  1.00 23.72 ? 171 LEU A CD1 1 
ATOM   265 C CD2 . LEU A 1 32 ? 0.491   -3.507  -8.378  1.00 23.80 ? 171 LEU A CD2 1 
ATOM   266 N N   . ILE A 1 33 ? -3.524  -1.387  -6.979  1.00 24.29 ? 172 ILE A N   1 
ATOM   267 C CA  . ILE A 1 33 ? -4.619  -0.723  -6.303  1.00 23.84 ? 172 ILE A CA  1 
ATOM   268 C C   . ILE A 1 33 ? -4.053  0.099   -5.164  1.00 23.32 ? 172 ILE A C   1 
ATOM   269 O O   . ILE A 1 33 ? -3.390  -0.463  -4.302  1.00 21.42 ? 172 ILE A O   1 
ATOM   270 C CB  . ILE A 1 33 ? -5.650  -1.720  -5.742  1.00 26.30 ? 172 ILE A CB  1 
ATOM   271 C CG1 . ILE A 1 33 ? -6.136  -2.682  -6.835  1.00 28.82 ? 172 ILE A CG1 1 
ATOM   272 C CG2 . ILE A 1 33 ? -6.831  -0.960  -5.138  1.00 26.37 ? 172 ILE A CG2 1 
ATOM   273 C CD1 . ILE A 1 33 ? -6.900  -3.876  -6.299  1.00 31.38 ? 172 ILE A CD1 1 
ATOM   274 N N   . ALA A 1 34 ? -4.291  1.421   -5.200  1.00 22.72 ? 173 ALA A N   1 
ATOM   275 C CA  . ALA A 1 34 ? -3.992  2.315   -4.090  1.00 22.46 ? 173 ALA A CA  1 
ATOM   276 C C   . ALA A 1 34 ? -5.218  2.355   -3.185  1.00 22.62 ? 173 ALA A C   1 
ATOM   277 O O   . ALA A 1 34 ? -6.291  2.785   -3.598  1.00 21.70 ? 173 ALA A O   1 
ATOM   278 C CB  . ALA A 1 34 ? -3.652  3.718   -4.583  1.00 22.95 ? 173 ALA A CB  1 
ATOM   279 N N   . HIS A 1 35 ? -5.053  1.908   -1.948  1.00 22.01 ? 174 HIS A N   1 
ATOM   280 C CA  . HIS A 1 35 ? -6.088  2.018   -0.936  1.00 22.58 ? 174 HIS A CA  1 
ATOM   281 C C   . HIS A 1 35 ? -5.925  3.354   -0.191  1.00 23.34 ? 174 HIS A C   1 
ATOM   282 O O   . HIS A 1 35 ? -5.042  3.501   0.653   1.00 21.80 ? 174 HIS A O   1 
ATOM   283 C CB  . HIS A 1 35 ? -6.017  0.838   0.021   1.00 23.42 ? 174 HIS A CB  1 
ATOM   284 C CG  . HIS A 1 35 ? -6.352  -0.462  -0.627  1.00 22.90 ? 174 HIS A CG  1 
ATOM   285 N ND1 . HIS A 1 35 ? -7.508  -1.152  -0.348  1.00 25.21 ? 174 HIS A ND1 1 
ATOM   286 C CD2 . HIS A 1 35 ? -5.708  -1.181  -1.572  1.00 24.36 ? 174 HIS A CD2 1 
ATOM   287 C CE1 . HIS A 1 35 ? -7.556  -2.256  -1.073  1.00 23.87 ? 174 HIS A CE1 1 
ATOM   288 N NE2 . HIS A 1 35 ? -6.480  -2.291  -1.832  1.00 25.72 ? 174 HIS A NE2 1 
ATOM   289 N N   . LEU A 1 36 ? -6.792  4.303   -0.545  1.00 23.76 ? 175 LEU A N   1 
ATOM   290 C CA  . LEU A 1 36 ? -6.888  5.624   0.109   1.00 27.72 ? 175 LEU A CA  1 
ATOM   291 C C   . LEU A 1 36 ? -7.858  5.537   1.296   1.00 27.84 ? 175 LEU A C   1 
ATOM   292 O O   . LEU A 1 36 ? -8.457  4.490   1.539   1.00 27.62 ? 175 LEU A O   1 
ATOM   293 C CB  . LEU A 1 36 ? -7.369  6.688   -0.901  1.00 26.44 ? 175 LEU A CB  1 
ATOM   294 C CG  . LEU A 1 36 ? -6.376  7.291   -1.896  1.00 29.83 ? 175 LEU A CG  1 
ATOM   295 C CD1 . LEU A 1 36 ? -5.285  6.360   -2.369  1.00 29.43 ? 175 LEU A CD1 1 
ATOM   296 C CD2 . LEU A 1 36 ? -7.108  7.889   -3.096  1.00 30.04 ? 175 LEU A CD2 1 
ATOM   297 N N   . ASP A 1 37 ? -8.036  6.628   2.022   1.00 32.43 ? 176 ASP A N   1 
ATOM   298 C CA  . ASP A 1 37 ? -8.888  6.619   3.229   1.00 34.77 ? 176 ASP A CA  1 
ATOM   299 C C   . ASP A 1 37 ? -10.317 6.156   2.970   1.00 33.44 ? 176 ASP A C   1 
ATOM   300 O O   . ASP A 1 37 ? -10.842 5.331   3.714   1.00 31.08 ? 176 ASP A O   1 
ATOM   301 C CB  . ASP A 1 37 ? -8.886  7.990   3.934   1.00 42.11 ? 176 ASP A CB  1 
ATOM   302 C CG  . ASP A 1 37 ? -8.842  7.862   5.449   1.00 49.73 ? 176 ASP A CG  1 
ATOM   303 O OD1 . ASP A 1 37 ? -9.785  7.280   6.033   1.00 56.80 ? 176 ASP A OD1 1 
ATOM   304 O OD2 . ASP A 1 37 ? -7.848  8.323   6.059   1.00 58.70 ? 176 ASP A OD2 1 
ATOM   305 N N   . ASN A 1 38 ? -10.931 6.645   1.892   1.00 34.84 ? 177 ASN A N   1 
ATOM   306 C CA  . ASN A 1 38 ? -12.341 6.373   1.616   1.00 35.13 ? 177 ASN A CA  1 
ATOM   307 C C   . ASN A 1 38 ? -12.631 5.732   0.280   1.00 32.72 ? 177 ASN A C   1 
ATOM   308 O O   . ASN A 1 38 ? -13.803 5.477   -0.035  1.00 33.10 ? 177 ASN A O   1 
ATOM   309 C CB  . ASN A 1 38 ? -13.147 7.677   1.708   1.00 43.83 ? 177 ASN A CB  1 
ATOM   310 C CG  . ASN A 1 38 ? -13.043 8.336   3.076   1.00 48.33 ? 177 ASN A CG  1 
ATOM   311 O OD1 . ASN A 1 38 ? -13.451 7.751   4.084   1.00 54.03 ? 177 ASN A OD1 1 
ATOM   312 N ND2 . ASN A 1 38 ? -12.509 9.564   3.118   1.00 51.25 ? 177 ASN A ND2 1 
ATOM   313 N N   . ARG A 1 39 ? -11.597 5.457   -0.509  1.00 28.90 ? 178 ARG A N   1 
ATOM   314 C CA  . ARG A 1 39 ? -11.783 4.765   -1.779  1.00 27.73 ? 178 ARG A CA  1 
ATOM   315 C C   . ARG A 1 39 ? -10.502 4.094   -2.250  1.00 25.68 ? 178 ARG A C   1 
ATOM   316 O O   . ARG A 1 39 ? -9.431  4.364   -1.737  1.00 24.01 ? 178 ARG A O   1 
ATOM   317 C CB  . ARG A 1 39 ? -12.252 5.754   -2.852  1.00 26.54 ? 178 ARG A CB  1 
ATOM   318 C CG  . ARG A 1 39 ? -11.209 6.785   -3.256  1.00 27.36 ? 178 ARG A CG  1 
ATOM   319 C CD  . ARG A 1 39 ? -11.464 7.217   -4.691  1.00 30.01 ? 178 ARG A CD  1 
ATOM   320 N NE  . ARG A 1 39 ? -12.781 7.846   -4.794  1.00 31.87 ? 178 ARG A NE  1 
ATOM   321 C CZ  . ARG A 1 39 ? -13.501 7.962   -5.908  1.00 30.17 ? 178 ARG A CZ  1 
ATOM   322 N NH1 . ARG A 1 39 ? -13.054 7.536   -7.067  1.00 27.97 ? 178 ARG A NH1 1 
ATOM   323 N NH2 . ARG A 1 39 ? -14.693 8.542   -5.848  1.00 34.29 ? 178 ARG A NH2 1 
ATOM   324 N N   . GLN A 1 40 ? -10.642 3.271   -3.279  1.00 25.16 ? 179 GLN A N   1 
ATOM   325 C CA  . GLN A 1 40 ? -9.530  2.654   -3.964  1.00 25.20 ? 179 GLN A CA  1 
ATOM   326 C C   . GLN A 1 40 ? -9.370  3.256   -5.351  1.00 25.04 ? 179 GLN A C   1 
ATOM   327 O O   . GLN A 1 40 ? -10.350 3.581   -6.003  1.00 25.72 ? 179 GLN A O   1 
ATOM   328 C CB  . GLN A 1 40 ? -9.767  1.152   -4.046  1.00 27.99 ? 179 GLN A CB  1 
ATOM   329 C CG  . GLN A 1 40 ? -10.092 0.552   -2.691  1.00 30.49 ? 179 GLN A CG  1 
ATOM   330 C CD  . GLN A 1 40 ? -10.365 -0.933  -2.749  1.00 34.61 ? 179 GLN A CD  1 
ATOM   331 O OE1 . GLN A 1 40 ? -10.158 -1.587  -3.788  1.00 38.25 ? 179 GLN A OE1 1 
ATOM   332 N NE2 . GLN A 1 40 ? -10.790 -1.496  -1.612  1.00 35.81 ? 179 GLN A NE2 1 
ATOM   333 N N   . ILE A 1 41 ? -8.127  3.425   -5.781  1.00 24.27 ? 180 ILE A N   1 
ATOM   334 C CA  . ILE A 1 41 ? -7.819  3.923   -7.099  1.00 25.37 ? 180 ILE A CA  1 
ATOM   335 C C   . ILE A 1 41 ? -6.836  2.952   -7.751  1.00 24.58 ? 180 ILE A C   1 
ATOM   336 O O   . ILE A 1 41 ? -5.742  2.712   -7.229  1.00 23.51 ? 180 ILE A O   1 
ATOM   337 C CB  . ILE A 1 41 ? -7.229  5.359   -7.046  1.00 26.60 ? 180 ILE A CB  1 
ATOM   338 C CG1 . ILE A 1 41 ? -8.296  6.325   -6.503  1.00 29.30 ? 180 ILE A CG1 1 
ATOM   339 C CG2 . ILE A 1 41 ? -6.734  5.778   -8.433  1.00 27.27 ? 180 ILE A CG2 1 
ATOM   340 C CD1 . ILE A 1 41 ? -7.929  7.800   -6.549  1.00 31.60 ? 180 ILE A CD1 1 
ATOM   341 N N   . GLU A 1 42 ? -7.216  2.413   -8.904  1.00 23.53 ? 181 GLU A N   1 
ATOM   342 C CA  . GLU A 1 42 ? -6.288  1.578   -9.669  1.00 24.24 ? 181 GLU A CA  1 
ATOM   343 C C   . GLU A 1 42 ? -5.365  2.403   -10.546 1.00 24.07 ? 181 GLU A C   1 
ATOM   344 O O   . GLU A 1 42 ? -5.747  3.461   -11.049 1.00 23.15 ? 181 GLU A O   1 
ATOM   345 C CB  . GLU A 1 42 ? -7.051  0.590   -10.530 1.00 27.24 ? 181 GLU A CB  1 
ATOM   346 C CG  . GLU A 1 42 ? -7.814  -0.406  -9.683  1.00 30.07 ? 181 GLU A CG  1 
ATOM   347 C CD  . GLU A 1 42 ? -8.321  -1.588  -10.481 1.00 32.65 ? 181 GLU A CD  1 
ATOM   348 O OE1 . GLU A 1 42 ? -7.771  -1.898  -11.571 1.00 34.32 ? 181 GLU A OE1 1 
ATOM   349 O OE2 . GLU A 1 42 ? -9.300  -2.196  -10.012 1.00 38.21 ? 181 GLU A OE2 1 
ATOM   350 N N   . PHE A 1 43 ? -4.151  1.904   -10.742 1.00 22.95 ? 182 PHE A N   1 
ATOM   351 C CA  . PHE A 1 43 ? -3.132  2.640   -11.486 1.00 23.52 ? 182 PHE A CA  1 
ATOM   352 C C   . PHE A 1 43 ? -2.028  1.691   -11.937 1.00 23.63 ? 182 PHE A C   1 
ATOM   353 O O   . PHE A 1 43 ? -1.974  0.511   -11.522 1.00 22.30 ? 182 PHE A O   1 
ATOM   354 C CB  . PHE A 1 43 ? -2.566  3.768   -10.608 1.00 23.16 ? 182 PHE A CB  1 
ATOM   355 C CG  . PHE A 1 43 ? -1.737  3.278   -9.467  1.00 22.34 ? 182 PHE A CG  1 
ATOM   356 C CD1 . PHE A 1 43 ? -2.330  2.711   -8.356  1.00 22.86 ? 182 PHE A CD1 1 
ATOM   357 C CD2 . PHE A 1 43 ? -0.343  3.345   -9.522  1.00 23.14 ? 182 PHE A CD2 1 
ATOM   358 C CE1 . PHE A 1 43 ? -1.551  2.224   -7.306  1.00 22.65 ? 182 PHE A CE1 1 
ATOM   359 C CE2 . PHE A 1 43 ? 0.438   2.888   -8.473  1.00 22.17 ? 182 PHE A CE2 1 
ATOM   360 C CZ  . PHE A 1 43 ? -0.165  2.319   -7.360  1.00 22.86 ? 182 PHE A CZ  1 
ATOM   361 N N   . TYR A 1 44 ? -1.160  2.205   -12.797 1.00 24.70 ? 183 TYR A N   1 
ATOM   362 C CA  . TYR A 1 44 ? -0.035  1.441   -13.323 1.00 26.72 ? 183 TYR A CA  1 
ATOM   363 C C   . TYR A 1 44 ? 1.221   1.686   -12.508 1.00 27.14 ? 183 TYR A C   1 
ATOM   364 O O   . TYR A 1 44 ? 1.668   2.825   -12.356 1.00 23.90 ? 183 TYR A O   1 
ATOM   365 C CB  . TYR A 1 44 ? 0.204   1.800   -14.792 1.00 29.64 ? 183 TYR A CB  1 
ATOM   366 C CG  . TYR A 1 44 ? -0.976  1.449   -15.666 1.00 31.42 ? 183 TYR A CG  1 
ATOM   367 C CD1 . TYR A 1 44 ? -1.176  0.132   -16.103 1.00 35.29 ? 183 TYR A CD1 1 
ATOM   368 C CD2 . TYR A 1 44 ? -1.920  2.399   -16.019 1.00 34.69 ? 183 TYR A CD2 1 
ATOM   369 C CE1 . TYR A 1 44 ? -2.274  -0.214  -16.889 1.00 35.36 ? 183 TYR A CE1 1 
ATOM   370 C CE2 . TYR A 1 44 ? -3.029  2.061   -16.811 1.00 35.61 ? 183 TYR A CE2 1 
ATOM   371 C CZ  . TYR A 1 44 ? -3.199  0.753   -17.240 1.00 36.89 ? 183 TYR A CZ  1 
ATOM   372 O OH  . TYR A 1 44 ? -4.295  0.409   -18.020 1.00 40.84 ? 183 TYR A OH  1 
ATOM   373 N N   . GLY A 1 45 ? 1.807   0.611   -12.000 1.00 25.86 ? 184 GLY A N   1 
ATOM   374 C CA  . GLY A 1 45 ? 3.058   0.715   -11.254 1.00 28.51 ? 184 GLY A CA  1 
ATOM   375 C C   . GLY A 1 45 ? 3.599   -0.642  -10.909 1.00 28.24 ? 184 GLY A C   1 
ATOM   376 O O   . GLY A 1 45 ? 3.031   -1.652  -11.324 1.00 25.77 ? 184 GLY A O   1 
ATOM   377 N N   . ASN A 1 46 ? 4.679   -0.670  -10.125 1.00 29.99 ? 185 ASN A N   1 
ATOM   378 C CA  . ASN A 1 46 ? 5.120   -1.925  -9.512  1.00 32.78 ? 185 ASN A CA  1 
ATOM   379 C C   . ASN A 1 46 ? 5.530   -1.716  -8.074  1.00 29.55 ? 185 ASN A C   1 
ATOM   380 O O   . ASN A 1 46 ? 6.045   -0.670  -7.702  1.00 28.31 ? 185 ASN A O   1 
ATOM   381 C CB  . ASN A 1 46 ? 6.231   -2.633  -10.307 1.00 38.57 ? 185 ASN A CB  1 
ATOM   382 C CG  . ASN A 1 46 ? 7.554   -1.915  -10.237 1.00 39.62 ? 185 ASN A CG  1 
ATOM   383 O OD1 . ASN A 1 46 ? 8.394   -2.198  -9.372  1.00 40.75 ? 185 ASN A OD1 1 
ATOM   384 N ND2 . ASN A 1 46 ? 7.745   -0.966  -11.143 1.00 42.42 ? 185 ASN A ND2 1 
ATOM   385 N N   . LEU A 1 47 ? 5.302   -2.748  -7.289  1.00 29.39 ? 186 LEU A N   1 
ATOM   386 C CA  . LEU A 1 47 ? 5.403   -2.662  -5.850  1.00 31.01 ? 186 LEU A CA  1 
ATOM   387 C C   . LEU A 1 47 ? 6.822   -2.418  -5.372  1.00 31.98 ? 186 LEU A C   1 
ATOM   388 O O   . LEU A 1 47 ? 7.019   -1.712  -4.394  1.00 34.56 ? 186 LEU A O   1 
ATOM   389 C CB  . LEU A 1 47 ? 4.861   -3.932  -5.218  1.00 27.60 ? 186 LEU A CB  1 
ATOM   390 C CG  . LEU A 1 47 ? 3.373   -4.195  -5.408  1.00 28.61 ? 186 LEU A CG  1 
ATOM   391 C CD1 . LEU A 1 47 ? 3.052   -5.542  -4.767  1.00 28.28 ? 186 LEU A CD1 1 
ATOM   392 C CD2 . LEU A 1 47 ? 2.511   -3.056  -4.832  1.00 28.75 ? 186 LEU A CD2 1 
ATOM   393 N N   . LYS A 1 48 ? 7.789   -3.030  -6.052  1.00 35.71 ? 187 LYS A N   1 
ATOM   394 C CA  . LYS A 1 48 ? 9.212   -2.824  -5.760  1.00 37.73 ? 187 LYS A CA  1 
ATOM   395 C C   . LYS A 1 48 ? 9.525   -1.321  -5.824  1.00 35.80 ? 187 LYS A C   1 
ATOM   396 O O   . LYS A 1 48 ? 9.953   -0.739  -4.838  1.00 32.52 ? 187 LYS A O   1 
ATOM   397 C CB  . LYS A 1 48 ? 10.077  -3.651  -6.740  1.00 41.07 ? 187 LYS A CB  1 
ATOM   398 C CG  . LYS A 1 48 ? 11.556  -3.795  -6.394  1.00 45.14 ? 187 LYS A CG  1 
ATOM   399 C CD  . LYS A 1 48 ? 12.194  -4.967  -7.147  1.00 46.09 ? 187 LYS A CD  1 
ATOM   400 N N   . GLU A 1 49 ? 9.250   -0.691  -6.958  1.00 34.70 ? 188 GLU A N   1 
ATOM   401 C CA  . GLU A 1 49 ? 9.475   0.751   -7.116  1.00 37.81 ? 188 GLU A CA  1 
ATOM   402 C C   . GLU A 1 49 ? 8.800   1.598   -6.055  1.00 35.68 ? 188 GLU A C   1 
ATOM   403 O O   . GLU A 1 49 ? 9.400   2.547   -5.535  1.00 33.42 ? 188 GLU A O   1 
ATOM   404 C CB  . GLU A 1 49 ? 8.995   1.241   -8.474  1.00 43.10 ? 188 GLU A CB  1 
ATOM   405 C CG  . GLU A 1 49 ? 9.915   0.884   -9.624  1.00 53.09 ? 188 GLU A CG  1 
ATOM   406 C CD  . GLU A 1 49 ? 9.603   1.670   -10.896 1.00 61.39 ? 188 GLU A CD  1 
ATOM   407 O OE1 . GLU A 1 49 ? 8.446   2.128   -11.062 1.00 67.09 ? 188 GLU A OE1 1 
ATOM   408 O OE2 . GLU A 1 49 ? 10.520  1.831   -11.733 1.00 66.91 ? 188 GLU A OE2 1 
ATOM   409 N N   . LEU A 1 50 ? 7.556   1.241   -5.732  1.00 33.47 ? 189 LEU A N   1 
ATOM   410 C CA  . LEU A 1 50 ? 6.764   1.978   -4.742  1.00 30.97 ? 189 LEU A CA  1 
ATOM   411 C C   . LEU A 1 50 ? 7.399   1.883   -3.365  1.00 30.38 ? 189 LEU A C   1 
ATOM   412 O O   . LEU A 1 50 ? 7.529   2.904   -2.681  1.00 29.60 ? 189 LEU A O   1 
ATOM   413 C CB  . LEU A 1 50 ? 5.301   1.487   -4.715  1.00 28.81 ? 189 LEU A CB  1 
ATOM   414 C CG  . LEU A 1 50 ? 4.499   1.799   -5.985  1.00 27.50 ? 189 LEU A CG  1 
ATOM   415 C CD1 . LEU A 1 50 ? 3.175   1.082   -5.968  1.00 26.62 ? 189 LEU A CD1 1 
ATOM   416 C CD2 . LEU A 1 50 ? 4.308   3.307   -6.217  1.00 27.62 ? 189 LEU A CD2 1 
ATOM   417 N N   . SER A 1 51 ? 7.822   0.676   -2.973  1.00 29.80 ? 190 SER A N   1 
ATOM   418 C CA  . SER A 1 51 ? 8.543   0.498   -1.704  1.00 32.25 ? 190 SER A CA  1 
ATOM   419 C C   . SER A 1 51 ? 9.837   1.336   -1.617  1.00 34.30 ? 190 SER A C   1 
ATOM   420 O O   . SER A 1 51 ? 10.208  1.780   -0.530  1.00 35.09 ? 190 SER A O   1 
ATOM   421 C CB  . SER A 1 51 ? 8.838   -0.985  -1.409  1.00 31.68 ? 190 SER A CB  1 
ATOM   422 O OG  . SER A 1 51 ? 9.735   -1.571  -2.342  1.00 31.03 ? 190 SER A OG  1 
ATOM   423 N N   . GLN A 1 52 ? 10.489  1.577   -2.754  1.00 34.98 ? 191 GLN A N   1 
ATOM   424 C CA  . GLN A 1 52 ? 11.707  2.396   -2.809  1.00 36.40 ? 191 GLN A CA  1 
ATOM   425 C C   . GLN A 1 52 ? 11.487  3.900   -2.755  1.00 38.51 ? 191 GLN A C   1 
ATOM   426 O O   . GLN A 1 52 ? 12.463  4.649   -2.623  1.00 41.81 ? 191 GLN A O   1 
ATOM   427 C CB  . GLN A 1 52 ? 12.536  2.028   -4.045  1.00 38.51 ? 191 GLN A CB  1 
ATOM   428 C CG  . GLN A 1 52 ? 13.160  0.646   -3.922  1.00 40.39 ? 191 GLN A CG  1 
ATOM   429 C CD  . GLN A 1 52 ? 13.417  -0.026  -5.259  1.00 44.83 ? 191 GLN A CD  1 
ATOM   430 O OE1 . GLN A 1 52 ? 13.525  0.629   -6.306  1.00 48.35 ? 191 GLN A OE1 1 
ATOM   431 N NE2 . GLN A 1 52 ? 13.528  -1.353  -5.233  1.00 51.21 ? 191 GLN A NE2 1 
ATOM   432 N N   . LEU A 1 53 ? 10.240  4.362   -2.829  1.00 37.82 ? 192 LEU A N   1 
ATOM   433 C CA  . LEU A 1 53 ? 9.976   5.794   -2.774  1.00 37.28 ? 192 LEU A CA  1 
ATOM   434 C C   . LEU A 1 53 ? 10.317  6.440   -1.444  1.00 40.02 ? 192 LEU A C   1 
ATOM   435 O O   . LEU A 1 53 ? 10.729  7.615   -1.411  1.00 39.43 ? 192 LEU A O   1 
ATOM   436 C CB  . LEU A 1 53 ? 8.522   6.112   -3.116  1.00 37.44 ? 192 LEU A CB  1 
ATOM   437 C CG  . LEU A 1 53 ? 8.134   5.983   -4.580  1.00 36.92 ? 192 LEU A CG  1 
ATOM   438 C CD1 . LEU A 1 53 ? 6.666   6.323   -4.709  1.00 38.21 ? 192 LEU A CD1 1 
ATOM   439 C CD2 . LEU A 1 53 ? 8.969   6.892   -5.469  1.00 37.14 ? 192 LEU A CD2 1 
ATOM   440 N N   . ASP A 1 54 ? 10.137  5.699   -0.352  1.00 36.11 ? 193 ASP A N   1 
ATOM   441 C CA  . ASP A 1 54 ? 10.269  6.287   0.973   1.00 36.11 ? 193 ASP A CA  1 
ATOM   442 C C   . ASP A 1 54 ? 10.359  5.196   2.020   1.00 35.03 ? 193 ASP A C   1 
ATOM   443 O O   . ASP A 1 54 ? 9.884   4.097   1.785   1.00 32.17 ? 193 ASP A O   1 
ATOM   444 C CB  . ASP A 1 54 ? 9.071   7.193   1.256   1.00 36.33 ? 193 ASP A CB  1 
ATOM   445 C CG  . ASP A 1 54 ? 9.277   8.060   2.461   1.00 35.88 ? 193 ASP A CG  1 
ATOM   446 O OD1 . ASP A 1 54 ? 9.902   9.127   2.321   1.00 39.36 ? 193 ASP A OD1 1 
ATOM   447 O OD2 . ASP A 1 54 ? 8.795   7.684   3.545   1.00 33.88 ? 193 ASP A OD2 1 
ATOM   448 N N   . ASP A 1 55 ? 10.965  5.501   3.168   1.00 35.81 ? 194 ASP A N   1 
ATOM   449 C CA  . ASP A 1 55 ? 11.120  4.505   4.241   1.00 38.50 ? 194 ASP A CA  1 
ATOM   450 C C   . ASP A 1 55 ? 9.799   4.107   4.893   1.00 32.51 ? 194 ASP A C   1 
ATOM   451 O O   . ASP A 1 55 ? 9.679   3.011   5.426   1.00 29.75 ? 194 ASP A O   1 
ATOM   452 C CB  . ASP A 1 55 ? 12.110  4.978   5.327   1.00 45.51 ? 194 ASP A CB  1 
ATOM   453 C CG  . ASP A 1 55 ? 13.586  4.933   4.865   1.00 54.34 ? 194 ASP A CG  1 
ATOM   454 O OD1 . ASP A 1 55 ? 13.953  4.107   3.982   1.00 54.35 ? 194 ASP A OD1 1 
ATOM   455 O OD2 . ASP A 1 55 ? 14.388  5.731   5.415   1.00 62.51 ? 194 ASP A OD2 1 
ATOM   456 N N   . ARG A 1 56 ? 8.808   4.987   4.844   1.00 29.80 ? 195 ARG A N   1 
ATOM   457 C CA  . ARG A 1 56 ? 7.470   4.628   5.329   1.00 30.09 ? 195 ARG A CA  1 
ATOM   458 C C   . ARG A 1 56 ? 6.783   3.524   4.525   1.00 29.95 ? 195 ARG A C   1 
ATOM   459 O O   . ARG A 1 56 ? 5.901   2.875   5.065   1.00 29.77 ? 195 ARG A O   1 
ATOM   460 C CB  . ARG A 1 56 ? 6.553   5.844   5.368   1.00 29.09 ? 195 ARG A CB  1 
ATOM   461 C CG  . ARG A 1 56 ? 5.950   6.208   4.023   1.00 27.42 ? 195 ARG A CG  1 
ATOM   462 C CD  . ARG A 1 56 ? 5.305   7.558   4.108   1.00 28.45 ? 195 ARG A CD  1 
ATOM   463 N NE  . ARG A 1 56 ? 6.297   8.625   4.077   1.00 27.39 ? 195 ARG A NE  1 
ATOM   464 C CZ  . ARG A 1 56 ? 6.023   9.916   4.161   1.00 27.66 ? 195 ARG A CZ  1 
ATOM   465 N NH1 . ARG A 1 56 ? 4.780   10.339  4.292   1.00 28.26 ? 195 ARG A NH1 1 
ATOM   466 N NH2 . ARG A 1 56 ? 7.013   10.798  4.108   1.00 29.90 ? 195 ARG A NH2 1 
ATOM   467 N N   . PHE A 1 57 ? 7.152   3.357   3.244   1.00 29.84 ? 196 PHE A N   1 
ATOM   468 C CA  . PHE A 1 57 ? 6.534   2.350   2.360   1.00 30.22 ? 196 PHE A CA  1 
ATOM   469 C C   . PHE A 1 57 ? 7.273   1.038   2.477   1.00 30.72 ? 196 PHE A C   1 
ATOM   470 O O   . PHE A 1 57 ? 8.424   0.971   2.100   1.00 32.73 ? 196 PHE A O   1 
ATOM   471 C CB  . PHE A 1 57 ? 6.527   2.808   0.893   1.00 28.21 ? 196 PHE A CB  1 
ATOM   472 C CG  . PHE A 1 57 ? 5.628   3.966   0.644   1.00 28.02 ? 196 PHE A CG  1 
ATOM   473 C CD1 . PHE A 1 57 ? 4.269   3.871   0.928   1.00 27.77 ? 196 PHE A CD1 1 
ATOM   474 C CD2 . PHE A 1 57 ? 6.124   5.160   0.165   1.00 27.46 ? 196 PHE A CD2 1 
ATOM   475 C CE1 . PHE A 1 57 ? 3.425   4.952   0.726   1.00 28.49 ? 196 PHE A CE1 1 
ATOM   476 C CE2 . PHE A 1 57 ? 5.282   6.247   -0.043  1.00 27.71 ? 196 PHE A CE2 1 
ATOM   477 C CZ  . PHE A 1 57 ? 3.933   6.145   0.231   1.00 27.45 ? 196 PHE A CZ  1 
ATOM   478 N N   . PHE A 1 58 ? 6.617   0.007   3.004   1.00 29.57 ? 197 PHE A N   1 
ATOM   479 C CA  . PHE A 1 58 ? 7.287   -1.247  3.319   1.00 29.94 ? 197 PHE A CA  1 
ATOM   480 C C   . PHE A 1 58 ? 6.577   -2.444  2.678   1.00 29.61 ? 197 PHE A C   1 
ATOM   481 O O   . PHE A 1 58 ? 5.384   -2.640  2.853   1.00 27.24 ? 197 PHE A O   1 
ATOM   482 C CB  . PHE A 1 58 ? 7.432   -1.413  4.847   1.00 31.85 ? 197 PHE A CB  1 
ATOM   483 C CG  . PHE A 1 58 ? 8.098   -2.703  5.255   1.00 32.78 ? 197 PHE A CG  1 
ATOM   484 C CD1 . PHE A 1 58 ? 9.439   -2.941  4.935   1.00 37.13 ? 197 PHE A CD1 1 
ATOM   485 C CD2 . PHE A 1 58 ? 7.387   -3.693  5.920   1.00 34.38 ? 197 PHE A CD2 1 
ATOM   486 C CE1 . PHE A 1 58 ? 10.058  -4.152  5.278   1.00 37.51 ? 197 PHE A CE1 1 
ATOM   487 C CE2 . PHE A 1 58 ? 7.994   -4.906  6.270   1.00 35.87 ? 197 PHE A CE2 1 
ATOM   488 C CZ  . PHE A 1 58 ? 9.326   -5.134  5.944   1.00 37.00 ? 197 PHE A CZ  1 
ATOM   489 N N   . ARG A 1 59 ? 7.350   -3.227  1.924   1.00 31.50 ? 198 ARG A N   1 
ATOM   490 C CA  . ARG A 1 59 ? 6.915   -4.459  1.300   1.00 32.34 ? 198 ARG A CA  1 
ATOM   491 C C   . ARG A 1 59 ? 6.876   -5.571  2.348   1.00 34.16 ? 198 ARG A C   1 
ATOM   492 O O   . ARG A 1 59 ? 7.918   -6.137  2.707   1.00 34.60 ? 198 ARG A O   1 
ATOM   493 C CB  . ARG A 1 59 ? 7.885   -4.806  0.166   1.00 32.57 ? 198 ARG A CB  1 
ATOM   494 C CG  . ARG A 1 59 ? 7.501   -5.993  -0.703  1.00 33.67 ? 198 ARG A CG  1 
ATOM   495 C CD  . ARG A 1 59 ? 6.385   -5.619  -1.639  1.00 33.36 ? 198 ARG A CD  1 
ATOM   496 N NE  . ARG A 1 59 ? 6.043   -6.691  -2.557  1.00 33.07 ? 198 ARG A NE  1 
ATOM   497 C CZ  . ARG A 1 59 ? 6.619   -6.920  -3.734  1.00 35.13 ? 198 ARG A CZ  1 
ATOM   498 N NH1 . ARG A 1 59 ? 7.621   -6.165  -4.177  1.00 38.50 ? 198 ARG A NH1 1 
ATOM   499 N NH2 . ARG A 1 59 ? 6.176   -7.914  -4.499  1.00 34.75 ? 198 ARG A NH2 1 
ATOM   500 N N   . CYS A 1 60 ? 5.672   -5.865  2.849   1.00 34.17 ? 199 CYS A N   1 
ATOM   501 C CA  . CYS A 1 60 ? 5.465   -6.864  3.895   1.00 33.69 ? 199 CYS A CA  1 
ATOM   502 C C   . CYS A 1 60 ? 4.909   -8.189  3.391   1.00 33.30 ? 199 CYS A C   1 
ATOM   503 O O   . CYS A 1 60 ? 4.693   -9.098  4.174   1.00 36.36 ? 199 CYS A O   1 
ATOM   504 C CB  . CYS A 1 60 ? 4.546   -6.288  4.978   1.00 35.04 ? 199 CYS A CB  1 
ATOM   505 S SG  . CYS A 1 60 ? 2.867   -5.874  4.449   1.00 34.92 ? 199 CYS A SG  1 
ATOM   506 N N   . HIS A 1 61 ? 4.706   -8.300  2.086   1.00 31.80 ? 200 HIS A N   1 
ATOM   507 C CA  . HIS A 1 61 ? 3.997   -9.411  1.483   1.00 32.18 ? 200 HIS A CA  1 
ATOM   508 C C   . HIS A 1 61 ? 4.245   -9.258  0.002   1.00 32.29 ? 200 HIS A C   1 
ATOM   509 O O   . HIS A 1 61 ? 4.490   -8.148  -0.469  1.00 32.54 ? 200 HIS A O   1 
ATOM   510 C CB  . HIS A 1 61 ? 2.505   -9.290  1.804   1.00 33.10 ? 200 HIS A CB  1 
ATOM   511 C CG  . HIS A 1 61 ? 1.683   -10.516 1.528   1.00 32.47 ? 200 HIS A CG  1 
ATOM   512 N ND1 . HIS A 1 61 ? 1.198   -10.841 0.280   1.00 31.42 ? 200 HIS A ND1 1 
ATOM   513 C CD2 . HIS A 1 61 ? 1.171   -11.446 2.371   1.00 34.76 ? 200 HIS A CD2 1 
ATOM   514 C CE1 . HIS A 1 61 ? 0.459   -11.931 0.353   1.00 31.99 ? 200 HIS A CE1 1 
ATOM   515 N NE2 . HIS A 1 61 ? 0.424   -12.318 1.614   1.00 33.26 ? 200 HIS A NE2 1 
ATOM   516 N N   . ASN A 1 62 ? 4.180   -10.357 -0.738  1.00 32.74 ? 201 ASN A N   1 
ATOM   517 C CA  . ASN A 1 62 ? 4.284   -10.331 -2.196  1.00 36.02 ? 201 ASN A CA  1 
ATOM   518 C C   . ASN A 1 62 ? 3.262   -9.387  -2.890  1.00 32.69 ? 201 ASN A C   1 
ATOM   519 O O   . ASN A 1 62 ? 3.526   -8.835  -3.957  1.00 31.30 ? 201 ASN A O   1 
ATOM   520 C CB  . ASN A 1 62 ? 4.130   -11.767 -2.725  1.00 42.03 ? 201 ASN A CB  1 
ATOM   521 C CG  . ASN A 1 62 ? 4.301   -11.861 -4.229  1.00 46.85 ? 201 ASN A CG  1 
ATOM   522 O OD1 . ASN A 1 62 ? 5.378   -11.573 -4.764  1.00 52.22 ? 201 ASN A OD1 1 
ATOM   523 N ND2 . ASN A 1 62 ? 3.240   -12.261 -4.920  1.00 48.89 ? 201 ASN A ND2 1 
ATOM   524 N N   . SER A 1 63 ? 2.130   -9.172  -2.242  1.00 29.81 ? 202 SER A N   1 
ATOM   525 C CA  . SER A 1 63 ? 0.989   -8.477  -2.805  1.00 29.36 ? 202 SER A CA  1 
ATOM   526 C C   . SER A 1 63 ? 0.819   -7.076  -2.229  1.00 28.31 ? 202 SER A C   1 
ATOM   527 O O   . SER A 1 63 ? -0.023  -6.352  -2.738  1.00 28.04 ? 202 SER A O   1 
ATOM   528 C CB  . SER A 1 63 ? -0.286  -9.247  -2.507  1.00 28.85 ? 202 SER A CB  1 
ATOM   529 O OG  . SER A 1 63 ? -0.302  -10.463 -3.196  1.00 31.51 ? 202 SER A OG  1 
ATOM   530 N N   . PHE A 1 64 ? 1.579   -6.693  -1.189  1.00 26.69 ? 203 PHE A N   1 
ATOM   531 C CA  . PHE A 1 64 ? 1.290   -5.457  -0.452  1.00 26.50 ? 203 PHE A CA  1 
ATOM   532 C C   . PHE A 1 64 ? 2.525   -4.646  -0.104  1.00 27.40 ? 203 PHE A C   1 
ATOM   533 O O   . PHE A 1 64 ? 3.510   -5.178  0.418   1.00 27.24 ? 203 PHE A O   1 
ATOM   534 C CB  . PHE A 1 64 ? 0.521   -5.726  0.856   1.00 26.12 ? 203 PHE A CB  1 
ATOM   535 C CG  . PHE A 1 64 ? -0.715  -6.557  0.683   1.00 26.96 ? 203 PHE A CG  1 
ATOM   536 C CD1 . PHE A 1 64 ? -1.818  -6.052  0.010   1.00 26.30 ? 203 PHE A CD1 1 
ATOM   537 C CD2 . PHE A 1 64 ? -0.778  -7.859  1.184   1.00 27.40 ? 203 PHE A CD2 1 
ATOM   538 C CE1 . PHE A 1 64 ? -2.960  -6.807  -0.155  1.00 27.18 ? 203 PHE A CE1 1 
ATOM   539 C CE2 . PHE A 1 64 ? -1.915  -8.630  1.010   1.00 27.38 ? 203 PHE A CE2 1 
ATOM   540 C CZ  . PHE A 1 64 ? -3.015  -8.104  0.341   1.00 27.88 ? 203 PHE A CZ  1 
ATOM   541 N N   . VAL A 1 65 ? 2.434   -3.343  -0.373  1.00 25.91 ? 204 VAL A N   1 
ATOM   542 C CA  . VAL A 1 65 ? 3.344   -2.346  0.150   1.00 25.21 ? 204 VAL A CA  1 
ATOM   543 C C   . VAL A 1 65 ? 2.524   -1.449  1.064   1.00 25.45 ? 204 VAL A C   1 
ATOM   544 O O   . VAL A 1 65 ? 1.603   -0.787  0.610   1.00 24.82 ? 204 VAL A O   1 
ATOM   545 C CB  . VAL A 1 65 ? 3.991   -1.531  -0.982  1.00 23.93 ? 204 VAL A CB  1 
ATOM   546 C CG1 . VAL A 1 65 ? 4.771   -0.326  -0.446  1.00 24.30 ? 204 VAL A CG1 1 
ATOM   547 C CG2 . VAL A 1 65 ? 4.898   -2.433  -1.790  1.00 26.16 ? 204 VAL A CG2 1 
ATOM   548 N N   . VAL A 1 66 ? 2.866   -1.433  2.349   1.00 24.42 ? 205 VAL A N   1 
ATOM   549 C CA  . VAL A 1 66 ? 2.106   -0.693  3.363   1.00 24.72 ? 205 VAL A CA  1 
ATOM   550 C C   . VAL A 1 66 ? 2.735   0.659   3.645   1.00 23.37 ? 205 VAL A C   1 
ATOM   551 O O   . VAL A 1 66 ? 3.942   0.801   3.540   1.00 27.32 ? 205 VAL A O   1 
ATOM   552 C CB  . VAL A 1 66 ? 1.985   -1.496  4.677   1.00 25.83 ? 205 VAL A CB  1 
ATOM   553 C CG1 . VAL A 1 66 ? 1.379   -2.852  4.379   1.00 27.61 ? 205 VAL A CG1 1 
ATOM   554 C CG2 . VAL A 1 66 ? 3.322   -1.636  5.421   1.00 27.25 ? 205 VAL A CG2 1 
ATOM   555 N N   . ASN A 1 67 ? 1.924   1.659   3.954   1.00 21.96 ? 206 ASN A N   1 
ATOM   556 C CA  . ASN A 1 67 ? 2.430   2.944   4.449   1.00 22.02 ? 206 ASN A CA  1 
ATOM   557 C C   . ASN A 1 67 ? 2.409   2.838   5.960   1.00 21.92 ? 206 ASN A C   1 
ATOM   558 O O   . ASN A 1 67 ? 1.345   2.841   6.578   1.00 21.52 ? 206 ASN A O   1 
ATOM   559 C CB  . ASN A 1 67 ? 1.564   4.105   3.994   1.00 21.43 ? 206 ASN A CB  1 
ATOM   560 C CG  . ASN A 1 67 ? 2.089   5.452   4.460   1.00 21.78 ? 206 ASN A CG  1 
ATOM   561 O OD1 . ASN A 1 67 ? 2.888   5.552   5.421   1.00 20.28 ? 206 ASN A OD1 1 
ATOM   562 N ND2 . ASN A 1 67 ? 1.618   6.509   3.803   1.00 20.70 ? 206 ASN A ND2 1 
ATOM   563 N N   . ARG A 1 68 ? 3.590   2.670   6.542   1.00 24.76 ? 207 ARG A N   1 
ATOM   564 C CA  . ARG A 1 68 ? 3.759   2.587   8.008   1.00 25.26 ? 207 ARG A CA  1 
ATOM   565 C C   . ARG A 1 68 ? 3.030   3.643   8.825   1.00 25.16 ? 207 ARG A C   1 
ATOM   566 O O   . ARG A 1 68 ? 2.486   3.353   9.917   1.00 26.32 ? 207 ARG A O   1 
ATOM   567 C CB  . ARG A 1 68 ? 5.236   2.640   8.354   1.00 26.59 ? 207 ARG A CB  1 
ATOM   568 C CG  . ARG A 1 68 ? 5.908   1.298   8.209   1.00 27.63 ? 207 ARG A CG  1 
ATOM   569 C CD  . ARG A 1 68 ? 7.396   1.477   8.022   1.00 29.25 ? 207 ARG A CD  1 
ATOM   570 N NE  . ARG A 1 68 ? 8.143   0.253   8.281   1.00 31.56 ? 207 ARG A NE  1 
ATOM   571 C CZ  . ARG A 1 68 ? 9.314   -0.071  7.727   1.00 33.66 ? 207 ARG A CZ  1 
ATOM   572 N NH1 . ARG A 1 68 ? 9.901   0.720   6.823   1.00 35.50 ? 207 ARG A NH1 1 
ATOM   573 N NH2 . ARG A 1 68 ? 9.893   -1.216  8.064   1.00 32.90 ? 207 ARG A NH2 1 
ATOM   574 N N   . HIS A 1 69 ? 2.999   4.867   8.309   1.00 25.01 ? 208 HIS A N   1 
ATOM   575 C CA  . HIS A 1 69 ? 2.393   5.979   9.041   1.00 25.12 ? 208 HIS A CA  1 
ATOM   576 C C   . HIS A 1 69 ? 0.901   5.820   9.234   1.00 24.71 ? 208 HIS A C   1 
ATOM   577 O O   . HIS A 1 69 ? 0.336   6.448   10.119  1.00 24.22 ? 208 HIS A O   1 
ATOM   578 C CB  . HIS A 1 69 ? 2.633   7.313   8.323   1.00 25.82 ? 208 HIS A CB  1 
ATOM   579 C CG  . HIS A 1 69 ? 4.062   7.717   8.251   1.00 25.55 ? 208 HIS A CG  1 
ATOM   580 N ND1 . HIS A 1 69 ? 4.454   8.928   7.731   1.00 26.58 ? 208 HIS A ND1 1 
ATOM   581 C CD2 . HIS A 1 69 ? 5.192   7.095   8.651   1.00 27.38 ? 208 HIS A CD2 1 
ATOM   582 C CE1 . HIS A 1 69 ? 5.767   9.025   7.784   1.00 25.07 ? 208 HIS A CE1 1 
ATOM   583 N NE2 . HIS A 1 69 ? 6.239   7.924   8.333   1.00 27.78 ? 208 HIS A NE2 1 
ATOM   584 N N   . ASN A 1 70 ? 0.264   5.019   8.378   1.00 25.21 ? 209 ASN A N   1 
ATOM   585 C CA  . ASN A 1 70 ? -1.175  4.759   8.435   1.00 23.12 ? 209 ASN A CA  1 
ATOM   586 C C   . ASN A 1 70 ? -1.592  3.417   9.017   1.00 23.31 ? 209 ASN A C   1 
ATOM   587 O O   . ASN A 1 70 ? -2.777  3.105   9.037   1.00 22.06 ? 209 ASN A O   1 
ATOM   588 C CB  . ASN A 1 70 ? -1.748  4.939   7.036   1.00 24.26 ? 209 ASN A CB  1 
ATOM   589 C CG  . ASN A 1 70 ? -1.863  6.397   6.652   1.00 24.77 ? 209 ASN A CG  1 
ATOM   590 O OD1 . ASN A 1 70 ? -2.192  7.250   7.498   1.00 25.24 ? 209 ASN A OD1 1 
ATOM   591 N ND2 . ASN A 1 70 ? -1.606  6.699   5.385   1.00 24.52 ? 209 ASN A ND2 1 
ATOM   592 N N   . ILE A 1 71 ? -0.626  2.619   9.467   1.00 24.33 ? 210 ILE A N   1 
ATOM   593 C CA  . ILE A 1 71 ? -0.905  1.387   10.211  1.00 25.49 ? 210 ILE A CA  1 
ATOM   594 C C   . ILE A 1 71 ? -1.393  1.774   11.608  1.00 28.57 ? 210 ILE A C   1 
ATOM   595 O O   . ILE A 1 71 ? -0.725  2.548   12.308  1.00 28.60 ? 210 ILE A O   1 
ATOM   596 C CB  . ILE A 1 71 ? 0.342   0.475   10.311  1.00 25.64 ? 210 ILE A CB  1 
ATOM   597 C CG1 . ILE A 1 71 ? 0.723   -0.059  8.931   1.00 25.07 ? 210 ILE A CG1 1 
ATOM   598 C CG2 . ILE A 1 71 ? 0.102   -0.730  11.235  1.00 25.63 ? 210 ILE A CG2 1 
ATOM   599 C CD1 . ILE A 1 71 ? 2.076   -0.723  8.867   1.00 24.28 ? 210 ILE A CD1 1 
ATOM   600 N N   . GLU A 1 72 ? -2.571  1.260   11.968  1.00 28.11 ? 211 GLU A N   1 
ATOM   601 C CA  . GLU A 1 72 ? -3.152  1.385   13.282  1.00 31.48 ? 211 GLU A CA  1 
ATOM   602 C C   . GLU A 1 72 ? -2.545  0.360   14.249  1.00 32.08 ? 211 GLU A C   1 
ATOM   603 O O   . GLU A 1 72 ? -2.038  0.715   15.304  1.00 30.66 ? 211 GLU A O   1 
ATOM   604 C CB  . GLU A 1 72 ? -4.666  1.182   13.192  1.00 35.30 ? 211 GLU A CB  1 
ATOM   605 C CG  . GLU A 1 72 ? -5.450  1.439   14.474  1.00 41.22 ? 211 GLU A CG  1 
ATOM   606 C CD  . GLU A 1 72 ? -5.443  2.890   14.912  1.00 48.28 ? 211 GLU A CD  1 
ATOM   607 O OE1 . GLU A 1 72 ? -5.434  3.803   14.050  1.00 54.50 ? 211 GLU A OE1 1 
ATOM   608 O OE2 . GLU A 1 72 ? -5.454  3.123   16.141  1.00 57.66 ? 211 GLU A OE2 1 
ATOM   609 N N   . SER A 1 73 ? -2.615  -0.911  13.883  1.00 31.47 ? 212 SER A N   1 
ATOM   610 C CA  . SER A 1 73 ? -2.124  -1.998  14.716  1.00 31.62 ? 212 SER A CA  1 
ATOM   611 C C   . SER A 1 73 ? -1.766  -3.190  13.856  1.00 33.78 ? 212 SER A C   1 
ATOM   612 O O   . SER A 1 73 ? -2.160  -3.273  12.673  1.00 29.60 ? 212 SER A O   1 
ATOM   613 C CB  . SER A 1 73 ? -3.198  -2.413  15.723  1.00 34.13 ? 212 SER A CB  1 
ATOM   614 O OG  . SER A 1 73 ? -4.277  -3.098  15.083  1.00 35.35 ? 212 SER A OG  1 
ATOM   615 N N   . ILE A 1 74 ? -1.041  -4.123  14.477  1.00 36.18 ? 213 ILE A N   1 
ATOM   616 C CA  . ILE A 1 74 ? -0.555  -5.333  13.831  1.00 35.60 ? 213 ILE A CA  1 
ATOM   617 C C   . ILE A 1 74 ? -0.859  -6.540  14.725  1.00 39.50 ? 213 ILE A C   1 
ATOM   618 O O   . ILE A 1 74 ? -0.630  -6.509  15.947  1.00 35.60 ? 213 ILE A O   1 
ATOM   619 C CB  . ILE A 1 74 ? 0.960   -5.267  13.542  1.00 37.37 ? 213 ILE A CB  1 
ATOM   620 C CG1 . ILE A 1 74 ? 1.273   -4.078  12.617  1.00 36.82 ? 213 ILE A CG1 1 
ATOM   621 C CG2 . ILE A 1 74 ? 1.453   -6.576  12.922  1.00 37.96 ? 213 ILE A CG2 1 
ATOM   622 C CD1 . ILE A 1 74 ? 2.745   -3.862  12.340  1.00 36.18 ? 213 ILE A CD1 1 
ATOM   623 N N   . ASP A 1 75 ? -1.405  -7.581  14.104  1.00 37.74 ? 214 ASP A N   1 
ATOM   624 C CA  . ASP A 1 75 ? -1.634  -8.854  14.759  1.00 38.08 ? 214 ASP A CA  1 
ATOM   625 C C   . ASP A 1 75 ? -0.568  -9.773  14.197  1.00 38.59 ? 214 ASP A C   1 
ATOM   626 O O   . ASP A 1 75 ? -0.703  -10.292 13.086  1.00 37.13 ? 214 ASP A O   1 
ATOM   627 C CB  . ASP A 1 75 ? -3.043  -9.363  14.466  1.00 40.10 ? 214 ASP A CB  1 
ATOM   628 C CG  . ASP A 1 75 ? -3.332  -10.746 15.084  1.00 41.08 ? 214 ASP A CG  1 
ATOM   629 O OD1 . ASP A 1 75 ? -2.384  -11.504 15.387  1.00 38.48 ? 214 ASP A OD1 1 
ATOM   630 O OD2 . ASP A 1 75 ? -4.529  -11.075 15.235  1.00 40.45 ? 214 ASP A OD2 1 
ATOM   631 N N   . SER A 1 76 ? 0.501   -9.953  14.972  1.00 37.50 ? 215 SER A N   1 
ATOM   632 C CA  . SER A 1 76 ? 1.648   -10.761 14.555  1.00 39.27 ? 215 SER A CA  1 
ATOM   633 C C   . SER A 1 76 ? 1.332   -12.266 14.424  1.00 37.43 ? 215 SER A C   1 
ATOM   634 O O   . SER A 1 76 ? 1.967   -12.955 13.632  1.00 39.14 ? 215 SER A O   1 
ATOM   635 C CB  . SER A 1 76 ? 2.813   -10.547 15.535  1.00 40.93 ? 215 SER A CB  1 
ATOM   636 O OG  . SER A 1 76 ? 2.334   -10.584 16.875  1.00 46.16 ? 215 SER A OG  1 
ATOM   637 N N   . LYS A 1 77 ? 0.361   -12.764 15.188  1.00 37.79 ? 216 LYS A N   1 
ATOM   638 C CA  . LYS A 1 77 ? -0.006  -14.194 15.153  1.00 39.88 ? 216 LYS A CA  1 
ATOM   639 C C   . LYS A 1 77 ? -0.780  -14.528 13.866  1.00 39.51 ? 216 LYS A C   1 
ATOM   640 O O   . LYS A 1 77 ? -0.461  -15.484 13.167  1.00 38.17 ? 216 LYS A O   1 
ATOM   641 C CB  . LYS A 1 77 ? -0.853  -14.571 16.382  1.00 41.71 ? 216 LYS A CB  1 
ATOM   642 C CG  . LYS A 1 77 ? -0.195  -14.278 17.729  1.00 46.09 ? 216 LYS A CG  1 
ATOM   643 N N   . GLU A 1 78 ? -1.793  -13.721 13.567  1.00 39.26 ? 217 GLU A N   1 
ATOM   644 C CA  . GLU A 1 78 ? -2.595  -13.871 12.329  1.00 40.02 ? 217 GLU A CA  1 
ATOM   645 C C   . GLU A 1 78 ? -1.926  -13.267 11.077  1.00 36.69 ? 217 GLU A C   1 
ATOM   646 O O   . GLU A 1 78 ? -2.314  -13.574 9.926   1.00 32.44 ? 217 GLU A O   1 
ATOM   647 C CB  . GLU A 1 78 ? -3.950  -13.210 12.533  1.00 45.91 ? 217 GLU A CB  1 
ATOM   648 C CG  . GLU A 1 78 ? -5.118  -14.087 12.170  1.00 53.23 ? 217 GLU A CG  1 
ATOM   649 C CD  . GLU A 1 78 ? -5.381  -15.099 13.237  1.00 53.64 ? 217 GLU A CD  1 
ATOM   650 O OE1 . GLU A 1 78 ? -5.899  -14.706 14.307  1.00 53.70 ? 217 GLU A OE1 1 
ATOM   651 O OE2 . GLU A 1 78 ? -5.049  -16.274 13.001  1.00 63.43 ? 217 GLU A OE2 1 
ATOM   652 N N   . ARG A 1 79 ? -0.929  -12.411 11.312  1.00 34.06 ? 218 ARG A N   1 
ATOM   653 C CA  . ARG A 1 79 ? -0.218  -11.674 10.279  1.00 34.09 ? 218 ARG A CA  1 
ATOM   654 C C   . ARG A 1 79 ? -1.164  -10.770 9.467   1.00 30.73 ? 218 ARG A C   1 
ATOM   655 O O   . ARG A 1 79 ? -1.158  -10.773 8.223   1.00 28.28 ? 218 ARG A O   1 
ATOM   656 C CB  . ARG A 1 79 ? 0.584   -12.612 9.386   1.00 36.49 ? 218 ARG A CB  1 
ATOM   657 C CG  . ARG A 1 79 ? 1.558   -13.467 10.174  1.00 40.13 ? 218 ARG A CG  1 
ATOM   658 C CD  . ARG A 1 79 ? 2.600   -14.112 9.281   1.00 42.60 ? 218 ARG A CD  1 
ATOM   659 N NE  . ARG A 1 79 ? 2.045   -14.583 8.009   1.00 48.82 ? 218 ARG A NE  1 
ATOM   660 C CZ  . ARG A 1 79 ? 1.270   -15.656 7.844   1.00 52.39 ? 218 ARG A CZ  1 
ATOM   661 N NH1 . ARG A 1 79 ? 0.930   -16.429 8.874   1.00 55.84 ? 218 ARG A NH1 1 
ATOM   662 N NH2 . ARG A 1 79 ? 0.817   -15.952 6.624   1.00 56.95 ? 218 ARG A NH2 1 
ATOM   663 N N   . ILE A 1 80 ? -1.974  -10.024 10.214  1.00 28.36 ? 219 ILE A N   1 
ATOM   664 C CA  . ILE A 1 80 ? -2.923  -9.041  9.677   1.00 27.17 ? 219 ILE A CA  1 
ATOM   665 C C   . ILE A 1 80 ? -2.430  -7.655  10.097  1.00 25.85 ? 219 ILE A C   1 
ATOM   666 O O   . ILE A 1 80 ? -2.181  -7.415  11.291  1.00 25.80 ? 219 ILE A O   1 
ATOM   667 C CB  . ILE A 1 80 ? -4.354  -9.244  10.238  1.00 26.36 ? 219 ILE A CB  1 
ATOM   668 C CG1 . ILE A 1 80 ? -4.889  -10.640 9.919   1.00 25.72 ? 219 ILE A CG1 1 
ATOM   669 C CG2 . ILE A 1 80 ? -5.328  -8.213  9.667   1.00 26.91 ? 219 ILE A CG2 1 
ATOM   670 C CD1 . ILE A 1 80 ? -6.106  -11.027 10.738  1.00 25.33 ? 219 ILE A CD1 1 
ATOM   671 N N   . VAL A 1 81 ? -2.320  -6.752  9.120   1.00 26.31 ? 220 VAL A N   1 
ATOM   672 C CA  . VAL A 1 81 ? -1.993  -5.332  9.369   1.00 24.95 ? 220 VAL A CA  1 
ATOM   673 C C   . VAL A 1 81 ? -3.288  -4.527  9.302   1.00 22.70 ? 220 VAL A C   1 
ATOM   674 O O   . VAL A 1 81 ? -3.995  -4.613  8.303   1.00 21.90 ? 220 VAL A O   1 
ATOM   675 C CB  . VAL A 1 81 ? -0.997  -4.834  8.311   1.00 25.93 ? 220 VAL A CB  1 
ATOM   676 C CG1 . VAL A 1 81 ? -0.518  -3.401  8.601   1.00 26.83 ? 220 VAL A CG1 1 
ATOM   677 C CG2 . VAL A 1 81 ? 0.173   -5.801  8.188   1.00 27.35 ? 220 VAL A CG2 1 
ATOM   678 N N   . TYR A 1 82 ? -3.608  -3.772  10.346  1.00 21.53 ? 221 TYR A N   1 
ATOM   679 C CA  . TYR A 1 82 ? -4.789  -2.918  10.368  1.00 23.87 ? 221 TYR A CA  1 
ATOM   680 C C   . TYR A 1 82 ? -4.400  -1.469  10.105  1.00 25.01 ? 221 TYR A C   1 
ATOM   681 O O   . TYR A 1 82 ? -3.415  -0.981  10.655  1.00 27.25 ? 221 TYR A O   1 
ATOM   682 C CB  . TYR A 1 82 ? -5.503  -3.006  11.711  1.00 26.29 ? 221 TYR A CB  1 
ATOM   683 C CG  . TYR A 1 82 ? -6.079  -4.374  11.982  1.00 30.23 ? 221 TYR A CG  1 
ATOM   684 C CD1 . TYR A 1 82 ? -7.358  -4.717  11.528  1.00 31.79 ? 221 TYR A CD1 1 
ATOM   685 C CD2 . TYR A 1 82 ? -5.334  -5.340  12.670  1.00 30.38 ? 221 TYR A CD2 1 
ATOM   686 C CE1 . TYR A 1 82 ? -7.889  -5.979  11.777  1.00 32.91 ? 221 TYR A CE1 1 
ATOM   687 C CE2 . TYR A 1 82 ? -5.859  -6.597  12.930  1.00 33.20 ? 221 TYR A CE2 1 
ATOM   688 C CZ  . TYR A 1 82 ? -7.130  -6.914  12.479  1.00 34.46 ? 221 TYR A CZ  1 
ATOM   689 O OH  . TYR A 1 82 ? -7.649  -8.154  12.730  1.00 36.31 ? 221 TYR A OH  1 
ATOM   690 N N   . PHE A 1 83 ? -5.193  -0.774  9.296   1.00 25.93 ? 222 PHE A N   1 
ATOM   691 C CA  . PHE A 1 83 ? -4.939  0.619   8.963   1.00 23.71 ? 222 PHE A CA  1 
ATOM   692 C C   . PHE A 1 83 ? -5.904  1.556   9.668   1.00 24.37 ? 222 PHE A C   1 
ATOM   693 O O   . PHE A 1 83 ? -6.943  1.133   10.193  1.00 22.68 ? 222 PHE A O   1 
ATOM   694 C CB  . PHE A 1 83 ? -4.960  0.802   7.446   1.00 23.10 ? 222 PHE A CB  1 
ATOM   695 C CG  . PHE A 1 83 ? -3.860  0.070   6.777   1.00 21.76 ? 222 PHE A CG  1 
ATOM   696 C CD1 . PHE A 1 83 ? -4.009  -1.275  6.458   1.00 21.79 ? 222 PHE A CD1 1 
ATOM   697 C CD2 . PHE A 1 83 ? -2.630  0.684   6.562   1.00 22.67 ? 222 PHE A CD2 1 
ATOM   698 C CE1 . PHE A 1 83 ? -2.961  -1.985  5.916   1.00 21.08 ? 222 PHE A CE1 1 
ATOM   699 C CE2 . PHE A 1 83 ? -1.581  -0.021  6.001   1.00 22.01 ? 222 PHE A CE2 1 
ATOM   700 C CZ  . PHE A 1 83 ? -1.748  -1.353  5.675   1.00 20.96 ? 222 PHE A CZ  1 
ATOM   701 N N   . LYS A 1 84 ? -5.577  2.848   9.627   1.00 24.50 ? 223 LYS A N   1 
ATOM   702 C CA  . LYS A 1 84 ? -6.358  3.858   10.339  1.00 26.08 ? 223 LYS A CA  1 
ATOM   703 C C   . LYS A 1 84 ? -7.779  4.019   9.827   1.00 24.93 ? 223 LYS A C   1 
ATOM   704 O O   . LYS A 1 84 ? -8.615  4.518   10.558  1.00 25.47 ? 223 LYS A O   1 
ATOM   705 C CB  . LYS A 1 84 ? -5.640  5.221   10.321  1.00 29.37 ? 223 LYS A CB  1 
ATOM   706 C CG  . LYS A 1 84 ? -4.324  5.246   11.093  1.00 33.10 ? 223 LYS A CG  1 
ATOM   707 C CD  . LYS A 1 84 ? -3.743  6.660   11.202  1.00 35.75 ? 223 LYS A CD  1 
ATOM   708 C CE  . LYS A 1 84 ? -2.339  6.674   11.811  1.00 38.04 ? 223 LYS A CE  1 
ATOM   709 N NZ  . LYS A 1 84 ? -2.138  5.741   12.958  1.00 38.61 ? 223 LYS A NZ  1 
ATOM   710 N N   . ASN A 1 85 ? -8.054  3.616   8.578   1.00 24.16 ? 224 ASN A N   1 
ATOM   711 C CA  . ASN A 1 85 ? -9.413  3.635   8.023   1.00 23.52 ? 224 ASN A CA  1 
ATOM   712 C C   . ASN A 1 85 ? -10.189 2.320   8.195   1.00 23.93 ? 224 ASN A C   1 
ATOM   713 O O   . ASN A 1 85 ? -11.209 2.135   7.543   1.00 22.72 ? 224 ASN A O   1 
ATOM   714 C CB  . ASN A 1 85 ? -9.401  4.018   6.526   1.00 22.52 ? 224 ASN A CB  1 
ATOM   715 C CG  . ASN A 1 85 ? -8.797  2.942   5.638   1.00 22.70 ? 224 ASN A CG  1 
ATOM   716 O OD1 . ASN A 1 85 ? -8.156  2.005   6.114   1.00 20.72 ? 224 ASN A OD1 1 
ATOM   717 N ND2 . ASN A 1 85 ? -8.985  3.090   4.331   1.00 21.06 ? 224 ASN A ND2 1 
ATOM   718 N N   . LYS A 1 86 ? -9.668  1.407   9.013   1.00 24.29 ? 225 LYS A N   1 
ATOM   719 C CA  . LYS A 1 86 ? -10.299 0.099   9.293   1.00 27.69 ? 225 LYS A CA  1 
ATOM   720 C C   . LYS A 1 86 ? -10.031 -0.971  8.218   1.00 26.04 ? 225 LYS A C   1 
ATOM   721 O O   . LYS A 1 86 ? -10.468 -2.137  8.391   1.00 25.15 ? 225 LYS A O   1 
ATOM   722 C CB  . LYS A 1 86 ? -11.824 0.177   9.526   1.00 30.99 ? 225 LYS A CB  1 
ATOM   723 C CG  . LYS A 1 86 ? -12.308 1.201   10.540  1.00 36.39 ? 225 LYS A CG  1 
ATOM   724 C CD  . LYS A 1 86 ? -12.410 0.621   11.924  1.00 42.32 ? 225 LYS A CD  1 
ATOM   725 C CE  . LYS A 1 86 ? -13.331 1.451   12.797  1.00 47.45 ? 225 LYS A CE  1 
ATOM   726 N NZ  . LYS A 1 86 ? -14.752 1.048   12.617  1.00 51.92 ? 225 LYS A NZ  1 
ATOM   727 N N   . GLU A 1 87 ? -9.332  -0.626  7.130   1.00 23.39 ? 226 GLU A N   1 
ATOM   728 C CA  . GLU A 1 87 ? -8.931  -1.651  6.169   1.00 23.10 ? 226 GLU A CA  1 
ATOM   729 C C   . GLU A 1 87 ? -7.851  -2.512  6.791   1.00 21.60 ? 226 GLU A C   1 
ATOM   730 O O   . GLU A 1 87 ? -7.260  -2.180  7.842   1.00 21.03 ? 226 GLU A O   1 
ATOM   731 C CB  . GLU A 1 87 ? -8.460  -1.075  4.840   1.00 23.34 ? 226 GLU A CB  1 
ATOM   732 C CG  . GLU A 1 87 ? -9.553  -0.421  4.020   1.00 24.80 ? 226 GLU A CG  1 
ATOM   733 C CD  . GLU A 1 87 ? -9.052  0.033   2.663   1.00 26.22 ? 226 GLU A CD  1 
ATOM   734 O OE1 . GLU A 1 87 ? -8.449  1.131   2.571   1.00 26.71 ? 226 GLU A OE1 1 
ATOM   735 O OE2 . GLU A 1 87 ? -9.272  -0.704  1.674   1.00 28.65 ? 226 GLU A OE2 1 
ATOM   736 N N   . HIS A 1 88 ? -7.612  -3.645  6.161   1.00 21.18 ? 227 HIS A N   1 
ATOM   737 C CA  . HIS A 1 88 ? -6.489  -4.494  6.550   1.00 22.20 ? 227 HIS A CA  1 
ATOM   738 C C   . HIS A 1 88 ? -5.783  -5.054  5.327   1.00 22.13 ? 227 HIS A C   1 
ATOM   739 O O   . HIS A 1 88 ? -6.310  -5.063  4.192   1.00 19.94 ? 227 HIS A O   1 
ATOM   740 C CB  . HIS A 1 88 ? -6.966  -5.645  7.470   1.00 23.36 ? 227 HIS A CB  1 
ATOM   741 C CG  . HIS A 1 88 ? -7.684  -6.716  6.716   1.00 23.49 ? 227 HIS A CG  1 
ATOM   742 N ND1 . HIS A 1 88 ? -8.973  -6.552  6.262   1.00 25.00 ? 227 HIS A ND1 1 
ATOM   743 C CD2 . HIS A 1 88 ? -7.257  -7.903  6.222   1.00 24.47 ? 227 HIS A CD2 1 
ATOM   744 C CE1 . HIS A 1 88 ? -9.327  -7.608  5.550   1.00 24.29 ? 227 HIS A CE1 1 
ATOM   745 N NE2 . HIS A 1 88 ? -8.303  -8.444  5.506   1.00 24.00 ? 227 HIS A NE2 1 
ATOM   746 N N   . CYS A 1 89 ? -4.561  -5.507  5.556   1.00 22.30 ? 228 CYS A N   1 
ATOM   747 C CA  . CYS A 1 89 ? -3.900  -6.399  4.613   1.00 22.21 ? 228 CYS A CA  1 
ATOM   748 C C   . CYS A 1 89 ? -3.135  -7.476  5.380   1.00 22.98 ? 228 CYS A C   1 
ATOM   749 O O   . CYS A 1 89 ? -3.291  -7.588  6.603   1.00 21.22 ? 228 CYS A O   1 
ATOM   750 C CB  . CYS A 1 89 ? -3.044  -5.646  3.610   1.00 22.13 ? 228 CYS A CB  1 
ATOM   751 S SG  . CYS A 1 89 ? -1.488  -4.964  4.176   1.00 25.45 ? 228 CYS A SG  1 
ATOM   752 N N   . TYR A 1 90 ? -2.363  -8.284  4.660   1.00 25.00 ? 229 TYR A N   1 
ATOM   753 C CA  . TYR A 1 90 ? -1.598  -9.384  5.257   1.00 27.75 ? 229 TYR A CA  1 
ATOM   754 C C   . TYR A 1 90 ? -0.112  -9.164  5.121   1.00 30.47 ? 229 TYR A C   1 
ATOM   755 O O   . TYR A 1 90 ? 0.343   -8.397  4.265   1.00 31.14 ? 229 TYR A O   1 
ATOM   756 C CB  . TYR A 1 90 ? -1.997  -10.707 4.601   1.00 26.76 ? 229 TYR A CB  1 
ATOM   757 C CG  . TYR A 1 90 ? -3.496  -10.876 4.610   1.00 26.14 ? 229 TYR A CG  1 
ATOM   758 C CD1 . TYR A 1 90 ? -4.202  -10.897 5.810   1.00 25.80 ? 229 TYR A CD1 1 
ATOM   759 C CD2 . TYR A 1 90 ? -4.216  -10.947 3.430   1.00 27.41 ? 229 TYR A CD2 1 
ATOM   760 C CE1 . TYR A 1 90 ? -5.585  -11.016 5.828   1.00 25.61 ? 229 TYR A CE1 1 
ATOM   761 C CE2 . TYR A 1 90 ? -5.595  -11.067 3.436   1.00 26.39 ? 229 TYR A CE2 1 
ATOM   762 C CZ  . TYR A 1 90 ? -6.273  -11.103 4.635   1.00 25.82 ? 229 TYR A CZ  1 
ATOM   763 O OH  . TYR A 1 90 ? -7.657  -11.220 4.638   1.00 27.03 ? 229 TYR A OH  1 
ATOM   764 N N   . ALA A 1 91 ? 0.640   -9.827  5.996   1.00 32.19 ? 230 ALA A N   1 
ATOM   765 C CA  . ALA A 1 91 ? 2.104   -9.821  5.938   1.00 32.61 ? 230 ALA A CA  1 
ATOM   766 C C   . ALA A 1 91 ? 2.614   -11.271 5.902   1.00 33.52 ? 230 ALA A C   1 
ATOM   767 O O   . ALA A 1 91 ? 1.957   -12.179 6.424   1.00 33.20 ? 230 ALA A O   1 
ATOM   768 C CB  . ALA A 1 91 ? 2.687   -9.076  7.136   1.00 30.51 ? 230 ALA A CB  1 
ATOM   769 N N   . SER A 1 92 ? 3.769   -11.475 5.272   1.00 35.49 ? 231 SER A N   1 
ATOM   770 C CA  . SER A 1 92 ? 4.477   -12.755 5.345   1.00 37.59 ? 231 SER A CA  1 
ATOM   771 C C   . SER A 1 92 ? 5.043   -12.955 6.763   1.00 39.62 ? 231 SER A C   1 
ATOM   772 O O   . SER A 1 92 ? 5.091   -12.021 7.583   1.00 39.46 ? 231 SER A O   1 
ATOM   773 C CB  . SER A 1 92 ? 5.606   -12.788 4.323   1.00 36.47 ? 231 SER A CB  1 
ATOM   774 O OG  . SER A 1 92 ? 6.612   -11.855 4.697   1.00 40.62 ? 231 SER A OG  1 
ATOM   775 N N   . VAL A 1 93 ? 5.479   -14.183 7.039   1.00 46.22 ? 232 VAL A N   1 
ATOM   776 C CA  . VAL A 1 93 ? 6.075   -14.529 8.345   1.00 45.12 ? 232 VAL A CA  1 
ATOM   777 C C   . VAL A 1 93 ? 7.381   -13.757 8.545   1.00 43.57 ? 232 VAL A C   1 
ATOM   778 O O   . VAL A 1 93 ? 7.590   -13.169 9.604   1.00 48.49 ? 232 VAL A O   1 
ATOM   779 C CB  . VAL A 1 93 ? 6.340   -16.046 8.480   1.00 46.93 ? 232 VAL A CB  1 
ATOM   780 C CG1 . VAL A 1 93 ? 6.908   -16.354 9.865   1.00 47.98 ? 232 VAL A CG1 1 
ATOM   781 C CG2 . VAL A 1 93 ? 5.065   -16.847 8.231   1.00 46.79 ? 232 VAL A CG2 1 
ATOM   782 N N   . ARG A 1 94 ? 8.223   -13.742 7.507   1.00 46.93 ? 233 ARG A N   1 
ATOM   783 C CA  . ARG A 1 94 ? 9.506   -13.019 7.507   1.00 51.75 ? 233 ARG A CA  1 
ATOM   784 C C   . ARG A 1 94 ? 9.393   -11.513 7.781   1.00 54.44 ? 233 ARG A C   1 
ATOM   785 O O   . ARG A 1 94 ? 10.288  -10.942 8.412   1.00 57.46 ? 233 ARG A O   1 
ATOM   786 C CB  . ARG A 1 94 ? 10.235  -13.226 6.171   1.00 52.19 ? 233 ARG A CB  1 
ATOM   787 N N   . ASN A 1 95 ? 8.305   -10.882 7.329   1.00 51.07 ? 234 ASN A N   1 
ATOM   788 C CA  . ASN A 1 95 ? 8.185   -9.408  7.345   1.00 46.96 ? 234 ASN A CA  1 
ATOM   789 C C   . ASN A 1 95 ? 7.334   -8.806  8.438   1.00 44.46 ? 234 ASN A C   1 
ATOM   790 O O   . ASN A 1 95 ? 7.485   -7.622  8.753   1.00 42.42 ? 234 ASN A O   1 
ATOM   791 C CB  . ASN A 1 95 ? 7.671   -8.926  5.991   1.00 47.41 ? 234 ASN A CB  1 
ATOM   792 C CG  . ASN A 1 95 ? 8.651   -9.190  4.880   1.00 44.99 ? 234 ASN A CG  1 
ATOM   793 O OD1 . ASN A 1 95 ? 9.842   -8.992  5.048   1.00 48.82 ? 234 ASN A OD1 1 
ATOM   794 N ND2 . ASN A 1 95 ? 8.158   -9.626  3.739   1.00 50.33 ? 234 ASN A ND2 1 
ATOM   795 N N   . VAL A 1 96 ? 6.455   -9.606  9.027   1.00 44.20 ? 235 VAL A N   1 
ATOM   796 C CA  . VAL A 1 96 ? 5.487   -9.097  9.989   1.00 45.62 ? 235 VAL A CA  1 
ATOM   797 C C   . VAL A 1 96 ? 6.150   -8.375  11.181  1.00 45.20 ? 235 VAL A C   1 
ATOM   798 O O   . VAL A 1 96 ? 5.667   -7.319  11.623  1.00 43.54 ? 235 VAL A O   1 
ATOM   799 C CB  . VAL A 1 96 ? 4.493   -10.212 10.429  1.00 47.06 ? 235 VAL A CB  1 
ATOM   800 C CG1 . VAL A 1 96 ? 5.163   -11.236 11.340  1.00 48.24 ? 235 VAL A CG1 1 
ATOM   801 C CG2 . VAL A 1 96 ? 3.258   -9.608  11.086  1.00 46.78 ? 235 VAL A CG2 1 
ATOM   802 N N   . LYS A 1 97 ? 7.276   -8.898  11.659  1.00 43.70 ? 236 LYS A N   1 
ATOM   803 C CA  . LYS A 1 97 ? 8.012   -8.241  12.742  1.00 42.67 ? 236 LYS A CA  1 
ATOM   804 C C   . LYS A 1 97 ? 8.992   -7.175  12.215  1.00 41.73 ? 236 LYS A C   1 
ATOM   805 O O   . LYS A 1 97 ? 9.534   -6.404  13.011  1.00 39.41 ? 236 LYS A O   1 
ATOM   806 C CB  . LYS A 1 97 ? 8.728   -9.284  13.610  1.00 46.07 ? 236 LYS A CB  1 
ATOM   807 C CG  . LYS A 1 97 ? 8.849   -8.872  15.068  1.00 47.95 ? 236 LYS A CG  1 
ATOM   808 N N   . LYS A 1 98 ? 9.212   -7.132  10.891  1.00 38.90 ? 237 LYS A N   1 
ATOM   809 C CA  . LYS A 1 98 ? 10.015  -6.087  10.241  1.00 40.94 ? 237 LYS A CA  1 
ATOM   810 C C   . LYS A 1 98 ? 9.231   -4.818  9.875   1.00 41.43 ? 237 LYS A C   1 
ATOM   811 O O   . LYS A 1 98 ? 9.842   -3.818  9.520   1.00 41.59 ? 237 LYS A O   1 
ATOM   812 C CB  . LYS A 1 98 ? 10.724  -6.627  8.990   1.00 41.72 ? 237 LYS A CB  1 
ATOM   813 C CG  . LYS A 1 98 ? 11.709  -7.761  9.266   1.00 43.89 ? 237 LYS A CG  1 
ATOM   814 C CD  . LYS A 1 98 ? 12.266  -8.333  7.969   1.00 46.26 ? 237 LYS A CD  1 
ATOM   815 C CE  . LYS A 1 98 ? 13.211  -9.508  8.211   1.00 48.30 ? 237 LYS A CE  1 
ATOM   816 N N   . ILE A 1 99 ? 7.905   -4.840  9.962   1.00 41.20 ? 238 ILE A N   1 
ATOM   817 C CA  . ILE A 1 99 ? 7.099   -3.626  9.728   1.00 41.71 ? 238 ILE A CA  1 
ATOM   818 C C   . ILE A 1 99 ? 7.444   -2.519  10.752  1.00 45.28 ? 238 ILE A C   1 
ATOM   819 O O   . ILE A 1 99 ? 7.619   -1.340  10.393  1.00 41.89 ? 238 ILE A O   1 
ATOM   820 C CB  . ILE A 1 99 ? 5.583   -3.929  9.800   1.00 40.93 ? 238 ILE A CB  1 
ATOM   821 C CG1 . ILE A 1 99 ? 5.165   -4.873  8.678   1.00 37.68 ? 238 ILE A CG1 1 
ATOM   822 C CG2 . ILE A 1 99 ? 4.742   -2.644  9.709   1.00 42.10 ? 238 ILE A CG2 1 
ATOM   823 C CD1 . ILE A 1 99 ? 3.916   -5.644  9.027   1.00 38.35 ? 238 ILE A CD1 1 
ATOM   824 O OXT . ILE A 1 99 ? 7.566   -2.773  11.961  1.00 45.45 ? 238 ILE A OXT 1 
HETATM 825 C C1  . EDO B 2 .  ? -7.172  -5.879  0.990   1.00 51.32 ? 301 EDO A C1  1 
HETATM 826 O O1  . EDO B 2 .  ? -7.829  -5.855  2.267   1.00 55.18 ? 301 EDO A O1  1 
HETATM 827 C C2  . EDO B 2 .  ? -6.881  -7.312  0.607   1.00 51.77 ? 301 EDO A C2  1 
HETATM 828 O O2  . EDO B 2 .  ? -7.078  -8.162  1.743   1.00 51.48 ? 301 EDO A O2  1 
HETATM 829 C C1  . EDO C 2 .  ? -14.974 8.524   -2.436  1.00 53.83 ? 302 EDO A C1  1 
HETATM 830 O O1  . EDO C 2 .  ? -13.754 9.254   -2.408  1.00 53.73 ? 302 EDO A O1  1 
HETATM 831 C C2  . EDO C 2 .  ? -16.111 9.487   -2.667  1.00 52.33 ? 302 EDO A C2  1 
HETATM 832 O O2  . EDO C 2 .  ? -16.152 10.258  -1.471  1.00 57.09 ? 302 EDO A O2  1 
HETATM 833 C C1  . EDO D 2 .  ? -14.841 -0.302  6.184   1.00 51.61 ? 303 EDO A C1  1 
HETATM 834 O O1  . EDO D 2 .  ? -14.993 1.004   6.738   1.00 53.72 ? 303 EDO A O1  1 
HETATM 835 C C2  . EDO D 2 .  ? -13.366 -0.657  6.189   1.00 51.06 ? 303 EDO A C2  1 
HETATM 836 O O2  . EDO D 2 .  ? -13.055 -1.249  4.929   1.00 52.85 ? 303 EDO A O2  1 
HETATM 837 C C1  . EDO E 2 .  ? -12.975 2.069   1.069   1.00 54.22 ? 304 EDO A C1  1 
HETATM 838 O O1  . EDO E 2 .  ? -11.912 1.699   0.183   1.00 56.80 ? 304 EDO A O1  1 
HETATM 839 C C2  . EDO E 2 .  ? -12.405 2.386   2.447   1.00 52.84 ? 304 EDO A C2  1 
HETATM 840 O O2  . EDO E 2 .  ? -12.686 1.289   3.317   1.00 54.19 ? 304 EDO A O2  1 
HETATM 841 C C1  . EDO F 2 .  ? -4.497  -11.598 -14.066 1.00 50.41 ? 305 EDO A C1  1 
HETATM 842 O O1  . EDO F 2 .  ? -3.800  -12.458 -13.147 1.00 48.70 ? 305 EDO A O1  1 
HETATM 843 C C2  . EDO F 2 .  ? -4.342  -10.140 -13.643 1.00 50.53 ? 305 EDO A C2  1 
HETATM 844 O O2  . EDO F 2 .  ? -2.959  -9.770  -13.621 1.00 50.77 ? 305 EDO A O2  1 
HETATM 845 O O   . HOH G 3 .  ? 0.554   -8.984  17.670  1.00 48.90 ? 401 HOH A O   1 
HETATM 846 O O   . HOH G 3 .  ? 13.088  2.862   -7.520  1.00 42.07 ? 402 HOH A O   1 
HETATM 847 O O   . HOH G 3 .  ? -10.047 -8.347  13.732  1.00 48.51 ? 403 HOH A O   1 
HETATM 848 O O   . HOH G 3 .  ? -7.770  0.073   12.426  1.00 31.67 ? 404 HOH A O   1 
HETATM 849 O O   . HOH G 3 .  ? -6.302  -1.508  14.647  1.00 41.02 ? 405 HOH A O   1 
HETATM 850 O O   . HOH G 3 .  ? -0.285  14.025  -15.450 1.00 44.21 ? 406 HOH A O   1 
HETATM 851 O O   . HOH G 3 .  ? -11.505 5.264   -7.654  1.00 30.72 ? 407 HOH A O   1 
HETATM 852 O O   . HOH G 3 .  ? -6.617  -9.492  14.788  1.00 34.56 ? 408 HOH A O   1 
HETATM 853 O O   . HOH G 3 .  ? -4.489  -5.564  16.077  1.00 42.04 ? 409 HOH A O   1 
HETATM 854 O O   . HOH G 3 .  ? -2.548  -9.590  -16.269 1.00 44.28 ? 410 HOH A O   1 
HETATM 855 O O   . HOH G 3 .  ? -9.030  -11.016 2.327   1.00 37.46 ? 411 HOH A O   1 
HETATM 856 O O   . HOH G 3 .  ? -6.441  1.897   -17.343 1.00 32.38 ? 412 HOH A O   1 
HETATM 857 O O   . HOH G 3 .  ? -10.673 -4.750  7.340   1.00 22.65 ? 413 HOH A O   1 
HETATM 858 O O   . HOH G 3 .  ? -10.712 -3.104  10.910  1.00 23.62 ? 414 HOH A O   1 
HETATM 859 O O   . HOH G 3 .  ? 2.407   11.614  -16.770 1.00 53.17 ? 415 HOH A O   1 
HETATM 860 O O   . HOH G 3 .  ? -10.614 -3.120  1.831   1.00 39.71 ? 416 HOH A O   1 
HETATM 861 O O   . HOH G 3 .  ? -2.101  15.979  -3.706  1.00 43.16 ? 417 HOH A O   1 
HETATM 862 O O   . HOH G 3 .  ? -4.983  14.552  -3.945  1.00 34.38 ? 418 HOH A O   1 
HETATM 863 O O   . HOH G 3 .  ? 8.303   1.078   11.724  1.00 38.90 ? 419 HOH A O   1 
HETATM 864 O O   . HOH G 3 .  ? -4.734  8.281   8.289   1.00 50.10 ? 420 HOH A O   1 
HETATM 865 O O   . HOH G 3 .  ? -9.731  2.843   -10.212 1.00 29.27 ? 421 HOH A O   1 
HETATM 866 O O   . HOH G 3 .  ? -1.575  0.094   18.068  1.00 42.30 ? 422 HOH A O   1 
HETATM 867 O O   . HOH G 3 .  ? -0.607  9.252   8.906   1.00 48.31 ? 423 HOH A O   1 
HETATM 868 O O   . HOH G 3 .  ? -12.122 -4.124  -1.353  1.00 44.03 ? 424 HOH A O   1 
HETATM 869 O O   . HOH G 3 .  ? -5.137  9.585   5.353   1.00 44.05 ? 425 HOH A O   1 
HETATM 870 O O   . HOH G 3 .  ? 4.165   -13.047 0.636   1.00 40.99 ? 426 HOH A O   1 
HETATM 871 O O   . HOH G 3 .  ? -10.647 8.793   -0.245  1.00 33.90 ? 427 HOH A O   1 
HETATM 872 O O   . HOH G 3 .  ? -6.072  11.397  3.703   1.00 47.43 ? 428 HOH A O   1 
HETATM 873 O O   . HOH G 3 .  ? 0.081   5.157   -17.674 1.00 45.88 ? 429 HOH A O   1 
HETATM 874 O O   . HOH G 3 .  ? -10.024 -4.351  4.206   1.00 29.70 ? 430 HOH A O   1 
HETATM 875 O O   . HOH G 3 .  ? -11.224 1.193   -7.941  1.00 45.54 ? 431 HOH A O   1 
HETATM 876 O O   . HOH G 3 .  ? -0.487  -7.719  -13.090 1.00 41.85 ? 432 HOH A O   1 
HETATM 877 O O   . HOH G 3 .  ? -1.681  -17.755 5.070   1.00 46.57 ? 433 HOH A O   1 
HETATM 878 O O   . HOH G 3 .  ? -7.546  2.892   -14.725 1.00 48.59 ? 434 HOH A O   1 
HETATM 879 O O   . HOH G 3 .  ? -15.314 4.689   -6.828  1.00 55.94 ? 435 HOH A O   1 
HETATM 880 O O   . HOH G 3 .  ? -0.650  18.977  0.401   1.00 47.02 ? 436 HOH A O   1 
HETATM 881 O O   . HOH G 3 .  ? -7.289  -0.255  17.180  1.00 60.14 ? 437 HOH A O   1 
HETATM 882 O O   . HOH G 3 .  ? -9.294  2.110   0.202   1.00 24.61 ? 438 HOH A O   1 
HETATM 883 O O   . HOH G 3 .  ? 4.148   -5.116  -8.666  1.00 38.02 ? 439 HOH A O   1 
HETATM 884 O O   . HOH G 3 .  ? 5.691   2.152   -9.907  1.00 32.65 ? 440 HOH A O   1 
HETATM 885 O O   . HOH G 3 .  ? 11.125  4.319   -6.345  1.00 39.77 ? 441 HOH A O   1 
HETATM 886 O O   . HOH G 3 .  ? 1.959   12.876  2.865   1.00 28.34 ? 442 HOH A O   1 
HETATM 887 O O   . HOH G 3 .  ? 1.962   5.350   -11.332 1.00 31.93 ? 443 HOH A O   1 
HETATM 888 O O   . HOH G 3 .  ? -6.855  9.022   1.878   1.00 37.63 ? 444 HOH A O   1 
HETATM 889 O O   . HOH G 3 .  ? -13.328 2.543   -4.233  1.00 31.32 ? 445 HOH A O   1 
HETATM 890 O O   . HOH G 3 .  ? -2.212  -6.188  -9.993  1.00 32.43 ? 446 HOH A O   1 
HETATM 891 O O   . HOH G 3 .  ? 5.147   10.654  -8.775  1.00 43.24 ? 447 HOH A O   1 
HETATM 892 O O   . HOH G 3 .  ? 0.513   -2.068  -13.209 1.00 38.26 ? 448 HOH A O   1 
HETATM 893 O O   . HOH G 3 .  ? 12.852  7.733   3.219   1.00 45.65 ? 449 HOH A O   1 
HETATM 894 O O   . HOH G 3 .  ? 9.758   8.847   5.723   1.00 37.89 ? 450 HOH A O   1 
HETATM 895 O O   . HOH G 3 .  ? 10.234  -2.703  1.494   1.00 33.18 ? 451 HOH A O   1 
HETATM 896 O O   . HOH G 3 .  ? 6.874   10.389  -5.183  1.00 38.77 ? 452 HOH A O   1 
HETATM 897 O O   . HOH G 3 .  ? -4.342  -9.033  -3.686  1.00 38.20 ? 453 HOH A O   1 
HETATM 898 O O   . HOH G 3 .  ? -1.137  -10.351 -7.619  1.00 42.51 ? 454 HOH A O   1 
HETATM 899 O O   . HOH G 3 .  ? 7.366   -5.366  -7.861  1.00 33.73 ? 455 HOH A O   1 
HETATM 900 O O   . HOH G 3 .  ? 12.815  2.914   1.454   1.00 42.93 ? 456 HOH A O   1 
HETATM 901 O O   . HOH G 3 .  ? 6.547   -17.670 2.545   1.00 63.17 ? 457 HOH A O   1 
HETATM 902 O O   . HOH G 3 .  ? 3.137   -7.352  -8.146  1.00 43.10 ? 458 HOH A O   1 
HETATM 903 O O   . HOH G 3 .  ? -2.433  -8.172  -11.586 1.00 34.35 ? 459 HOH A O   1 
HETATM 904 O O   . HOH G 3 .  ? 3.724   3.381   -14.265 1.00 45.54 ? 460 HOH A O   1 
HETATM 905 O O   . HOH G 3 .  ? 11.211  1.187   3.928   1.00 41.88 ? 461 HOH A O   1 
HETATM 906 O O   . HOH G 3 .  ? 6.909   8.999   -7.373  1.00 43.17 ? 462 HOH A O   1 
HETATM 907 O O   . HOH G 3 .  ? 10.602  1.846   1.658   1.00 22.39 ? 463 HOH A O   1 
HETATM 908 O O   . HOH G 3 .  ? -9.316  2.280   13.560  1.00 49.22 ? 464 HOH A O   1 
HETATM 909 O O   . HOH G 3 .  ? 2.291   -1.406  -15.443 1.00 59.31 ? 465 HOH A O   1 
HETATM 910 O O   . HOH G 3 .  ? -10.236 -1.405  -7.345  1.00 48.39 ? 466 HOH A O   1 
HETATM 911 O O   . HOH G 3 .  ? 2.449   3.995   -16.846 1.00 45.18 ? 467 HOH A O   1 
HETATM 912 O O   . HOH G 3 .  ? 7.364   -10.140 0.709   1.00 52.78 ? 468 HOH A O   1 
HETATM 913 O O   . HOH G 3 .  ? -12.266 4.800   10.244  1.00 48.53 ? 469 HOH A O   1 
HETATM 914 O O   . HOH G 3 .  ? 0.960   -12.823 -3.339  1.00 47.50 ? 470 HOH A O   1 
HETATM 915 O O   . HOH G 3 .  ? -1.017  9.039   -16.929 1.00 49.97 ? 471 HOH A O   1 
HETATM 916 O O   . HOH G 3 .  ? -9.065  -4.284  -3.250  1.00 45.55 ? 472 HOH A O   1 
HETATM 917 O O   . HOH G 3 .  ? 9.470   -4.288  -2.592  1.00 46.43 ? 473 HOH A O   1 
HETATM 918 O O   . HOH G 3 .  ? 11.534  -0.472  1.718   1.00 51.52 ? 474 HOH A O   1 
HETATM 919 O O   . HOH G 3 .  ? 0.005   -6.042  -10.644 1.00 43.40 ? 475 HOH A O   1 
HETATM 920 O O   . HOH G 3 .  ? -8.987  7.871   10.960  1.00 59.23 ? 476 HOH A O   1 
HETATM 921 O O   . HOH G 3 .  ? -7.752  -7.898  -5.395  1.00 46.97 ? 477 HOH A O   1 
# 
loop_
_pdbx_poly_seq_scheme.asym_id 
_pdbx_poly_seq_scheme.entity_id 
_pdbx_poly_seq_scheme.seq_id 
_pdbx_poly_seq_scheme.mon_id 
_pdbx_poly_seq_scheme.ndb_seq_num 
_pdbx_poly_seq_scheme.pdb_seq_num 
_pdbx_poly_seq_scheme.auth_seq_num 
_pdbx_poly_seq_scheme.pdb_mon_id 
_pdbx_poly_seq_scheme.auth_mon_id 
_pdbx_poly_seq_scheme.pdb_strand_id 
_pdbx_poly_seq_scheme.pdb_ins_code 
_pdbx_poly_seq_scheme.hetero 
A 1 1  VAL 1  140 140 VAL VAL A . n 
A 1 2  GLU 2  141 141 GLU GLU A . n 
A 1 3  THR 3  142 142 THR THR A . n 
A 1 4  ILE 4  143 143 ILE ILE A . n 
A 1 5  GLU 5  144 144 GLU GLU A . n 
A 1 6  LEU 6  145 145 LEU LEU A . n 
A 1 7  LYS 7  146 146 LYS LYS A . n 
A 1 8  ARG 8  147 147 ARG ARG A . n 
A 1 9  GLY 9  148 148 GLY GLY A . n 
A 1 10 SER 10 149 149 SER SER A . n 
A 1 11 ASN 11 150 150 ASN ASN A . n 
A 1 12 SER 12 151 151 SER SER A . n 
A 1 13 VAL 13 152 152 VAL VAL A . n 
A 1 14 TYR 14 153 153 TYR TYR A . n 
A 1 15 VAL 15 154 154 VAL VAL A . n 
A 1 16 GLN 16 155 155 GLN GLN A . n 
A 1 17 TYR 17 156 156 TYR TYR A . n 
A 1 18 ASP 18 157 157 ASP ASP A . n 
A 1 19 ASP 19 158 158 ASP ASP A . n 
A 1 20 ILE 20 159 159 ILE ILE A . n 
A 1 21 MET 21 160 160 MET MET A . n 
A 1 22 PHE 22 161 161 PHE PHE A . n 
A 1 23 PHE 23 162 162 PHE PHE A . n 
A 1 24 GLU 24 163 163 GLU GLU A . n 
A 1 25 SER 25 164 164 SER SER A . n 
A 1 26 SER 26 165 165 SER SER A . n 
A 1 27 THR 27 166 166 THR THR A . n 
A 1 28 LYS 28 167 167 LYS LYS A . n 
A 1 29 SER 29 168 168 SER SER A . n 
A 1 30 HIS 30 169 169 HIS HIS A . n 
A 1 31 ARG 31 170 170 ARG ARG A . n 
A 1 32 LEU 32 171 171 LEU LEU A . n 
A 1 33 ILE 33 172 172 ILE ILE A . n 
A 1 34 ALA 34 173 173 ALA ALA A . n 
A 1 35 HIS 35 174 174 HIS HIS A . n 
A 1 36 LEU 36 175 175 LEU LEU A . n 
A 1 37 ASP 37 176 176 ASP ASP A . n 
A 1 38 ASN 38 177 177 ASN ASN A . n 
A 1 39 ARG 39 178 178 ARG ARG A . n 
A 1 40 GLN 40 179 179 GLN GLN A . n 
A 1 41 ILE 41 180 180 ILE ILE A . n 
A 1 42 GLU 42 181 181 GLU GLU A . n 
A 1 43 PHE 43 182 182 PHE PHE A . n 
A 1 44 TYR 44 183 183 TYR TYR A . n 
A 1 45 GLY 45 184 184 GLY GLY A . n 
A 1 46 ASN 46 185 185 ASN ASN A . n 
A 1 47 LEU 47 186 186 LEU LEU A . n 
A 1 48 LYS 48 187 187 LYS LYS A . n 
A 1 49 GLU 49 188 188 GLU GLU A . n 
A 1 50 LEU 50 189 189 LEU LEU A . n 
A 1 51 SER 51 190 190 SER SER A . n 
A 1 52 GLN 52 191 191 GLN GLN A . n 
A 1 53 LEU 53 192 192 LEU LEU A . n 
A 1 54 ASP 54 193 193 ASP ASP A . n 
A 1 55 ASP 55 194 194 ASP ASP A . n 
A 1 56 ARG 56 195 195 ARG ARG A . n 
A 1 57 PHE 57 196 196 PHE PHE A . n 
A 1 58 PHE 58 197 197 PHE PHE A . n 
A 1 59 ARG 59 198 198 ARG ARG A . n 
A 1 60 CYS 60 199 199 CYS CYS A . n 
A 1 61 HIS 61 200 200 HIS HIS A . n 
A 1 62 ASN 62 201 201 ASN ASN A . n 
A 1 63 SER 63 202 202 SER SER A . n 
A 1 64 PHE 64 203 203 PHE PHE A . n 
A 1 65 VAL 65 204 204 VAL VAL A . n 
A 1 66 VAL 66 205 205 VAL VAL A . n 
A 1 67 ASN 67 206 206 ASN ASN A . n 
A 1 68 ARG 68 207 207 ARG ARG A . n 
A 1 69 HIS 69 208 208 HIS HIS A . n 
A 1 70 ASN 70 209 209 ASN ASN A . n 
A 1 71 ILE 71 210 210 ILE ILE A . n 
A 1 72 GLU 72 211 211 GLU GLU A . n 
A 1 73 SER 73 212 212 SER SER A . n 
A 1 74 ILE 74 213 213 ILE ILE A . n 
A 1 75 ASP 75 214 214 ASP ASP A . n 
A 1 76 SER 76 215 215 SER SER A . n 
A 1 77 LYS 77 216 216 LYS LYS A . n 
A 1 78 GLU 78 217 217 GLU GLU A . n 
A 1 79 ARG 79 218 218 ARG ARG A . n 
A 1 80 ILE 80 219 219 ILE ILE A . n 
A 1 81 VAL 81 220 220 VAL VAL A . n 
A 1 82 TYR 82 221 221 TYR TYR A . n 
A 1 83 PHE 83 222 222 PHE PHE A . n 
A 1 84 LYS 84 223 223 LYS LYS A . n 
A 1 85 ASN 85 224 224 ASN ASN A . n 
A 1 86 LYS 86 225 225 LYS LYS A . n 
A 1 87 GLU 87 226 226 GLU GLU A . n 
A 1 88 HIS 88 227 227 HIS HIS A . n 
A 1 89 CYS 89 228 228 CYS CYS A . n 
A 1 90 TYR 90 229 229 TYR TYR A . n 
A 1 91 ALA 91 230 230 ALA ALA A . n 
A 1 92 SER 92 231 231 SER SER A . n 
A 1 93 VAL 93 232 232 VAL VAL A . n 
A 1 94 ARG 94 233 233 ARG ARG A . n 
A 1 95 ASN 95 234 234 ASN ASN A . n 
A 1 96 VAL 96 235 235 VAL VAL A . n 
A 1 97 LYS 97 236 236 LYS LYS A . n 
A 1 98 LYS 98 237 237 LYS LYS A . n 
A 1 99 ILE 99 238 238 ILE ILE A . n 
# 
loop_
_pdbx_nonpoly_scheme.asym_id 
_pdbx_nonpoly_scheme.entity_id 
_pdbx_nonpoly_scheme.mon_id 
_pdbx_nonpoly_scheme.ndb_seq_num 
_pdbx_nonpoly_scheme.pdb_seq_num 
_pdbx_nonpoly_scheme.auth_seq_num 
_pdbx_nonpoly_scheme.pdb_mon_id 
_pdbx_nonpoly_scheme.auth_mon_id 
_pdbx_nonpoly_scheme.pdb_strand_id 
_pdbx_nonpoly_scheme.pdb_ins_code 
B 2 EDO 1  301 1  EDO EDO A . 
C 2 EDO 1  302 2  EDO EDO A . 
D 2 EDO 1  303 3  EDO EDO A . 
E 2 EDO 1  304 4  EDO EDO A . 
F 2 EDO 1  305 5  EDO EDO A . 
G 3 HOH 1  401 49 HOH HOH A . 
G 3 HOH 2  402 69 HOH HOH A . 
G 3 HOH 3  403 10 HOH HOH A . 
G 3 HOH 4  404 18 HOH HOH A . 
G 3 HOH 5  405 27 HOH HOH A . 
G 3 HOH 6  406 29 HOH HOH A . 
G 3 HOH 7  407 24 HOH HOH A . 
G 3 HOH 8  408 20 HOH HOH A . 
G 3 HOH 9  409 63 HOH HOH A . 
G 3 HOH 10 410 47 HOH HOH A . 
G 3 HOH 11 411 38 HOH HOH A . 
G 3 HOH 12 412 23 HOH HOH A . 
G 3 HOH 13 413 3  HOH HOH A . 
G 3 HOH 14 414 12 HOH HOH A . 
G 3 HOH 15 415 52 HOH HOH A . 
G 3 HOH 16 416 56 HOH HOH A . 
G 3 HOH 17 417 25 HOH HOH A . 
G 3 HOH 18 418 19 HOH HOH A . 
G 3 HOH 19 419 61 HOH HOH A . 
G 3 HOH 20 420 50 HOH HOH A . 
G 3 HOH 21 421 21 HOH HOH A . 
G 3 HOH 22 422 57 HOH HOH A . 
G 3 HOH 23 423 43 HOH HOH A . 
G 3 HOH 24 424 59 HOH HOH A . 
G 3 HOH 25 425 41 HOH HOH A . 
G 3 HOH 26 426 33 HOH HOH A . 
G 3 HOH 27 427 13 HOH HOH A . 
G 3 HOH 28 428 74 HOH HOH A . 
G 3 HOH 29 429 65 HOH HOH A . 
G 3 HOH 30 430 5  HOH HOH A . 
G 3 HOH 31 431 62 HOH HOH A . 
G 3 HOH 32 432 60 HOH HOH A . 
G 3 HOH 33 433 39 HOH HOH A . 
G 3 HOH 34 434 36 HOH HOH A . 
G 3 HOH 35 435 31 HOH HOH A . 
G 3 HOH 36 436 67 HOH HOH A . 
G 3 HOH 37 437 76 HOH HOH A . 
G 3 HOH 38 438 1  HOH HOH A . 
G 3 HOH 39 439 2  HOH HOH A . 
G 3 HOH 40 440 4  HOH HOH A . 
G 3 HOH 41 441 6  HOH HOH A . 
G 3 HOH 42 442 7  HOH HOH A . 
G 3 HOH 43 443 8  HOH HOH A . 
G 3 HOH 44 444 9  HOH HOH A . 
G 3 HOH 45 445 11 HOH HOH A . 
G 3 HOH 46 446 14 HOH HOH A . 
G 3 HOH 47 447 15 HOH HOH A . 
G 3 HOH 48 448 16 HOH HOH A . 
G 3 HOH 49 449 17 HOH HOH A . 
G 3 HOH 50 450 22 HOH HOH A . 
G 3 HOH 51 451 26 HOH HOH A . 
G 3 HOH 52 452 28 HOH HOH A . 
G 3 HOH 53 453 30 HOH HOH A . 
G 3 HOH 54 454 32 HOH HOH A . 
G 3 HOH 55 455 34 HOH HOH A . 
G 3 HOH 56 456 35 HOH HOH A . 
G 3 HOH 57 457 37 HOH HOH A . 
G 3 HOH 58 458 40 HOH HOH A . 
G 3 HOH 59 459 42 HOH HOH A . 
G 3 HOH 60 460 44 HOH HOH A . 
G 3 HOH 61 461 45 HOH HOH A . 
G 3 HOH 62 462 46 HOH HOH A . 
G 3 HOH 63 463 48 HOH HOH A . 
G 3 HOH 64 464 51 HOH HOH A . 
G 3 HOH 65 465 53 HOH HOH A . 
G 3 HOH 66 466 54 HOH HOH A . 
G 3 HOH 67 467 55 HOH HOH A . 
G 3 HOH 68 468 58 HOH HOH A . 
G 3 HOH 69 469 64 HOH HOH A . 
G 3 HOH 70 470 66 HOH HOH A . 
G 3 HOH 71 471 68 HOH HOH A . 
G 3 HOH 72 472 70 HOH HOH A . 
G 3 HOH 73 473 71 HOH HOH A . 
G 3 HOH 74 474 72 HOH HOH A . 
G 3 HOH 75 475 73 HOH HOH A . 
G 3 HOH 76 476 75 HOH HOH A . 
G 3 HOH 77 477 77 HOH HOH A . 
# 
_pdbx_struct_assembly.id                   1 
_pdbx_struct_assembly.details              author_defined_assembly 
_pdbx_struct_assembly.method_details       ? 
_pdbx_struct_assembly.oligomeric_details   monomeric 
_pdbx_struct_assembly.oligomeric_count     1 
# 
_pdbx_struct_assembly_gen.assembly_id       1 
_pdbx_struct_assembly_gen.oper_expression   1 
_pdbx_struct_assembly_gen.asym_id_list      A,B,C,D,E,F,G 
# 
_pdbx_struct_oper_list.id                   1 
_pdbx_struct_oper_list.type                 'identity operation' 
_pdbx_struct_oper_list.name                 1_555 
_pdbx_struct_oper_list.symmetry_operation   x,y,z 
_pdbx_struct_oper_list.matrix[1][1]         1.0000000000 
_pdbx_struct_oper_list.matrix[1][2]         0.0000000000 
_pdbx_struct_oper_list.matrix[1][3]         0.0000000000 
_pdbx_struct_oper_list.vector[1]            0.0000000000 
_pdbx_struct_oper_list.matrix[2][1]         0.0000000000 
_pdbx_struct_oper_list.matrix[2][2]         1.0000000000 
_pdbx_struct_oper_list.matrix[2][3]         0.0000000000 
_pdbx_struct_oper_list.vector[2]            0.0000000000 
_pdbx_struct_oper_list.matrix[3][1]         0.0000000000 
_pdbx_struct_oper_list.matrix[3][2]         0.0000000000 
_pdbx_struct_oper_list.matrix[3][3]         1.0000000000 
_pdbx_struct_oper_list.vector[3]            0.0000000000 
# 
loop_
_pdbx_audit_revision_history.ordinal 
_pdbx_audit_revision_history.data_content_type 
_pdbx_audit_revision_history.major_revision 
_pdbx_audit_revision_history.minor_revision 
_pdbx_audit_revision_history.revision_date 
1 'Structure model' 1 0 2016-04-06 
2 'Structure model' 1 1 2019-12-18 
3 'Structure model' 1 2 2023-11-08 
# 
_pdbx_audit_revision_details.ordinal             1 
_pdbx_audit_revision_details.revision_ordinal    1 
_pdbx_audit_revision_details.data_content_type   'Structure model' 
_pdbx_audit_revision_details.provider            repository 
_pdbx_audit_revision_details.type                'Initial release' 
_pdbx_audit_revision_details.description         ? 
_pdbx_audit_revision_details.details             ? 
# 
loop_
_pdbx_audit_revision_group.ordinal 
_pdbx_audit_revision_group.revision_ordinal 
_pdbx_audit_revision_group.data_content_type 
_pdbx_audit_revision_group.group 
1 2 'Structure model' 'Database references'    
2 2 'Structure model' 'Derived calculations'   
3 3 'Structure model' 'Data collection'        
4 3 'Structure model' 'Database references'    
5 3 'Structure model' 'Refinement description' 
# 
loop_
_pdbx_audit_revision_category.ordinal 
_pdbx_audit_revision_category.revision_ordinal 
_pdbx_audit_revision_category.data_content_type 
_pdbx_audit_revision_category.category 
1 2 'Structure model' citation                      
2 2 'Structure model' citation_author               
3 2 'Structure model' pdbx_struct_oper_list         
4 3 'Structure model' chem_comp_atom                
5 3 'Structure model' chem_comp_bond                
6 3 'Structure model' database_2                    
7 3 'Structure model' pdbx_initial_refinement_model 
# 
loop_
_pdbx_audit_revision_item.ordinal 
_pdbx_audit_revision_item.revision_ordinal 
_pdbx_audit_revision_item.data_content_type 
_pdbx_audit_revision_item.item 
1 2 'Structure model' '_citation.journal_volume'                  
2 2 'Structure model' '_citation.page_first'                      
3 2 'Structure model' '_citation.page_last'                       
4 2 'Structure model' '_citation.pdbx_database_id_PubMed'         
5 2 'Structure model' '_citation.title'                           
6 2 'Structure model' '_pdbx_struct_oper_list.symmetry_operation' 
7 3 'Structure model' '_database_2.pdbx_DOI'                      
8 3 'Structure model' '_database_2.pdbx_database_accession'       
# 
loop_
_software.citation_id 
_software.classification 
_software.compiler_name 
_software.compiler_version 
_software.contact_author 
_software.contact_author_email 
_software.date 
_software.description 
_software.dependencies 
_software.hardware 
_software.language 
_software.location 
_software.mods 
_software.name 
_software.os 
_software.os_version 
_software.type 
_software.version 
_software.pdbx_ordinal 
? refinement       ? ? ? ? ? ? ? ? ? ? ? REFMAC ? ? ? 5.8.0103 1 
? 'data reduction' ? ? ? ? ? ? ? ? ? ? ? SCALA  ? ? ? .        2 
? 'data scaling'   ? ? ? ? ? ? ? ? ? ? ? SCALA  ? ? ? .        3 
? phasing          ? ? ? ? ? ? ? ? ? ? ? PHASER ? ? ? .        4 
# 
_pdbx_validate_torsion.id              1 
_pdbx_validate_torsion.PDB_model_num   1 
_pdbx_validate_torsion.auth_comp_id    LYS 
_pdbx_validate_torsion.auth_asym_id    A 
_pdbx_validate_torsion.auth_seq_id     225 
_pdbx_validate_torsion.PDB_ins_code    ? 
_pdbx_validate_torsion.label_alt_id    ? 
_pdbx_validate_torsion.phi             81.62 
_pdbx_validate_torsion.psi             -3.12 
# 
loop_
_pdbx_unobs_or_zero_occ_atoms.id 
_pdbx_unobs_or_zero_occ_atoms.PDB_model_num 
_pdbx_unobs_or_zero_occ_atoms.polymer_flag 
_pdbx_unobs_or_zero_occ_atoms.occupancy_flag 
_pdbx_unobs_or_zero_occ_atoms.auth_asym_id 
_pdbx_unobs_or_zero_occ_atoms.auth_comp_id 
_pdbx_unobs_or_zero_occ_atoms.auth_seq_id 
_pdbx_unobs_or_zero_occ_atoms.PDB_ins_code 
_pdbx_unobs_or_zero_occ_atoms.auth_atom_id 
_pdbx_unobs_or_zero_occ_atoms.label_alt_id 
_pdbx_unobs_or_zero_occ_atoms.label_asym_id 
_pdbx_unobs_or_zero_occ_atoms.label_comp_id 
_pdbx_unobs_or_zero_occ_atoms.label_seq_id 
_pdbx_unobs_or_zero_occ_atoms.label_atom_id 
1  1 Y 1 A LYS 187 ? CE  ? A LYS 48 CE  
2  1 Y 1 A LYS 187 ? NZ  ? A LYS 48 NZ  
3  1 Y 1 A LYS 216 ? CD  ? A LYS 77 CD  
4  1 Y 1 A LYS 216 ? CE  ? A LYS 77 CE  
5  1 Y 1 A LYS 216 ? NZ  ? A LYS 77 NZ  
6  1 Y 1 A ARG 233 ? CG  ? A ARG 94 CG  
7  1 Y 1 A ARG 233 ? CD  ? A ARG 94 CD  
8  1 Y 1 A ARG 233 ? NE  ? A ARG 94 NE  
9  1 Y 1 A ARG 233 ? CZ  ? A ARG 94 CZ  
10 1 Y 1 A ARG 233 ? NH1 ? A ARG 94 NH1 
11 1 Y 1 A ARG 233 ? NH2 ? A ARG 94 NH2 
12 1 Y 1 A LYS 236 ? CD  ? A LYS 97 CD  
13 1 Y 1 A LYS 236 ? CE  ? A LYS 97 CE  
14 1 Y 1 A LYS 236 ? NZ  ? A LYS 97 NZ  
15 1 Y 1 A LYS 237 ? NZ  ? A LYS 98 NZ  
# 
loop_
_chem_comp_atom.comp_id 
_chem_comp_atom.atom_id 
_chem_comp_atom.type_symbol 
_chem_comp_atom.pdbx_aromatic_flag 
_chem_comp_atom.pdbx_stereo_config 
_chem_comp_atom.pdbx_ordinal 
ALA N    N N N 1   
ALA CA   C N S 2   
ALA C    C N N 3   
ALA O    O N N 4   
ALA CB   C N N 5   
ALA OXT  O N N 6   
ALA H    H N N 7   
ALA H2   H N N 8   
ALA HA   H N N 9   
ALA HB1  H N N 10  
ALA HB2  H N N 11  
ALA HB3  H N N 12  
ALA HXT  H N N 13  
ARG N    N N N 14  
ARG CA   C N S 15  
ARG C    C N N 16  
ARG O    O N N 17  
ARG CB   C N N 18  
ARG CG   C N N 19  
ARG CD   C N N 20  
ARG NE   N N N 21  
ARG CZ   C N N 22  
ARG NH1  N N N 23  
ARG NH2  N N N 24  
ARG OXT  O N N 25  
ARG H    H N N 26  
ARG H2   H N N 27  
ARG HA   H N N 28  
ARG HB2  H N N 29  
ARG HB3  H N N 30  
ARG HG2  H N N 31  
ARG HG3  H N N 32  
ARG HD2  H N N 33  
ARG HD3  H N N 34  
ARG HE   H N N 35  
ARG HH11 H N N 36  
ARG HH12 H N N 37  
ARG HH21 H N N 38  
ARG HH22 H N N 39  
ARG HXT  H N N 40  
ASN N    N N N 41  
ASN CA   C N S 42  
ASN C    C N N 43  
ASN O    O N N 44  
ASN CB   C N N 45  
ASN CG   C N N 46  
ASN OD1  O N N 47  
ASN ND2  N N N 48  
ASN OXT  O N N 49  
ASN H    H N N 50  
ASN H2   H N N 51  
ASN HA   H N N 52  
ASN HB2  H N N 53  
ASN HB3  H N N 54  
ASN HD21 H N N 55  
ASN HD22 H N N 56  
ASN HXT  H N N 57  
ASP N    N N N 58  
ASP CA   C N S 59  
ASP C    C N N 60  
ASP O    O N N 61  
ASP CB   C N N 62  
ASP CG   C N N 63  
ASP OD1  O N N 64  
ASP OD2  O N N 65  
ASP OXT  O N N 66  
ASP H    H N N 67  
ASP H2   H N N 68  
ASP HA   H N N 69  
ASP HB2  H N N 70  
ASP HB3  H N N 71  
ASP HD2  H N N 72  
ASP HXT  H N N 73  
CYS N    N N N 74  
CYS CA   C N R 75  
CYS C    C N N 76  
CYS O    O N N 77  
CYS CB   C N N 78  
CYS SG   S N N 79  
CYS OXT  O N N 80  
CYS H    H N N 81  
CYS H2   H N N 82  
CYS HA   H N N 83  
CYS HB2  H N N 84  
CYS HB3  H N N 85  
CYS HG   H N N 86  
CYS HXT  H N N 87  
EDO C1   C N N 88  
EDO O1   O N N 89  
EDO C2   C N N 90  
EDO O2   O N N 91  
EDO H11  H N N 92  
EDO H12  H N N 93  
EDO HO1  H N N 94  
EDO H21  H N N 95  
EDO H22  H N N 96  
EDO HO2  H N N 97  
GLN N    N N N 98  
GLN CA   C N S 99  
GLN C    C N N 100 
GLN O    O N N 101 
GLN CB   C N N 102 
GLN CG   C N N 103 
GLN CD   C N N 104 
GLN OE1  O N N 105 
GLN NE2  N N N 106 
GLN OXT  O N N 107 
GLN H    H N N 108 
GLN H2   H N N 109 
GLN HA   H N N 110 
GLN HB2  H N N 111 
GLN HB3  H N N 112 
GLN HG2  H N N 113 
GLN HG3  H N N 114 
GLN HE21 H N N 115 
GLN HE22 H N N 116 
GLN HXT  H N N 117 
GLU N    N N N 118 
GLU CA   C N S 119 
GLU C    C N N 120 
GLU O    O N N 121 
GLU CB   C N N 122 
GLU CG   C N N 123 
GLU CD   C N N 124 
GLU OE1  O N N 125 
GLU OE2  O N N 126 
GLU OXT  O N N 127 
GLU H    H N N 128 
GLU H2   H N N 129 
GLU HA   H N N 130 
GLU HB2  H N N 131 
GLU HB3  H N N 132 
GLU HG2  H N N 133 
GLU HG3  H N N 134 
GLU HE2  H N N 135 
GLU HXT  H N N 136 
GLY N    N N N 137 
GLY CA   C N N 138 
GLY C    C N N 139 
GLY O    O N N 140 
GLY OXT  O N N 141 
GLY H    H N N 142 
GLY H2   H N N 143 
GLY HA2  H N N 144 
GLY HA3  H N N 145 
GLY HXT  H N N 146 
HIS N    N N N 147 
HIS CA   C N S 148 
HIS C    C N N 149 
HIS O    O N N 150 
HIS CB   C N N 151 
HIS CG   C Y N 152 
HIS ND1  N Y N 153 
HIS CD2  C Y N 154 
HIS CE1  C Y N 155 
HIS NE2  N Y N 156 
HIS OXT  O N N 157 
HIS H    H N N 158 
HIS H2   H N N 159 
HIS HA   H N N 160 
HIS HB2  H N N 161 
HIS HB3  H N N 162 
HIS HD1  H N N 163 
HIS HD2  H N N 164 
HIS HE1  H N N 165 
HIS HE2  H N N 166 
HIS HXT  H N N 167 
HOH O    O N N 168 
HOH H1   H N N 169 
HOH H2   H N N 170 
ILE N    N N N 171 
ILE CA   C N S 172 
ILE C    C N N 173 
ILE O    O N N 174 
ILE CB   C N S 175 
ILE CG1  C N N 176 
ILE CG2  C N N 177 
ILE CD1  C N N 178 
ILE OXT  O N N 179 
ILE H    H N N 180 
ILE H2   H N N 181 
ILE HA   H N N 182 
ILE HB   H N N 183 
ILE HG12 H N N 184 
ILE HG13 H N N 185 
ILE HG21 H N N 186 
ILE HG22 H N N 187 
ILE HG23 H N N 188 
ILE HD11 H N N 189 
ILE HD12 H N N 190 
ILE HD13 H N N 191 
ILE HXT  H N N 192 
LEU N    N N N 193 
LEU CA   C N S 194 
LEU C    C N N 195 
LEU O    O N N 196 
LEU CB   C N N 197 
LEU CG   C N N 198 
LEU CD1  C N N 199 
LEU CD2  C N N 200 
LEU OXT  O N N 201 
LEU H    H N N 202 
LEU H2   H N N 203 
LEU HA   H N N 204 
LEU HB2  H N N 205 
LEU HB3  H N N 206 
LEU HG   H N N 207 
LEU HD11 H N N 208 
LEU HD12 H N N 209 
LEU HD13 H N N 210 
LEU HD21 H N N 211 
LEU HD22 H N N 212 
LEU HD23 H N N 213 
LEU HXT  H N N 214 
LYS N    N N N 215 
LYS CA   C N S 216 
LYS C    C N N 217 
LYS O    O N N 218 
LYS CB   C N N 219 
LYS CG   C N N 220 
LYS CD   C N N 221 
LYS CE   C N N 222 
LYS NZ   N N N 223 
LYS OXT  O N N 224 
LYS H    H N N 225 
LYS H2   H N N 226 
LYS HA   H N N 227 
LYS HB2  H N N 228 
LYS HB3  H N N 229 
LYS HG2  H N N 230 
LYS HG3  H N N 231 
LYS HD2  H N N 232 
LYS HD3  H N N 233 
LYS HE2  H N N 234 
LYS HE3  H N N 235 
LYS HZ1  H N N 236 
LYS HZ2  H N N 237 
LYS HZ3  H N N 238 
LYS HXT  H N N 239 
MET N    N N N 240 
MET CA   C N S 241 
MET C    C N N 242 
MET O    O N N 243 
MET CB   C N N 244 
MET CG   C N N 245 
MET SD   S N N 246 
MET CE   C N N 247 
MET OXT  O N N 248 
MET H    H N N 249 
MET H2   H N N 250 
MET HA   H N N 251 
MET HB2  H N N 252 
MET HB3  H N N 253 
MET HG2  H N N 254 
MET HG3  H N N 255 
MET HE1  H N N 256 
MET HE2  H N N 257 
MET HE3  H N N 258 
MET HXT  H N N 259 
PHE N    N N N 260 
PHE CA   C N S 261 
PHE C    C N N 262 
PHE O    O N N 263 
PHE CB   C N N 264 
PHE CG   C Y N 265 
PHE CD1  C Y N 266 
PHE CD2  C Y N 267 
PHE CE1  C Y N 268 
PHE CE2  C Y N 269 
PHE CZ   C Y N 270 
PHE OXT  O N N 271 
PHE H    H N N 272 
PHE H2   H N N 273 
PHE HA   H N N 274 
PHE HB2  H N N 275 
PHE HB3  H N N 276 
PHE HD1  H N N 277 
PHE HD2  H N N 278 
PHE HE1  H N N 279 
PHE HE2  H N N 280 
PHE HZ   H N N 281 
PHE HXT  H N N 282 
SER N    N N N 283 
SER CA   C N S 284 
SER C    C N N 285 
SER O    O N N 286 
SER CB   C N N 287 
SER OG   O N N 288 
SER OXT  O N N 289 
SER H    H N N 290 
SER H2   H N N 291 
SER HA   H N N 292 
SER HB2  H N N 293 
SER HB3  H N N 294 
SER HG   H N N 295 
SER HXT  H N N 296 
THR N    N N N 297 
THR CA   C N S 298 
THR C    C N N 299 
THR O    O N N 300 
THR CB   C N R 301 
THR OG1  O N N 302 
THR CG2  C N N 303 
THR OXT  O N N 304 
THR H    H N N 305 
THR H2   H N N 306 
THR HA   H N N 307 
THR HB   H N N 308 
THR HG1  H N N 309 
THR HG21 H N N 310 
THR HG22 H N N 311 
THR HG23 H N N 312 
THR HXT  H N N 313 
TYR N    N N N 314 
TYR CA   C N S 315 
TYR C    C N N 316 
TYR O    O N N 317 
TYR CB   C N N 318 
TYR CG   C Y N 319 
TYR CD1  C Y N 320 
TYR CD2  C Y N 321 
TYR CE1  C Y N 322 
TYR CE2  C Y N 323 
TYR CZ   C Y N 324 
TYR OH   O N N 325 
TYR OXT  O N N 326 
TYR H    H N N 327 
TYR H2   H N N 328 
TYR HA   H N N 329 
TYR HB2  H N N 330 
TYR HB3  H N N 331 
TYR HD1  H N N 332 
TYR HD2  H N N 333 
TYR HE1  H N N 334 
TYR HE2  H N N 335 
TYR HH   H N N 336 
TYR HXT  H N N 337 
VAL N    N N N 338 
VAL CA   C N S 339 
VAL C    C N N 340 
VAL O    O N N 341 
VAL CB   C N N 342 
VAL CG1  C N N 343 
VAL CG2  C N N 344 
VAL OXT  O N N 345 
VAL H    H N N 346 
VAL H2   H N N 347 
VAL HA   H N N 348 
VAL HB   H N N 349 
VAL HG11 H N N 350 
VAL HG12 H N N 351 
VAL HG13 H N N 352 
VAL HG21 H N N 353 
VAL HG22 H N N 354 
VAL HG23 H N N 355 
VAL HXT  H N N 356 
# 
loop_
_chem_comp_bond.comp_id 
_chem_comp_bond.atom_id_1 
_chem_comp_bond.atom_id_2 
_chem_comp_bond.value_order 
_chem_comp_bond.pdbx_aromatic_flag 
_chem_comp_bond.pdbx_stereo_config 
_chem_comp_bond.pdbx_ordinal 
ALA N   CA   sing N N 1   
ALA N   H    sing N N 2   
ALA N   H2   sing N N 3   
ALA CA  C    sing N N 4   
ALA CA  CB   sing N N 5   
ALA CA  HA   sing N N 6   
ALA C   O    doub N N 7   
ALA C   OXT  sing N N 8   
ALA CB  HB1  sing N N 9   
ALA CB  HB2  sing N N 10  
ALA CB  HB3  sing N N 11  
ALA OXT HXT  sing N N 12  
ARG N   CA   sing N N 13  
ARG N   H    sing N N 14  
ARG N   H2   sing N N 15  
ARG CA  C    sing N N 16  
ARG CA  CB   sing N N 17  
ARG CA  HA   sing N N 18  
ARG C   O    doub N N 19  
ARG C   OXT  sing N N 20  
ARG CB  CG   sing N N 21  
ARG CB  HB2  sing N N 22  
ARG CB  HB3  sing N N 23  
ARG CG  CD   sing N N 24  
ARG CG  HG2  sing N N 25  
ARG CG  HG3  sing N N 26  
ARG CD  NE   sing N N 27  
ARG CD  HD2  sing N N 28  
ARG CD  HD3  sing N N 29  
ARG NE  CZ   sing N N 30  
ARG NE  HE   sing N N 31  
ARG CZ  NH1  sing N N 32  
ARG CZ  NH2  doub N N 33  
ARG NH1 HH11 sing N N 34  
ARG NH1 HH12 sing N N 35  
ARG NH2 HH21 sing N N 36  
ARG NH2 HH22 sing N N 37  
ARG OXT HXT  sing N N 38  
ASN N   CA   sing N N 39  
ASN N   H    sing N N 40  
ASN N   H2   sing N N 41  
ASN CA  C    sing N N 42  
ASN CA  CB   sing N N 43  
ASN CA  HA   sing N N 44  
ASN C   O    doub N N 45  
ASN C   OXT  sing N N 46  
ASN CB  CG   sing N N 47  
ASN CB  HB2  sing N N 48  
ASN CB  HB3  sing N N 49  
ASN CG  OD1  doub N N 50  
ASN CG  ND2  sing N N 51  
ASN ND2 HD21 sing N N 52  
ASN ND2 HD22 sing N N 53  
ASN OXT HXT  sing N N 54  
ASP N   CA   sing N N 55  
ASP N   H    sing N N 56  
ASP N   H2   sing N N 57  
ASP CA  C    sing N N 58  
ASP CA  CB   sing N N 59  
ASP CA  HA   sing N N 60  
ASP C   O    doub N N 61  
ASP C   OXT  sing N N 62  
ASP CB  CG   sing N N 63  
ASP CB  HB2  sing N N 64  
ASP CB  HB3  sing N N 65  
ASP CG  OD1  doub N N 66  
ASP CG  OD2  sing N N 67  
ASP OD2 HD2  sing N N 68  
ASP OXT HXT  sing N N 69  
CYS N   CA   sing N N 70  
CYS N   H    sing N N 71  
CYS N   H2   sing N N 72  
CYS CA  C    sing N N 73  
CYS CA  CB   sing N N 74  
CYS CA  HA   sing N N 75  
CYS C   O    doub N N 76  
CYS C   OXT  sing N N 77  
CYS CB  SG   sing N N 78  
CYS CB  HB2  sing N N 79  
CYS CB  HB3  sing N N 80  
CYS SG  HG   sing N N 81  
CYS OXT HXT  sing N N 82  
EDO C1  O1   sing N N 83  
EDO C1  C2   sing N N 84  
EDO C1  H11  sing N N 85  
EDO C1  H12  sing N N 86  
EDO O1  HO1  sing N N 87  
EDO C2  O2   sing N N 88  
EDO C2  H21  sing N N 89  
EDO C2  H22  sing N N 90  
EDO O2  HO2  sing N N 91  
GLN N   CA   sing N N 92  
GLN N   H    sing N N 93  
GLN N   H2   sing N N 94  
GLN CA  C    sing N N 95  
GLN CA  CB   sing N N 96  
GLN CA  HA   sing N N 97  
GLN C   O    doub N N 98  
GLN C   OXT  sing N N 99  
GLN CB  CG   sing N N 100 
GLN CB  HB2  sing N N 101 
GLN CB  HB3  sing N N 102 
GLN CG  CD   sing N N 103 
GLN CG  HG2  sing N N 104 
GLN CG  HG3  sing N N 105 
GLN CD  OE1  doub N N 106 
GLN CD  NE2  sing N N 107 
GLN NE2 HE21 sing N N 108 
GLN NE2 HE22 sing N N 109 
GLN OXT HXT  sing N N 110 
GLU N   CA   sing N N 111 
GLU N   H    sing N N 112 
GLU N   H2   sing N N 113 
GLU CA  C    sing N N 114 
GLU CA  CB   sing N N 115 
GLU CA  HA   sing N N 116 
GLU C   O    doub N N 117 
GLU C   OXT  sing N N 118 
GLU CB  CG   sing N N 119 
GLU CB  HB2  sing N N 120 
GLU CB  HB3  sing N N 121 
GLU CG  CD   sing N N 122 
GLU CG  HG2  sing N N 123 
GLU CG  HG3  sing N N 124 
GLU CD  OE1  doub N N 125 
GLU CD  OE2  sing N N 126 
GLU OE2 HE2  sing N N 127 
GLU OXT HXT  sing N N 128 
GLY N   CA   sing N N 129 
GLY N   H    sing N N 130 
GLY N   H2   sing N N 131 
GLY CA  C    sing N N 132 
GLY CA  HA2  sing N N 133 
GLY CA  HA3  sing N N 134 
GLY C   O    doub N N 135 
GLY C   OXT  sing N N 136 
GLY OXT HXT  sing N N 137 
HIS N   CA   sing N N 138 
HIS N   H    sing N N 139 
HIS N   H2   sing N N 140 
HIS CA  C    sing N N 141 
HIS CA  CB   sing N N 142 
HIS CA  HA   sing N N 143 
HIS C   O    doub N N 144 
HIS C   OXT  sing N N 145 
HIS CB  CG   sing N N 146 
HIS CB  HB2  sing N N 147 
HIS CB  HB3  sing N N 148 
HIS CG  ND1  sing Y N 149 
HIS CG  CD2  doub Y N 150 
HIS ND1 CE1  doub Y N 151 
HIS ND1 HD1  sing N N 152 
HIS CD2 NE2  sing Y N 153 
HIS CD2 HD2  sing N N 154 
HIS CE1 NE2  sing Y N 155 
HIS CE1 HE1  sing N N 156 
HIS NE2 HE2  sing N N 157 
HIS OXT HXT  sing N N 158 
HOH O   H1   sing N N 159 
HOH O   H2   sing N N 160 
ILE N   CA   sing N N 161 
ILE N   H    sing N N 162 
ILE N   H2   sing N N 163 
ILE CA  C    sing N N 164 
ILE CA  CB   sing N N 165 
ILE CA  HA   sing N N 166 
ILE C   O    doub N N 167 
ILE C   OXT  sing N N 168 
ILE CB  CG1  sing N N 169 
ILE CB  CG2  sing N N 170 
ILE CB  HB   sing N N 171 
ILE CG1 CD1  sing N N 172 
ILE CG1 HG12 sing N N 173 
ILE CG1 HG13 sing N N 174 
ILE CG2 HG21 sing N N 175 
ILE CG2 HG22 sing N N 176 
ILE CG2 HG23 sing N N 177 
ILE CD1 HD11 sing N N 178 
ILE CD1 HD12 sing N N 179 
ILE CD1 HD13 sing N N 180 
ILE OXT HXT  sing N N 181 
LEU N   CA   sing N N 182 
LEU N   H    sing N N 183 
LEU N   H2   sing N N 184 
LEU CA  C    sing N N 185 
LEU CA  CB   sing N N 186 
LEU CA  HA   sing N N 187 
LEU C   O    doub N N 188 
LEU C   OXT  sing N N 189 
LEU CB  CG   sing N N 190 
LEU CB  HB2  sing N N 191 
LEU CB  HB3  sing N N 192 
LEU CG  CD1  sing N N 193 
LEU CG  CD2  sing N N 194 
LEU CG  HG   sing N N 195 
LEU CD1 HD11 sing N N 196 
LEU CD1 HD12 sing N N 197 
LEU CD1 HD13 sing N N 198 
LEU CD2 HD21 sing N N 199 
LEU CD2 HD22 sing N N 200 
LEU CD2 HD23 sing N N 201 
LEU OXT HXT  sing N N 202 
LYS N   CA   sing N N 203 
LYS N   H    sing N N 204 
LYS N   H2   sing N N 205 
LYS CA  C    sing N N 206 
LYS CA  CB   sing N N 207 
LYS CA  HA   sing N N 208 
LYS C   O    doub N N 209 
LYS C   OXT  sing N N 210 
LYS CB  CG   sing N N 211 
LYS CB  HB2  sing N N 212 
LYS CB  HB3  sing N N 213 
LYS CG  CD   sing N N 214 
LYS CG  HG2  sing N N 215 
LYS CG  HG3  sing N N 216 
LYS CD  CE   sing N N 217 
LYS CD  HD2  sing N N 218 
LYS CD  HD3  sing N N 219 
LYS CE  NZ   sing N N 220 
LYS CE  HE2  sing N N 221 
LYS CE  HE3  sing N N 222 
LYS NZ  HZ1  sing N N 223 
LYS NZ  HZ2  sing N N 224 
LYS NZ  HZ3  sing N N 225 
LYS OXT HXT  sing N N 226 
MET N   CA   sing N N 227 
MET N   H    sing N N 228 
MET N   H2   sing N N 229 
MET CA  C    sing N N 230 
MET CA  CB   sing N N 231 
MET CA  HA   sing N N 232 
MET C   O    doub N N 233 
MET C   OXT  sing N N 234 
MET CB  CG   sing N N 235 
MET CB  HB2  sing N N 236 
MET CB  HB3  sing N N 237 
MET CG  SD   sing N N 238 
MET CG  HG2  sing N N 239 
MET CG  HG3  sing N N 240 
MET SD  CE   sing N N 241 
MET CE  HE1  sing N N 242 
MET CE  HE2  sing N N 243 
MET CE  HE3  sing N N 244 
MET OXT HXT  sing N N 245 
PHE N   CA   sing N N 246 
PHE N   H    sing N N 247 
PHE N   H2   sing N N 248 
PHE CA  C    sing N N 249 
PHE CA  CB   sing N N 250 
PHE CA  HA   sing N N 251 
PHE C   O    doub N N 252 
PHE C   OXT  sing N N 253 
PHE CB  CG   sing N N 254 
PHE CB  HB2  sing N N 255 
PHE CB  HB3  sing N N 256 
PHE CG  CD1  doub Y N 257 
PHE CG  CD2  sing Y N 258 
PHE CD1 CE1  sing Y N 259 
PHE CD1 HD1  sing N N 260 
PHE CD2 CE2  doub Y N 261 
PHE CD2 HD2  sing N N 262 
PHE CE1 CZ   doub Y N 263 
PHE CE1 HE1  sing N N 264 
PHE CE2 CZ   sing Y N 265 
PHE CE2 HE2  sing N N 266 
PHE CZ  HZ   sing N N 267 
PHE OXT HXT  sing N N 268 
SER N   CA   sing N N 269 
SER N   H    sing N N 270 
SER N   H2   sing N N 271 
SER CA  C    sing N N 272 
SER CA  CB   sing N N 273 
SER CA  HA   sing N N 274 
SER C   O    doub N N 275 
SER C   OXT  sing N N 276 
SER CB  OG   sing N N 277 
SER CB  HB2  sing N N 278 
SER CB  HB3  sing N N 279 
SER OG  HG   sing N N 280 
SER OXT HXT  sing N N 281 
THR N   CA   sing N N 282 
THR N   H    sing N N 283 
THR N   H2   sing N N 284 
THR CA  C    sing N N 285 
THR CA  CB   sing N N 286 
THR CA  HA   sing N N 287 
THR C   O    doub N N 288 
THR C   OXT  sing N N 289 
THR CB  OG1  sing N N 290 
THR CB  CG2  sing N N 291 
THR CB  HB   sing N N 292 
THR OG1 HG1  sing N N 293 
THR CG2 HG21 sing N N 294 
THR CG2 HG22 sing N N 295 
THR CG2 HG23 sing N N 296 
THR OXT HXT  sing N N 297 
TYR N   CA   sing N N 298 
TYR N   H    sing N N 299 
TYR N   H2   sing N N 300 
TYR CA  C    sing N N 301 
TYR CA  CB   sing N N 302 
TYR CA  HA   sing N N 303 
TYR C   O    doub N N 304 
TYR C   OXT  sing N N 305 
TYR CB  CG   sing N N 306 
TYR CB  HB2  sing N N 307 
TYR CB  HB3  sing N N 308 
TYR CG  CD1  doub Y N 309 
TYR CG  CD2  sing Y N 310 
TYR CD1 CE1  sing Y N 311 
TYR CD1 HD1  sing N N 312 
TYR CD2 CE2  doub Y N 313 
TYR CD2 HD2  sing N N 314 
TYR CE1 CZ   doub Y N 315 
TYR CE1 HE1  sing N N 316 
TYR CE2 CZ   sing Y N 317 
TYR CE2 HE2  sing N N 318 
TYR CZ  OH   sing N N 319 
TYR OH  HH   sing N N 320 
TYR OXT HXT  sing N N 321 
VAL N   CA   sing N N 322 
VAL N   H    sing N N 323 
VAL N   H2   sing N N 324 
VAL CA  C    sing N N 325 
VAL CA  CB   sing N N 326 
VAL CA  HA   sing N N 327 
VAL C   O    doub N N 328 
VAL C   OXT  sing N N 329 
VAL CB  CG1  sing N N 330 
VAL CB  CG2  sing N N 331 
VAL CB  HB   sing N N 332 
VAL CG1 HG11 sing N N 333 
VAL CG1 HG12 sing N N 334 
VAL CG1 HG13 sing N N 335 
VAL CG2 HG21 sing N N 336 
VAL CG2 HG22 sing N N 337 
VAL CG2 HG23 sing N N 338 
VAL OXT HXT  sing N N 339 
# 
loop_
_pdbx_entity_nonpoly.entity_id 
_pdbx_entity_nonpoly.name 
_pdbx_entity_nonpoly.comp_id 
2 1,2-ETHANEDIOL EDO 
3 water          HOH 
# 
_pdbx_initial_refinement_model.id               1 
_pdbx_initial_refinement_model.entity_id_list   ? 
_pdbx_initial_refinement_model.type             'experimental model' 
_pdbx_initial_refinement_model.source_name      PDB 
_pdbx_initial_refinement_model.accession_code   4G4K 
_pdbx_initial_refinement_model.details          ? 
# 
